data_6L20
#
_entry.id   6L20
#
_cell.length_a   46.7
_cell.length_b   89.137
_cell.length_c   95.994
_cell.angle_alpha   81.154
_cell.angle_beta   86.049
_cell.angle_gamma   90.063
#
_symmetry.space_group_name_H-M   'P 1'
#
loop_
_entity.id
_entity.type
_entity.pdbx_description
1 polymer "Casein kinase II subunit alpha'"
2 non-polymer (6aR)-3,4,6a,10-tetrakis(oxidanyl)-6,7-dihydroindeno[2,1-c]chromen-9-one
3 non-polymer 'CHLORIDE ION'
#
_entity_poly.entity_id   1
_entity_poly.type   'polypeptide(L)'
_entity_poly.pdbx_seq_one_letter_code
;GPLGSMPGPAAGSRARVYAEVNSLRSREYWDYEAHVPSWGNQDDYQLVRKLGRGKYSEVFEAINITNNERVVVKILKPVK
KKKIKREVKILENLRGGTNIIKLIDTVKDPVSKTPALVFEYINNTDFKQLYQILTDFDIRFYMYELLKALDYCHSKGIMH
RDVKPHNVMIDHQQKKLRLIDWGLAEFYHPAQEYNVRVASRYFKGPELLVDYQMYDYSLDMWSLGCMLASMIFRREPFFH
GQDNYDQLVRIAKVLGTEELYGYLKKYHIDLDPHFNDILGQHSRKRWENFIHSENRHLVSPEALDLLDKLLRYDHQQRLT
AKEAMEHPYFYPVVKEQS
;
_entity_poly.pdbx_strand_id   A,D,G,J
#
loop_
_chem_comp.id
_chem_comp.type
_chem_comp.name
_chem_comp.formula
CL non-polymer 'CHLORIDE ION' 'Cl -1'
E3U non-polymer (6aR)-3,4,6a,10-tetrakis(oxidanyl)-6,7-dihydroindeno[2,1-c]chromen-9-one 'C16 H12 O6'
#
# COMPACT_ATOMS: atom_id res chain seq x y z
N SER A 13 -24.01 36.19 -14.46
CA SER A 13 -25.43 36.36 -14.09
C SER A 13 -25.62 36.98 -12.69
N ARG A 14 -26.72 37.70 -12.50
CA ARG A 14 -26.95 38.46 -11.25
C ARG A 14 -28.44 38.40 -10.89
N ALA A 15 -28.77 38.84 -9.69
CA ALA A 15 -30.13 38.80 -9.17
C ALA A 15 -30.80 40.13 -9.46
N ARG A 16 -32.10 40.09 -9.77
CA ARG A 16 -32.80 41.33 -10.11
C ARG A 16 -33.10 42.14 -8.85
N VAL A 17 -33.00 41.49 -7.70
CA VAL A 17 -33.35 42.11 -6.43
C VAL A 17 -32.32 41.67 -5.42
N TYR A 18 -32.18 42.46 -4.36
CA TYR A 18 -31.43 42.09 -3.15
C TYR A 18 -30.00 41.59 -3.36
N ALA A 19 -29.41 41.90 -4.52
CA ALA A 19 -28.15 41.27 -4.93
C ALA A 19 -26.93 41.62 -4.05
N GLU A 20 -26.91 42.82 -3.48
CA GLU A 20 -25.77 43.22 -2.68
C GLU A 20 -25.94 42.89 -1.19
N VAL A 21 -27.18 42.63 -0.80
CA VAL A 21 -27.64 42.64 0.59
C VAL A 21 -26.59 42.27 1.63
N ASN A 22 -25.78 41.26 1.32
CA ASN A 22 -24.88 40.72 2.31
C ASN A 22 -23.66 41.60 2.36
N SER A 23 -23.25 42.09 1.20
CA SER A 23 -22.07 42.93 1.05
C SER A 23 -22.16 44.20 1.90
N LEU A 24 -23.38 44.69 2.01
CA LEU A 24 -23.69 45.86 2.79
C LEU A 24 -23.85 45.51 4.25
N ARG A 25 -23.47 44.31 4.62
CA ARG A 25 -23.62 43.91 5.98
C ARG A 25 -22.31 43.44 6.63
N SER A 26 -22.37 43.33 7.95
CA SER A 26 -21.22 42.96 8.73
C SER A 26 -20.93 41.54 8.37
N ARG A 27 -19.65 41.25 8.15
CA ARG A 27 -19.21 39.94 7.66
C ARG A 27 -19.86 38.85 8.50
N GLU A 28 -20.05 39.16 9.77
CA GLU A 28 -20.62 38.24 10.75
C GLU A 28 -21.96 37.66 10.29
N TYR A 29 -22.66 38.40 9.42
CA TYR A 29 -23.98 38.03 8.92
C TYR A 29 -23.97 36.68 8.19
N TRP A 30 -23.05 36.61 7.24
CA TRP A 30 -23.13 35.63 6.19
C TRP A 30 -21.91 34.71 6.20
N ASP A 31 -21.04 34.91 7.18
CA ASP A 31 -19.90 34.04 7.34
C ASP A 31 -20.24 33.11 8.47
N TYR A 32 -20.80 31.96 8.07
CA TYR A 32 -21.32 30.98 8.99
C TYR A 32 -20.24 30.05 9.44
N GLU A 33 -19.20 29.91 8.61
CA GLU A 33 -18.01 29.12 8.98
C GLU A 33 -17.45 29.67 10.30
N ALA A 34 -17.69 30.98 10.49
CA ALA A 34 -17.37 31.71 11.69
C ALA A 34 -18.49 31.68 12.74
N HIS A 35 -19.49 30.82 12.59
CA HIS A 35 -20.54 30.83 13.59
C HIS A 35 -20.17 29.89 14.67
N VAL A 36 -20.51 30.22 15.92
CA VAL A 36 -20.23 29.31 17.02
C VAL A 36 -21.46 29.13 17.91
N PRO A 37 -22.27 28.12 17.59
CA PRO A 37 -23.51 27.92 18.35
C PRO A 37 -23.22 27.51 19.80
N SER A 38 -24.14 27.84 20.69
CA SER A 38 -24.11 27.30 22.04
C SER A 38 -24.98 26.09 22.05
N TRP A 39 -24.43 24.93 22.34
CA TRP A 39 -25.27 23.75 22.37
C TRP A 39 -25.77 23.44 23.79
N GLY A 40 -27.08 23.31 23.89
CA GLY A 40 -27.77 23.15 25.15
C GLY A 40 -28.08 21.70 25.49
N ASN A 41 -28.70 21.49 26.64
CA ASN A 41 -29.04 20.16 27.10
C ASN A 41 -30.33 19.65 26.50
N GLN A 42 -30.27 18.62 25.66
CA GLN A 42 -31.50 18.11 25.00
C GLN A 42 -32.41 17.35 25.98
N ASP A 43 -31.91 17.09 27.19
CA ASP A 43 -32.72 16.50 28.25
C ASP A 43 -33.88 17.42 28.67
N ASP A 44 -33.82 18.68 28.23
CA ASP A 44 -34.94 19.62 28.30
C ASP A 44 -36.11 19.17 27.40
N TYR A 45 -35.80 18.31 26.43
CA TYR A 45 -36.77 17.88 25.43
C TYR A 45 -36.78 16.36 25.33
N GLN A 46 -37.89 15.72 25.67
CA GLN A 46 -37.97 14.26 25.56
C GLN A 46 -38.77 13.84 24.35
N LEU A 47 -38.40 12.70 23.77
CA LEU A 47 -39.16 12.08 22.69
C LEU A 47 -40.64 11.95 23.06
N VAL A 48 -41.53 12.51 22.26
CA VAL A 48 -42.95 12.22 22.43
C VAL A 48 -43.44 11.39 21.23
N ARG A 49 -43.30 11.95 20.03
CA ARG A 49 -43.65 11.28 18.77
C ARG A 49 -42.63 11.59 17.68
N LYS A 50 -42.60 10.76 16.65
CA LYS A 50 -41.63 10.87 15.54
C LYS A 50 -42.26 11.32 14.20
N LEU A 51 -41.54 12.20 13.50
CA LEU A 51 -41.97 12.72 12.21
C LEU A 51 -40.95 12.43 11.09
N GLU A 58 -34.14 12.12 11.71
CA GLU A 58 -35.50 12.57 11.43
C GLU A 58 -35.86 13.67 12.39
N VAL A 59 -37.16 13.81 12.65
CA VAL A 59 -37.63 14.84 13.57
C VAL A 59 -38.72 14.33 14.54
N PHE A 60 -38.65 14.80 15.79
CA PHE A 60 -39.55 14.34 16.86
C PHE A 60 -40.33 15.49 17.49
N GLU A 61 -41.51 15.19 18.04
CA GLU A 61 -42.24 16.17 18.85
C GLU A 61 -41.76 16.01 20.28
N ALA A 62 -41.91 17.05 21.10
CA ALA A 62 -41.38 17.01 22.44
C ALA A 62 -42.04 18.01 23.43
N ILE A 63 -41.35 18.27 24.54
CA ILE A 63 -41.76 19.24 25.56
C ILE A 63 -41.42 20.68 25.16
N ARG A 70 -45.19 23.37 22.78
CA ARG A 70 -44.50 22.13 22.44
C ARG A 70 -43.40 22.39 21.42
N VAL A 71 -42.61 21.37 21.11
CA VAL A 71 -41.53 21.56 20.16
C VAL A 71 -41.33 20.41 19.19
N VAL A 72 -40.43 20.63 18.24
CA VAL A 72 -40.05 19.63 17.27
C VAL A 72 -38.53 19.54 17.19
N VAL A 73 -37.98 18.35 17.38
CA VAL A 73 -36.54 18.26 17.57
C VAL A 73 -35.80 17.61 16.42
N LYS A 74 -34.83 18.35 15.87
CA LYS A 74 -34.15 17.85 14.68
C LYS A 74 -32.73 17.39 14.97
N ILE A 75 -32.49 16.11 14.74
CA ILE A 75 -31.20 15.52 15.03
C ILE A 75 -30.33 15.56 13.79
N LEU A 76 -29.33 16.43 13.81
CA LEU A 76 -28.45 16.62 12.67
C LEU A 76 -27.59 15.39 12.38
N LYS A 77 -27.61 14.96 11.12
CA LYS A 77 -27.25 13.62 10.67
C LYS A 77 -25.73 13.41 10.51
N PRO A 78 -25.26 12.29 9.89
CA PRO A 78 -23.81 12.29 9.63
C PRO A 78 -23.34 13.43 8.71
N VAL A 79 -23.46 14.67 9.17
CA VAL A 79 -23.23 15.83 8.34
C VAL A 79 -21.95 16.58 8.77
N LYS A 80 -21.21 17.09 7.79
CA LYS A 80 -19.98 17.86 8.04
C LYS A 80 -20.27 19.09 8.91
N LYS A 81 -19.30 19.51 9.71
CA LYS A 81 -19.54 20.56 10.70
C LYS A 81 -19.91 21.88 10.03
N LYS A 82 -19.38 22.08 8.81
CA LYS A 82 -19.55 23.33 8.07
C LYS A 82 -21.01 23.53 7.63
N LYS A 83 -21.62 22.43 7.24
CA LYS A 83 -23.00 22.40 6.76
C LYS A 83 -23.96 22.75 7.89
N ILE A 84 -23.56 22.45 9.12
CA ILE A 84 -24.39 22.70 10.31
C ILE A 84 -24.40 24.18 10.73
N LYS A 85 -23.25 24.82 10.67
CA LYS A 85 -23.17 26.25 10.96
C LYS A 85 -24.12 27.03 10.05
N ARG A 86 -24.04 26.75 8.76
CA ARG A 86 -24.85 27.41 7.72
C ARG A 86 -26.35 27.39 8.02
N GLU A 87 -26.84 26.32 8.65
CA GLU A 87 -28.26 26.18 8.93
C GLU A 87 -28.63 26.81 10.26
N VAL A 88 -27.66 27.00 11.14
CA VAL A 88 -28.00 27.68 12.36
C VAL A 88 -27.88 29.18 12.14
N LYS A 89 -26.86 29.59 11.39
CA LYS A 89 -26.62 31.01 11.23
C LYS A 89 -27.85 31.60 10.55
N ILE A 90 -28.29 30.90 9.50
CA ILE A 90 -29.40 31.30 8.62
C ILE A 90 -30.77 31.37 9.33
N LEU A 91 -30.99 30.42 10.24
CA LEU A 91 -32.20 30.38 11.05
C LEU A 91 -32.24 31.52 12.05
N GLU A 92 -31.08 31.89 12.61
CA GLU A 92 -30.97 33.05 13.48
C GLU A 92 -31.18 34.33 12.67
N ASN A 93 -30.66 34.38 11.45
CA ASN A 93 -30.82 35.57 10.59
C ASN A 93 -32.27 35.79 10.19
N LEU A 94 -33.01 34.70 10.11
CA LEU A 94 -34.37 34.76 9.62
C LEU A 94 -35.36 34.69 10.77
N ARG A 95 -34.85 34.64 12.00
CA ARG A 95 -35.70 34.70 13.19
C ARG A 95 -36.46 36.02 13.21
N GLY A 96 -37.78 35.93 13.31
CA GLY A 96 -38.62 37.10 13.21
C GLY A 96 -38.95 37.30 11.74
N GLY A 97 -39.29 36.20 11.07
CA GLY A 97 -39.63 36.25 9.67
C GLY A 97 -41.08 35.86 9.45
N THR A 98 -41.71 36.53 8.48
CA THR A 98 -43.10 36.25 8.16
C THR A 98 -43.17 34.85 7.55
N ASN A 99 -43.92 33.97 8.20
CA ASN A 99 -44.12 32.60 7.71
C ASN A 99 -42.83 31.77 7.60
N ILE A 100 -41.75 32.22 8.22
CA ILE A 100 -40.59 31.38 8.29
C ILE A 100 -40.59 30.69 9.65
N ILE A 101 -40.41 29.38 9.64
CA ILE A 101 -40.35 28.56 10.85
C ILE A 101 -39.30 29.10 11.79
N LYS A 102 -39.45 28.86 13.09
CA LYS A 102 -38.50 29.46 14.00
C LYS A 102 -37.85 28.49 14.95
N LEU A 103 -36.60 28.84 15.29
CA LEU A 103 -35.67 28.09 16.11
C LEU A 103 -35.72 28.56 17.55
N ILE A 104 -36.14 27.66 18.43
CA ILE A 104 -36.21 27.92 19.87
C ILE A 104 -34.84 27.70 20.54
N ASP A 105 -34.19 26.59 20.19
CA ASP A 105 -32.78 26.44 20.48
C ASP A 105 -32.06 25.37 19.67
N THR A 106 -30.73 25.43 19.77
CA THR A 106 -29.85 24.40 19.23
C THR A 106 -29.23 23.65 20.38
N VAL A 107 -29.31 22.31 20.36
CA VAL A 107 -28.83 21.50 21.49
C VAL A 107 -28.06 20.23 21.09
N LYS A 108 -27.68 19.45 22.09
CA LYS A 108 -27.09 18.11 21.92
C LYS A 108 -27.55 17.16 23.04
N ASP A 109 -27.38 15.87 22.82
CA ASP A 109 -27.69 14.84 23.81
C ASP A 109 -26.46 14.60 24.66
N PRO A 110 -26.64 14.42 25.98
CA PRO A 110 -25.52 14.09 26.86
C PRO A 110 -24.70 12.90 26.39
N VAL A 111 -25.33 11.73 26.27
CA VAL A 111 -24.62 10.53 25.81
C VAL A 111 -24.30 10.68 24.31
N SER A 112 -25.25 11.23 23.56
CA SER A 112 -25.08 11.42 22.13
C SER A 112 -24.63 12.83 21.81
N LYS A 113 -23.34 13.03 21.63
CA LYS A 113 -22.83 14.38 21.40
C LYS A 113 -23.19 14.96 20.02
N THR A 114 -24.31 14.51 19.45
CA THR A 114 -24.78 14.97 18.15
C THR A 114 -25.65 16.22 18.26
N PRO A 115 -25.50 17.16 17.31
CA PRO A 115 -26.11 18.48 17.36
C PRO A 115 -27.60 18.40 17.07
N ALA A 116 -28.38 19.36 17.54
CA ALA A 116 -29.83 19.28 17.30
C ALA A 116 -30.53 20.63 17.24
N LEU A 117 -31.43 20.74 16.28
CA LEU A 117 -32.22 21.94 16.12
C LEU A 117 -33.61 21.75 16.75
N VAL A 118 -34.12 22.77 17.41
CA VAL A 118 -35.42 22.63 18.03
C VAL A 118 -36.39 23.73 17.62
N PHE A 119 -37.45 23.34 16.95
CA PHE A 119 -38.36 24.33 16.36
C PHE A 119 -39.71 24.45 17.06
N GLU A 120 -40.38 25.58 16.80
CA GLU A 120 -41.76 25.80 17.22
C GLU A 120 -42.66 24.72 16.62
N TYR A 121 -43.69 24.35 17.36
CA TYR A 121 -44.62 23.34 16.87
C TYR A 121 -45.67 24.00 15.99
N ILE A 122 -45.77 23.49 14.77
CA ILE A 122 -46.87 23.83 13.87
C ILE A 122 -47.66 22.55 13.70
N ASN A 123 -48.98 22.61 13.82
CA ASN A 123 -49.75 21.39 13.65
C ASN A 123 -50.00 21.12 12.17
N ASN A 124 -49.17 20.25 11.65
CA ASN A 124 -49.09 19.95 10.25
C ASN A 124 -50.35 19.29 9.69
N THR A 125 -50.59 19.49 8.40
CA THR A 125 -51.60 18.74 7.67
C THR A 125 -51.05 18.38 6.29
N ASP A 126 -50.43 17.20 6.20
CA ASP A 126 -49.75 16.69 5.01
C ASP A 126 -50.41 17.17 3.73
N PHE A 127 -49.58 17.68 2.82
CA PHE A 127 -50.07 18.41 1.66
C PHE A 127 -50.86 17.53 0.74
N LYS A 128 -50.56 16.23 0.72
CA LYS A 128 -51.26 15.32 -0.17
C LYS A 128 -52.74 15.16 0.23
N GLN A 129 -53.01 15.22 1.54
CA GLN A 129 -54.38 15.15 2.02
C GLN A 129 -55.09 16.50 1.93
N LEU A 130 -54.32 17.59 1.89
CA LEU A 130 -54.89 18.93 2.01
C LEU A 130 -54.96 19.70 0.68
N TYR A 131 -54.22 19.23 -0.32
CA TYR A 131 -54.23 19.87 -1.63
C TYR A 131 -55.51 19.56 -2.37
N GLN A 132 -56.04 18.35 -2.22
CA GLN A 132 -57.22 17.96 -3.00
C GLN A 132 -58.50 18.73 -2.61
N ILE A 133 -58.47 19.43 -1.48
CA ILE A 133 -59.67 20.14 -0.99
C ILE A 133 -59.56 21.67 -1.08
N LEU A 134 -58.51 22.16 -1.73
CA LEU A 134 -58.25 23.60 -1.77
C LEU A 134 -59.21 24.32 -2.71
N THR A 135 -59.63 25.52 -2.28
CA THR A 135 -60.50 26.40 -3.06
C THR A 135 -59.66 27.45 -3.81
N ASP A 136 -60.13 27.99 -4.92
CA ASP A 136 -59.35 28.97 -5.69
C ASP A 136 -59.02 30.21 -4.86
N PHE A 137 -59.32 30.14 -3.57
CA PHE A 137 -58.96 31.21 -2.66
C PHE A 137 -57.90 30.70 -1.68
N ASP A 138 -58.10 29.48 -1.19
CA ASP A 138 -57.10 28.82 -0.36
C ASP A 138 -55.74 28.90 -1.07
N ILE A 139 -55.72 28.51 -2.34
CA ILE A 139 -54.48 28.48 -3.11
C ILE A 139 -53.77 29.84 -3.10
N ARG A 140 -54.46 30.91 -3.47
CA ARG A 140 -53.80 32.19 -3.56
C ARG A 140 -53.37 32.63 -2.16
N PHE A 141 -54.17 32.31 -1.16
CA PHE A 141 -53.85 32.68 0.20
C PHE A 141 -52.53 32.09 0.59
N TYR A 142 -52.49 30.75 0.55
CA TYR A 142 -51.31 29.98 0.93
C TYR A 142 -50.12 30.21 0.05
N MET A 143 -50.36 30.56 -1.20
CA MET A 143 -49.25 30.96 -2.05
C MET A 143 -48.75 32.33 -1.64
N TYR A 144 -49.66 33.24 -1.31
CA TYR A 144 -49.27 34.57 -0.84
C TYR A 144 -48.40 34.42 0.39
N GLU A 145 -48.85 33.59 1.33
CA GLU A 145 -48.09 33.32 2.56
C GLU A 145 -46.68 32.78 2.29
N LEU A 146 -46.54 31.97 1.24
CA LEU A 146 -45.24 31.42 0.79
C LEU A 146 -44.36 32.53 0.28
N LEU A 147 -44.93 33.37 -0.59
CA LEU A 147 -44.23 34.54 -1.12
C LEU A 147 -43.82 35.53 -0.03
N LYS A 148 -44.63 35.67 1.01
CA LYS A 148 -44.20 36.45 2.16
C LYS A 148 -42.88 35.89 2.71
N ALA A 149 -42.81 34.57 2.85
CA ALA A 149 -41.62 33.91 3.35
C ALA A 149 -40.43 34.03 2.41
N LEU A 150 -40.66 33.64 1.16
CA LEU A 150 -39.58 33.61 0.17
C LEU A 150 -39.01 35.02 -0.04
N ASP A 151 -39.88 36.01 -0.04
CA ASP A 151 -39.42 37.35 -0.29
C ASP A 151 -38.62 37.85 0.90
N TYR A 152 -39.08 37.50 2.10
CA TYR A 152 -38.38 37.95 3.30
C TYR A 152 -36.95 37.41 3.33
N CYS A 153 -36.77 36.12 3.04
CA CYS A 153 -35.42 35.49 3.05
C CYS A 153 -34.61 35.89 1.84
N HIS A 154 -35.30 36.18 0.75
CA HIS A 154 -34.62 36.66 -0.42
C HIS A 154 -34.06 38.04 -0.12
N SER A 155 -34.72 38.73 0.83
CA SER A 155 -34.32 40.11 1.23
C SER A 155 -33.20 40.06 2.29
N LYS A 156 -32.81 38.86 2.73
CA LYS A 156 -31.78 38.73 3.73
C LYS A 156 -30.56 38.03 3.12
N GLY A 157 -30.59 37.81 1.81
CA GLY A 157 -29.41 37.33 1.11
C GLY A 157 -29.30 35.82 1.13
N ILE A 158 -30.31 35.20 1.72
CA ILE A 158 -30.40 33.77 1.80
C ILE A 158 -31.34 33.30 0.70
N MET A 159 -31.01 32.17 0.08
CA MET A 159 -31.93 31.51 -0.87
C MET A 159 -32.18 30.10 -0.39
N HIS A 160 -33.41 29.64 -0.57
CA HIS A 160 -33.88 28.40 0.02
C HIS A 160 -33.32 27.13 -0.61
N ARG A 161 -33.49 27.02 -1.92
CA ARG A 161 -33.06 25.84 -2.68
C ARG A 161 -33.76 24.55 -2.28
N ASP A 162 -34.79 24.59 -1.44
CA ASP A 162 -35.51 23.34 -1.12
C ASP A 162 -37.01 23.51 -0.94
N VAL A 163 -37.63 24.35 -1.77
CA VAL A 163 -39.07 24.59 -1.72
C VAL A 163 -39.81 23.46 -2.40
N LYS A 164 -40.38 22.56 -1.61
CA LYS A 164 -41.30 21.56 -2.13
C LYS A 164 -42.53 21.64 -1.24
N PRO A 165 -43.63 20.93 -1.57
CA PRO A 165 -44.79 21.06 -0.68
C PRO A 165 -44.54 20.43 0.67
N HIS A 166 -43.54 19.55 0.74
CA HIS A 166 -43.13 18.95 1.98
C HIS A 166 -42.62 20.01 2.95
N ASN A 167 -41.81 20.93 2.44
CA ASN A 167 -41.23 21.99 3.30
C ASN A 167 -42.17 23.18 3.50
N VAL A 168 -43.37 23.12 2.92
CA VAL A 168 -44.39 24.15 3.11
C VAL A 168 -45.41 23.65 4.13
N MET A 169 -45.34 24.15 5.36
CA MET A 169 -46.19 23.65 6.44
C MET A 169 -47.46 24.47 6.62
N ILE A 170 -48.61 23.80 6.64
CA ILE A 170 -49.88 24.51 6.72
C ILE A 170 -50.75 23.99 7.88
N ASP A 171 -51.59 24.87 8.39
CA ASP A 171 -52.59 24.50 9.37
C ASP A 171 -53.94 25.05 8.91
N HIS A 172 -54.76 24.21 8.29
CA HIS A 172 -55.92 24.70 7.55
C HIS A 172 -56.99 25.30 8.44
N GLN A 173 -57.01 24.89 9.71
CA GLN A 173 -57.97 25.46 10.64
C GLN A 173 -57.43 26.83 11.02
N GLN A 174 -56.16 26.84 11.41
CA GLN A 174 -55.48 28.06 11.81
C GLN A 174 -55.15 28.97 10.62
N LYS A 175 -55.15 28.41 9.42
CA LYS A 175 -54.68 29.11 8.21
C LYS A 175 -53.33 29.78 8.42
N LYS A 176 -52.41 29.05 9.06
CA LYS A 176 -51.04 29.51 9.25
C LYS A 176 -50.13 28.81 8.25
N LEU A 177 -48.91 29.29 8.08
CA LEU A 177 -47.95 28.64 7.18
C LEU A 177 -46.53 28.86 7.66
N ARG A 178 -45.70 27.85 7.48
CA ARG A 178 -44.31 28.02 7.79
C ARG A 178 -43.49 27.30 6.75
N LEU A 179 -42.48 27.99 6.23
CA LEU A 179 -41.51 27.37 5.33
C LEU A 179 -40.40 26.82 6.21
N ILE A 180 -40.04 25.55 6.01
CA ILE A 180 -39.15 24.80 6.91
C ILE A 180 -37.87 24.23 6.28
N ASP A 181 -37.11 23.47 7.07
CA ASP A 181 -35.91 22.74 6.63
C ASP A 181 -34.92 23.55 5.84
N TRP A 182 -34.13 24.37 6.52
CA TRP A 182 -33.15 25.19 5.82
C TRP A 182 -31.79 24.49 5.82
N GLY A 183 -31.88 23.18 5.65
CA GLY A 183 -30.73 22.32 5.58
C GLY A 183 -29.88 22.67 4.38
N LEU A 184 -30.51 23.16 3.33
CA LEU A 184 -29.82 23.40 2.07
C LEU A 184 -29.63 24.88 1.75
N ALA A 185 -30.48 25.73 2.30
CA ALA A 185 -30.39 27.17 2.09
C ALA A 185 -28.97 27.77 2.23
N GLU A 186 -28.59 28.57 1.22
CA GLU A 186 -27.31 29.25 1.14
C GLU A 186 -27.45 30.80 1.03
N PHE A 187 -26.48 31.54 1.59
CA PHE A 187 -26.34 32.99 1.39
C PHE A 187 -26.02 33.34 -0.05
N TYR A 188 -26.64 34.38 -0.59
CA TYR A 188 -26.31 34.77 -1.95
C TYR A 188 -25.24 35.85 -1.99
N HIS A 189 -24.12 35.51 -2.61
CA HIS A 189 -23.08 36.46 -2.96
C HIS A 189 -23.01 36.54 -4.49
N PRO A 190 -23.07 37.75 -5.08
CA PRO A 190 -23.20 37.78 -6.55
C PRO A 190 -22.03 37.09 -7.24
N ALA A 191 -22.26 36.54 -8.42
CA ALA A 191 -21.20 35.95 -9.27
C ALA A 191 -20.53 34.70 -8.69
N GLN A 192 -20.90 34.36 -7.45
CA GLN A 192 -20.51 33.11 -6.80
C GLN A 192 -21.16 31.93 -7.49
N GLU A 193 -20.40 30.85 -7.67
CA GLU A 193 -20.96 29.63 -8.23
C GLU A 193 -21.35 28.64 -7.14
N TYR A 194 -22.52 28.04 -7.32
CA TYR A 194 -23.10 27.18 -6.30
C TYR A 194 -23.19 25.72 -6.73
N ASN A 195 -23.45 24.84 -5.78
CA ASN A 195 -23.67 23.43 -6.10
C ASN A 195 -24.97 23.23 -6.88
N VAL A 196 -24.89 22.65 -8.08
CA VAL A 196 -26.11 22.37 -8.85
C VAL A 196 -26.78 21.11 -8.33
N ARG A 197 -26.25 20.61 -7.21
CA ARG A 197 -26.68 19.34 -6.66
C ARG A 197 -27.69 19.51 -5.55
N VAL A 198 -28.63 20.43 -5.70
CA VAL A 198 -29.57 20.71 -4.63
C VAL A 198 -31.03 20.64 -5.09
N ALA A 199 -31.94 20.57 -4.12
CA ALA A 199 -33.40 20.52 -4.29
C ALA A 199 -33.91 19.14 -4.71
N SER A 200 -35.22 18.94 -4.63
CA SER A 200 -35.87 17.71 -5.09
C SER A 200 -36.05 17.68 -6.60
N ARG A 201 -36.10 16.48 -7.17
CA ARG A 201 -36.08 16.31 -8.62
C ARG A 201 -37.19 17.06 -9.31
N TYR A 202 -38.41 16.99 -8.77
CA TYR A 202 -39.54 17.66 -9.37
C TYR A 202 -39.56 19.19 -9.26
N PHE A 203 -38.78 19.75 -8.34
CA PHE A 203 -38.86 21.18 -8.07
C PHE A 203 -37.57 21.91 -8.41
N LYS A 204 -36.61 21.11 -8.87
CA LYS A 204 -35.45 21.60 -9.59
C LYS A 204 -35.87 22.44 -10.82
N GLY A 205 -35.26 23.62 -10.93
CA GLY A 205 -35.47 24.50 -12.04
C GLY A 205 -34.38 24.18 -13.05
N PRO A 206 -34.57 24.65 -14.29
CA PRO A 206 -33.72 24.33 -15.44
C PRO A 206 -32.23 24.57 -15.18
N GLU A 207 -31.91 25.59 -14.39
CA GLU A 207 -30.51 25.96 -14.09
C GLU A 207 -29.75 24.82 -13.47
N LEU A 208 -30.44 24.06 -12.64
CA LEU A 208 -29.87 22.92 -11.93
C LEU A 208 -29.71 21.69 -12.83
N LEU A 209 -30.67 21.50 -13.71
CA LEU A 209 -30.68 20.35 -14.62
C LEU A 209 -29.69 20.50 -15.80
N VAL A 210 -29.25 21.71 -16.11
CA VAL A 210 -28.28 21.84 -17.19
C VAL A 210 -26.87 22.17 -16.67
N ASP A 211 -26.70 22.04 -15.36
CA ASP A 211 -25.42 22.16 -14.65
C ASP A 211 -24.86 23.59 -14.61
N TYR A 212 -25.75 24.58 -14.54
CA TYR A 212 -25.35 25.98 -14.44
C TYR A 212 -25.26 26.50 -12.99
N GLN A 213 -24.03 26.84 -12.64
CA GLN A 213 -23.65 27.15 -11.28
C GLN A 213 -24.04 28.57 -10.88
N MET A 214 -24.11 29.49 -11.82
CA MET A 214 -24.23 30.89 -11.41
C MET A 214 -25.69 31.33 -11.23
N TYR A 215 -26.42 30.52 -10.49
CA TYR A 215 -27.82 30.80 -10.14
C TYR A 215 -28.04 31.73 -8.88
N ASP A 216 -29.30 32.07 -8.57
CA ASP A 216 -29.65 32.90 -7.38
C ASP A 216 -31.08 32.68 -6.87
N TYR A 217 -31.68 33.73 -6.28
CA TYR A 217 -32.96 33.54 -5.58
C TYR A 217 -34.07 33.18 -6.53
N SER A 218 -33.84 33.30 -7.82
CA SER A 218 -34.90 32.98 -8.76
C SER A 218 -35.31 31.50 -8.65
N LEU A 219 -34.32 30.64 -8.41
CA LEU A 219 -34.54 29.19 -8.19
C LEU A 219 -35.80 28.89 -7.35
N ASP A 220 -35.92 29.53 -6.21
CA ASP A 220 -37.07 29.34 -5.37
C ASP A 220 -38.38 29.76 -6.11
N MET A 221 -38.25 30.64 -7.10
CA MET A 221 -39.43 31.16 -7.76
C MET A 221 -39.90 30.19 -8.80
N TRP A 222 -38.96 29.43 -9.34
CA TRP A 222 -39.29 28.25 -10.13
C TRP A 222 -39.98 27.18 -9.27
N SER A 223 -39.34 26.85 -8.13
CA SER A 223 -39.91 25.98 -7.12
C SER A 223 -41.35 26.33 -6.79
N LEU A 224 -41.53 27.51 -6.21
CA LEU A 224 -42.86 28.05 -5.93
C LEU A 224 -43.82 27.88 -7.10
N GLY A 225 -43.41 28.38 -8.28
CA GLY A 225 -44.15 28.27 -9.52
C GLY A 225 -44.57 26.83 -9.78
N CYS A 226 -43.59 25.94 -9.95
CA CYS A 226 -43.86 24.51 -10.05
C CYS A 226 -45.02 24.05 -9.14
N MET A 227 -44.95 24.41 -7.86
CA MET A 227 -46.06 24.17 -6.93
C MET A 227 -47.37 24.86 -7.35
N LEU A 228 -47.29 25.94 -8.11
CA LEU A 228 -48.50 26.68 -8.44
C LEU A 228 -49.23 25.83 -9.43
N ALA A 229 -48.44 25.29 -10.35
CA ALA A 229 -48.95 24.40 -11.37
C ALA A 229 -49.72 23.26 -10.71
N SER A 230 -49.05 22.52 -9.83
CA SER A 230 -49.71 21.51 -9.01
C SER A 230 -51.00 21.96 -8.32
N MET A 231 -51.01 23.14 -7.71
CA MET A 231 -52.16 23.51 -6.89
C MET A 231 -53.40 23.81 -7.74
N ILE A 232 -53.20 24.44 -8.90
CA ILE A 232 -54.33 24.82 -9.75
C ILE A 232 -54.68 23.71 -10.77
N PHE A 233 -53.70 22.89 -11.14
CA PHE A 233 -53.92 21.81 -12.12
C PHE A 233 -54.07 20.44 -11.48
N ARG A 234 -53.76 20.35 -10.19
CA ARG A 234 -53.87 19.11 -9.43
C ARG A 234 -53.07 17.97 -10.06
N ARG A 235 -52.15 18.30 -10.96
CA ARG A 235 -51.18 17.32 -11.40
C ARG A 235 -50.01 17.46 -10.47
N GLU A 236 -49.90 16.55 -9.50
CA GLU A 236 -48.81 16.59 -8.53
C GLU A 236 -47.96 15.32 -8.66
N PRO A 237 -46.68 15.48 -9.03
CA PRO A 237 -46.05 16.78 -9.26
C PRO A 237 -46.44 17.26 -10.62
N PHE A 238 -46.18 18.52 -10.93
CA PHE A 238 -46.53 18.92 -12.24
C PHE A 238 -45.50 18.32 -13.16
N PHE A 239 -44.23 18.60 -12.88
CA PHE A 239 -43.16 18.04 -13.69
C PHE A 239 -42.58 16.81 -13.07
N HIS A 240 -43.13 15.67 -13.48
CA HIS A 240 -42.82 14.36 -12.94
C HIS A 240 -41.79 13.61 -13.77
N GLY A 241 -40.56 14.13 -13.80
CA GLY A 241 -39.46 13.45 -14.45
C GLY A 241 -39.19 12.13 -13.76
N GLN A 242 -38.69 11.14 -14.51
CA GLN A 242 -38.42 9.82 -13.95
C GLN A 242 -36.93 9.62 -13.75
N ASP A 243 -36.14 10.59 -14.20
CA ASP A 243 -34.74 10.72 -13.77
C ASP A 243 -34.36 12.20 -13.91
N ASN A 244 -33.11 12.57 -13.65
CA ASN A 244 -32.76 13.98 -13.67
C ASN A 244 -32.66 14.53 -15.08
N TYR A 245 -32.44 13.68 -16.07
CA TYR A 245 -32.43 14.18 -17.43
C TYR A 245 -33.87 14.35 -17.89
N ASP A 246 -34.70 13.35 -17.58
CA ASP A 246 -36.12 13.35 -17.95
C ASP A 246 -36.85 14.55 -17.36
N GLN A 247 -36.36 15.02 -16.22
CA GLN A 247 -36.96 16.15 -15.56
C GLN A 247 -36.80 17.41 -16.43
N LEU A 248 -35.73 17.51 -17.19
CA LEU A 248 -35.64 18.63 -18.12
C LEU A 248 -36.48 18.36 -19.35
N VAL A 249 -36.54 17.10 -19.79
CA VAL A 249 -37.37 16.73 -20.94
C VAL A 249 -38.84 16.97 -20.64
N ARG A 250 -39.25 16.66 -19.43
CA ARG A 250 -40.63 16.84 -19.05
C ARG A 250 -40.96 18.31 -19.15
N ILE A 251 -39.98 19.18 -18.92
CA ILE A 251 -40.23 20.61 -18.93
C ILE A 251 -40.25 21.11 -20.34
N ALA A 252 -39.43 20.52 -21.20
CA ALA A 252 -39.40 20.92 -22.60
C ALA A 252 -40.70 20.57 -23.32
N LYS A 253 -41.44 19.60 -22.80
CA LYS A 253 -42.74 19.25 -23.37
C LYS A 253 -43.77 20.33 -23.10
N VAL A 254 -43.64 21.01 -21.99
CA VAL A 254 -44.53 22.14 -21.76
C VAL A 254 -43.97 23.36 -22.44
N LEU A 255 -42.84 23.85 -21.93
CA LEU A 255 -42.29 25.15 -22.30
C LEU A 255 -41.67 25.21 -23.69
N GLY A 256 -41.48 24.09 -24.35
CA GLY A 256 -40.89 24.11 -25.68
C GLY A 256 -39.38 24.00 -25.66
N THR A 257 -38.82 23.40 -26.70
CA THR A 257 -37.38 23.25 -26.79
C THR A 257 -36.65 24.44 -27.40
N GLU A 258 -37.29 25.13 -28.33
CA GLU A 258 -36.60 26.22 -29.02
C GLU A 258 -36.24 27.30 -28.02
N GLU A 259 -37.20 27.60 -27.15
CA GLU A 259 -37.04 28.60 -26.09
C GLU A 259 -36.00 28.13 -25.08
N LEU A 260 -35.91 26.82 -24.88
CA LEU A 260 -34.85 26.23 -24.08
C LEU A 260 -33.45 26.45 -24.67
N TYR A 261 -33.33 26.18 -25.97
CA TYR A 261 -32.04 26.24 -26.62
C TYR A 261 -31.49 27.67 -26.62
N GLY A 262 -32.38 28.64 -26.80
CA GLY A 262 -31.99 30.02 -26.84
C GLY A 262 -31.47 30.46 -25.49
N TYR A 263 -32.09 29.91 -24.45
CA TYR A 263 -31.69 30.14 -23.07
C TYR A 263 -30.29 29.61 -22.82
N LEU A 264 -30.02 28.40 -23.30
CA LEU A 264 -28.68 27.83 -23.22
C LEU A 264 -27.63 28.69 -23.98
N LYS A 265 -27.97 29.07 -25.21
CA LYS A 265 -27.09 29.89 -26.04
C LYS A 265 -26.66 31.18 -25.33
N LYS A 266 -27.65 31.89 -24.78
CA LYS A 266 -27.46 33.13 -24.02
C LYS A 266 -26.49 33.01 -22.85
N TYR A 267 -26.59 31.92 -22.10
CA TYR A 267 -25.74 31.80 -20.92
C TYR A 267 -24.54 30.91 -21.22
N HIS A 268 -24.31 30.72 -22.51
CA HIS A 268 -23.16 29.96 -23.01
C HIS A 268 -23.03 28.66 -22.22
N ILE A 269 -24.10 27.86 -22.23
CA ILE A 269 -24.12 26.63 -21.45
C ILE A 269 -23.79 25.39 -22.29
N ASP A 270 -22.80 24.65 -21.82
CA ASP A 270 -22.47 23.36 -22.40
C ASP A 270 -23.54 22.34 -22.08
N LEU A 271 -24.18 21.81 -23.11
CA LEU A 271 -25.23 20.83 -22.89
C LEU A 271 -24.62 19.44 -22.90
N ASP A 272 -24.75 18.76 -21.76
CA ASP A 272 -24.30 17.37 -21.60
C ASP A 272 -24.84 16.52 -22.72
N PRO A 273 -23.93 15.78 -23.38
CA PRO A 273 -24.15 14.89 -24.53
C PRO A 273 -25.36 13.95 -24.42
N HIS A 274 -25.77 13.62 -23.20
CA HIS A 274 -26.84 12.65 -23.00
C HIS A 274 -28.19 13.26 -23.40
N PHE A 275 -28.31 14.58 -23.34
CA PHE A 275 -29.54 15.27 -23.76
C PHE A 275 -29.73 15.31 -25.27
N ASN A 276 -28.70 14.88 -26.00
CA ASN A 276 -28.74 14.92 -27.45
C ASN A 276 -30.00 14.23 -27.98
N ASP A 277 -30.07 12.91 -27.81
CA ASP A 277 -31.16 12.15 -28.40
C ASP A 277 -32.40 12.03 -27.50
N ILE A 278 -32.68 13.04 -26.69
CA ILE A 278 -33.89 12.96 -25.87
C ILE A 278 -34.68 14.27 -25.74
N LEU A 279 -34.38 15.26 -26.57
CA LEU A 279 -35.14 16.49 -26.53
C LEU A 279 -35.88 16.71 -27.84
N GLY A 280 -35.18 17.31 -28.80
CA GLY A 280 -35.69 17.55 -30.14
C GLY A 280 -36.84 18.54 -30.29
N GLN A 281 -37.74 18.24 -31.21
CA GLN A 281 -38.87 19.09 -31.50
C GLN A 281 -39.80 19.15 -30.32
N HIS A 282 -39.94 20.32 -29.70
CA HIS A 282 -41.03 20.54 -28.74
C HIS A 282 -41.52 21.97 -28.73
N SER A 283 -42.82 22.09 -28.51
CA SER A 283 -43.53 23.34 -28.72
C SER A 283 -44.01 23.99 -27.45
N ARG A 284 -43.96 25.32 -27.41
CA ARG A 284 -44.65 26.02 -26.33
C ARG A 284 -46.11 25.63 -26.39
N LYS A 285 -46.60 24.98 -25.34
CA LYS A 285 -48.01 24.59 -25.27
C LYS A 285 -48.80 25.79 -24.78
N ARG A 286 -50.07 25.59 -24.46
CA ARG A 286 -50.92 26.60 -23.87
C ARG A 286 -51.18 26.14 -22.44
N TRP A 287 -50.80 26.94 -21.45
CA TRP A 287 -51.05 26.61 -20.03
C TRP A 287 -52.46 26.08 -19.78
N GLU A 288 -53.39 26.38 -20.70
CA GLU A 288 -54.78 25.91 -20.71
C GLU A 288 -54.95 24.49 -21.20
N ASN A 289 -53.89 23.90 -21.72
CA ASN A 289 -53.90 22.49 -22.08
C ASN A 289 -54.18 21.58 -20.90
N PHE A 290 -54.22 22.17 -19.71
CA PHE A 290 -54.19 21.42 -18.45
C PHE A 290 -55.44 21.60 -17.65
N ILE A 291 -56.42 22.26 -18.24
CA ILE A 291 -57.70 22.38 -17.59
C ILE A 291 -58.55 21.16 -17.95
N HIS A 292 -59.29 20.66 -16.98
CA HIS A 292 -60.35 19.68 -17.22
C HIS A 292 -61.42 19.85 -16.14
N SER A 293 -62.55 19.13 -16.27
CA SER A 293 -63.69 19.28 -15.36
C SER A 293 -63.32 19.33 -13.86
N GLU A 294 -62.35 18.51 -13.45
CA GLU A 294 -62.01 18.38 -12.02
C GLU A 294 -61.19 19.53 -11.48
N ASN A 295 -60.52 20.27 -12.36
CA ASN A 295 -59.69 21.39 -11.90
C ASN A 295 -60.21 22.76 -12.39
N ARG A 296 -61.36 22.75 -13.07
CA ARG A 296 -61.84 23.90 -13.84
C ARG A 296 -61.96 25.10 -12.94
N HIS A 297 -62.62 24.90 -11.81
CA HIS A 297 -62.86 25.99 -10.87
C HIS A 297 -61.55 26.66 -10.45
N LEU A 298 -60.54 25.81 -10.20
CA LEU A 298 -59.27 26.23 -9.60
C LEU A 298 -58.41 27.03 -10.55
N VAL A 299 -58.75 27.05 -11.82
CA VAL A 299 -58.01 27.85 -12.76
C VAL A 299 -58.71 29.18 -13.07
N SER A 300 -57.92 30.24 -13.11
CA SER A 300 -58.34 31.60 -13.46
C SER A 300 -57.26 32.19 -14.34
N PRO A 301 -57.62 33.07 -15.29
CA PRO A 301 -56.55 33.47 -16.22
C PRO A 301 -55.44 34.25 -15.51
N GLU A 302 -55.74 34.73 -14.30
CA GLU A 302 -54.77 35.41 -13.42
C GLU A 302 -53.73 34.43 -12.86
N ALA A 303 -54.20 33.24 -12.46
CA ALA A 303 -53.32 32.11 -12.20
C ALA A 303 -52.44 31.76 -13.42
N LEU A 304 -53.02 31.77 -14.62
CA LEU A 304 -52.26 31.35 -15.80
C LEU A 304 -51.35 32.45 -16.37
N ASP A 305 -51.50 33.68 -15.90
CA ASP A 305 -50.58 34.76 -16.24
C ASP A 305 -49.39 34.77 -15.29
N LEU A 306 -49.70 34.74 -13.99
CA LEU A 306 -48.66 34.71 -12.99
C LEU A 306 -47.79 33.51 -13.28
N LEU A 307 -48.46 32.37 -13.52
CA LEU A 307 -47.77 31.10 -13.63
C LEU A 307 -46.74 31.13 -14.74
N ASP A 308 -47.13 31.67 -15.89
CA ASP A 308 -46.20 31.80 -17.00
C ASP A 308 -44.98 32.63 -16.61
N LYS A 309 -45.23 33.73 -15.91
CA LYS A 309 -44.20 34.69 -15.54
C LYS A 309 -43.25 34.07 -14.51
N LEU A 310 -43.73 32.99 -13.89
CA LEU A 310 -43.01 32.22 -12.88
C LEU A 310 -42.22 31.03 -13.42
N LEU A 311 -42.75 30.36 -14.44
CA LEU A 311 -42.07 29.24 -15.06
C LEU A 311 -41.49 29.69 -16.37
N ARG A 312 -40.32 30.30 -16.32
CA ARG A 312 -39.56 30.63 -17.52
C ARG A 312 -38.19 30.04 -17.39
N TYR A 313 -37.72 29.35 -18.40
CA TYR A 313 -36.38 28.79 -18.43
C TYR A 313 -35.36 29.75 -17.85
N ASP A 314 -35.37 30.99 -18.35
CA ASP A 314 -34.38 32.00 -17.95
C ASP A 314 -34.63 32.54 -16.54
N HIS A 315 -33.83 32.07 -15.59
CA HIS A 315 -34.00 32.40 -14.19
C HIS A 315 -34.16 33.86 -13.96
N GLN A 316 -33.54 34.66 -14.80
CA GLN A 316 -33.59 36.10 -14.65
C GLN A 316 -34.92 36.67 -15.17
N GLN A 317 -35.44 36.05 -16.21
CA GLN A 317 -36.73 36.44 -16.77
C GLN A 317 -37.87 36.26 -15.74
N ARG A 318 -37.68 35.38 -14.75
CA ARG A 318 -38.75 35.01 -13.80
C ARG A 318 -39.16 36.16 -12.87
N LEU A 319 -40.40 36.11 -12.39
CA LEU A 319 -40.87 37.07 -11.40
C LEU A 319 -39.98 37.02 -10.17
N THR A 320 -39.81 38.15 -9.49
CA THR A 320 -39.14 38.14 -8.21
C THR A 320 -40.13 37.67 -7.21
N ALA A 321 -39.73 37.49 -5.97
CA ALA A 321 -40.73 37.18 -4.97
C ALA A 321 -41.66 38.39 -4.80
N LYS A 322 -41.09 39.61 -4.80
CA LYS A 322 -41.91 40.80 -4.57
C LYS A 322 -42.92 40.99 -5.70
N GLU A 323 -42.43 41.03 -6.94
CA GLU A 323 -43.29 41.31 -8.08
C GLU A 323 -44.46 40.35 -8.10
N ALA A 324 -44.27 39.18 -7.53
CA ALA A 324 -45.32 38.16 -7.51
C ALA A 324 -46.48 38.55 -6.59
N MET A 325 -46.19 39.03 -5.39
CA MET A 325 -47.23 39.49 -4.45
C MET A 325 -48.07 40.64 -5.02
N GLU A 326 -47.61 41.16 -6.16
CA GLU A 326 -48.19 42.29 -6.84
C GLU A 326 -49.10 41.80 -7.96
N HIS A 327 -48.88 40.57 -8.41
CA HIS A 327 -49.71 40.03 -9.49
C HIS A 327 -51.20 40.03 -9.09
N PRO A 328 -52.06 40.38 -10.03
CA PRO A 328 -53.50 40.37 -9.89
C PRO A 328 -54.06 39.16 -9.16
N TYR A 329 -53.54 37.97 -9.48
CA TYR A 329 -53.94 36.71 -8.83
C TYR A 329 -54.21 36.81 -7.32
N PHE A 330 -53.58 37.79 -6.67
CA PHE A 330 -53.64 37.95 -5.23
C PHE A 330 -54.50 39.14 -4.82
N TYR A 331 -55.03 39.86 -5.81
CA TYR A 331 -55.96 40.94 -5.52
C TYR A 331 -57.09 40.45 -4.60
N PRO A 332 -57.61 39.21 -4.82
CA PRO A 332 -58.58 38.72 -3.82
C PRO A 332 -58.02 38.50 -2.41
N VAL A 333 -56.69 38.47 -2.22
CA VAL A 333 -56.12 38.15 -0.91
C VAL A 333 -55.68 39.40 -0.17
N VAL A 334 -55.25 40.38 -0.95
CA VAL A 334 -54.85 41.68 -0.40
C VAL A 334 -56.09 42.40 0.11
N LYS A 335 -57.24 42.16 -0.53
CA LYS A 335 -58.48 42.85 -0.21
C LYS A 335 -58.98 42.49 1.18
N GLU A 336 -58.78 41.24 1.58
CA GLU A 336 -59.28 40.78 2.87
C GLU A 336 -58.18 40.75 3.95
N GLN A 337 -57.12 41.52 3.73
CA GLN A 337 -55.99 41.56 4.65
C GLN A 337 -56.34 42.35 5.92
N SER B 13 25.31 4.18 7.72
CA SER B 13 24.04 3.85 8.35
C SER B 13 23.89 4.42 9.77
N ARG B 14 22.92 5.33 9.92
CA ARG B 14 22.58 6.02 11.17
C ARG B 14 21.08 5.91 11.45
N ALA B 15 20.68 6.04 12.71
CA ALA B 15 19.25 6.11 13.06
C ALA B 15 18.53 7.41 12.60
N ARG B 16 17.26 7.28 12.20
CA ARG B 16 16.38 8.43 11.88
C ARG B 16 16.21 9.32 13.13
N VAL B 17 16.40 8.74 14.32
CA VAL B 17 16.02 9.42 15.56
C VAL B 17 16.90 8.94 16.73
N TYR B 18 16.99 9.76 17.79
CA TYR B 18 17.82 9.47 18.96
C TYR B 18 19.14 8.90 18.51
N ALA B 19 19.90 9.65 17.73
CA ALA B 19 21.07 9.06 17.11
C ALA B 19 22.37 9.20 17.93
N GLU B 20 22.43 10.23 18.78
CA GLU B 20 23.64 10.55 19.52
C GLU B 20 23.31 10.54 20.99
N VAL B 21 22.25 9.81 21.34
CA VAL B 21 21.66 9.91 22.67
C VAL B 21 22.65 9.52 23.76
N ASN B 22 23.56 8.62 23.44
CA ASN B 22 24.56 8.19 24.42
C ASN B 22 25.82 9.05 24.45
N SER B 23 26.23 9.52 23.27
CA SER B 23 27.21 10.58 23.09
C SER B 23 27.08 11.66 24.14
N LEU B 24 25.85 11.99 24.49
CA LEU B 24 25.60 13.18 25.31
C LEU B 24 25.45 12.85 26.80
N ARG B 25 25.54 11.55 27.12
CA ARG B 25 25.48 11.11 28.51
C ARG B 25 26.86 10.72 29.01
N SER B 26 26.97 10.56 30.34
CA SER B 26 28.19 10.13 30.97
C SER B 26 28.50 8.73 30.51
N ARG B 27 29.77 8.43 30.33
CA ARG B 27 30.19 7.11 29.91
C ARG B 27 29.54 6.08 30.82
N GLU B 28 29.46 6.42 32.12
CA GLU B 28 28.89 5.58 33.17
C GLU B 28 27.60 4.91 32.70
N TYR B 29 26.68 5.68 32.15
CA TYR B 29 25.43 5.18 31.54
C TYR B 29 25.55 4.01 30.53
N TRP B 30 26.50 4.08 29.60
CA TRP B 30 26.54 3.10 28.52
C TRP B 30 27.75 2.18 28.61
N ASP B 31 28.62 2.46 29.57
CA ASP B 31 29.74 1.58 29.83
C ASP B 31 29.35 0.56 30.90
N TYR B 32 28.57 -0.43 30.49
CA TYR B 32 28.02 -1.40 31.42
C TYR B 32 29.06 -2.35 31.90
N GLU B 33 30.15 -2.45 31.15
CA GLU B 33 31.26 -3.30 31.57
C GLU B 33 31.85 -2.77 32.89
N ALA B 34 31.67 -1.46 33.10
CA ALA B 34 32.10 -0.77 34.31
C ALA B 34 31.10 -0.87 35.48
N HIS B 35 30.07 -1.71 35.35
CA HIS B 35 28.99 -1.75 36.32
C HIS B 35 29.26 -2.81 37.36
N VAL B 36 28.64 -2.66 38.54
CA VAL B 36 28.81 -3.63 39.63
C VAL B 36 27.56 -3.77 40.47
N PRO B 37 26.84 -4.89 40.29
CA PRO B 37 25.58 -4.99 41.02
C PRO B 37 25.77 -5.22 42.53
N SER B 38 24.78 -4.86 43.32
CA SER B 38 24.80 -5.21 44.73
C SER B 38 23.96 -6.44 44.95
N TRP B 39 24.65 -7.58 44.93
CA TRP B 39 24.05 -8.87 45.12
C TRP B 39 23.53 -9.12 46.55
N GLY B 40 22.21 -9.30 46.65
CA GLY B 40 21.56 -9.51 47.92
C GLY B 40 21.10 -10.95 48.12
N ASN B 41 20.42 -11.20 49.23
CA ASN B 41 20.09 -12.58 49.54
C ASN B 41 18.86 -13.10 48.79
N GLN B 42 18.96 -14.31 48.24
CA GLN B 42 17.83 -14.98 47.58
C GLN B 42 17.09 -15.87 48.57
N ASP B 43 17.24 -15.55 49.85
CA ASP B 43 16.46 -16.16 50.91
C ASP B 43 15.18 -15.37 51.18
N ASP B 44 15.21 -14.09 50.82
CA ASP B 44 14.04 -13.21 50.97
C ASP B 44 12.95 -13.55 49.97
N TYR B 45 13.30 -14.43 49.04
CA TYR B 45 12.40 -14.85 47.98
C TYR B 45 12.44 -16.36 47.92
N GLN B 46 11.35 -17.01 48.33
CA GLN B 46 11.27 -18.48 48.22
C GLN B 46 10.39 -18.84 47.04
N LEU B 47 10.93 -19.72 46.20
CA LEU B 47 10.28 -20.10 44.95
C LEU B 47 8.92 -20.76 45.20
N VAL B 48 7.88 -19.94 45.24
CA VAL B 48 6.50 -20.41 45.40
C VAL B 48 6.06 -21.31 44.23
N ARG B 49 6.25 -20.84 42.99
CA ARG B 49 5.92 -21.64 41.82
C ARG B 49 6.79 -21.32 40.61
N LYS B 50 6.98 -22.33 39.77
CA LYS B 50 7.77 -22.23 38.54
C LYS B 50 6.93 -21.67 37.38
N LEU B 51 7.53 -20.86 36.50
CA LEU B 51 6.77 -20.22 35.41
C LEU B 51 7.42 -20.19 34.01
N GLY B 52 8.43 -21.04 33.78
CA GLY B 52 9.10 -21.11 32.48
C GLY B 52 9.73 -22.48 32.20
N GLU B 58 15.62 -19.92 33.92
CA GLU B 58 14.24 -20.25 34.20
C GLU B 58 13.69 -19.34 35.27
N VAL B 59 12.37 -19.26 35.37
CA VAL B 59 11.78 -18.22 36.21
C VAL B 59 10.68 -18.73 37.11
N PHE B 60 10.59 -18.15 38.30
CA PHE B 60 9.66 -18.59 39.33
C PHE B 60 8.99 -17.38 39.95
N GLU B 61 7.87 -17.61 40.65
CA GLU B 61 7.22 -16.54 41.42
C GLU B 61 7.66 -16.69 42.88
N ALA B 62 7.59 -15.62 43.66
CA ALA B 62 8.05 -15.70 45.05
C ALA B 62 7.36 -14.68 45.99
N ILE B 63 7.94 -14.47 47.17
CA ILE B 63 7.55 -13.36 48.06
C ILE B 63 7.91 -12.02 47.43
N VAL B 71 6.22 -10.85 42.94
CA VAL B 71 7.65 -10.91 42.62
C VAL B 71 8.05 -12.10 41.72
N VAL B 72 8.82 -11.82 40.67
CA VAL B 72 9.24 -12.86 39.73
C VAL B 72 10.76 -12.92 39.65
N VAL B 73 11.30 -14.12 39.70
CA VAL B 73 12.74 -14.29 39.86
C VAL B 73 13.37 -15.01 38.72
N LYS B 74 14.30 -14.38 38.06
CA LYS B 74 14.88 -15.00 36.87
C LYS B 74 16.31 -15.45 37.14
N ILE B 75 16.54 -16.74 37.22
CA ILE B 75 17.89 -17.20 37.47
C ILE B 75 18.68 -17.01 36.19
N LEU B 76 19.84 -16.38 36.31
CA LEU B 76 20.72 -16.11 35.17
C LEU B 76 21.69 -17.29 35.01
N LYS B 77 21.69 -17.91 33.84
CA LYS B 77 22.23 -19.26 33.68
C LYS B 77 23.74 -19.26 33.38
N PRO B 78 24.28 -20.31 32.69
CA PRO B 78 25.66 -20.04 32.26
C PRO B 78 25.81 -18.98 31.17
N VAL B 79 25.90 -17.71 31.54
CA VAL B 79 26.19 -16.65 30.58
C VAL B 79 27.53 -16.00 30.95
N LYS B 80 28.21 -15.43 29.96
CA LYS B 80 29.44 -14.69 30.23
C LYS B 80 29.14 -13.54 31.17
N LYS B 81 29.99 -13.35 32.17
CA LYS B 81 29.80 -12.32 33.20
C LYS B 81 29.33 -10.95 32.70
N LYS B 82 29.81 -10.53 31.53
CA LYS B 82 29.55 -9.19 31.00
C LYS B 82 28.14 -9.05 30.42
N LYS B 83 27.57 -10.20 30.04
CA LYS B 83 26.19 -10.28 29.62
C LYS B 83 25.28 -9.90 30.79
N ILE B 84 25.59 -10.43 31.97
CA ILE B 84 24.85 -10.10 33.20
C ILE B 84 24.85 -8.59 33.49
N LYS B 85 26.04 -7.98 33.45
CA LYS B 85 26.17 -6.55 33.70
C LYS B 85 25.29 -5.71 32.78
N ARG B 86 25.26 -6.05 31.48
CA ARG B 86 24.46 -5.34 30.49
C ARG B 86 22.99 -5.37 30.85
N GLU B 87 22.44 -6.55 31.09
CA GLU B 87 21.01 -6.62 31.37
C GLU B 87 20.68 -5.74 32.55
N VAL B 88 21.44 -5.94 33.65
CA VAL B 88 21.27 -5.16 34.87
C VAL B 88 21.47 -3.65 34.68
N LYS B 89 22.44 -3.29 33.85
CA LYS B 89 22.71 -1.87 33.68
C LYS B 89 21.53 -1.28 32.94
N ILE B 90 21.18 -1.91 31.84
CA ILE B 90 20.12 -1.40 31.00
C ILE B 90 18.82 -1.28 31.80
N LEU B 91 18.55 -2.33 32.58
CA LEU B 91 17.35 -2.40 33.38
C LEU B 91 17.31 -1.35 34.48
N GLU B 92 18.47 -0.82 34.83
CA GLU B 92 18.50 0.22 35.85
C GLU B 92 18.24 1.58 35.19
N ASN B 93 18.71 1.72 33.95
CA ASN B 93 18.50 2.99 33.24
C ASN B 93 17.06 3.14 32.71
N LEU B 94 16.41 2.02 32.41
CA LEU B 94 15.03 2.08 31.96
C LEU B 94 14.04 2.12 33.13
N ARG B 95 14.54 1.98 34.36
CA ARG B 95 13.68 1.92 35.55
C ARG B 95 12.90 3.20 35.71
N GLY B 96 11.57 3.07 35.78
CA GLY B 96 10.72 4.23 35.79
C GLY B 96 10.47 4.63 34.35
N GLY B 97 10.09 3.65 33.54
CA GLY B 97 9.76 3.89 32.15
C GLY B 97 8.36 3.41 31.87
N THR B 98 7.67 4.12 30.98
CA THR B 98 6.28 3.80 30.65
C THR B 98 6.17 2.42 30.06
N ASN B 99 5.55 1.51 30.83
CA ASN B 99 5.29 0.12 30.42
C ASN B 99 6.57 -0.74 30.29
N ILE B 100 7.69 -0.25 30.83
CA ILE B 100 8.87 -1.10 30.97
C ILE B 100 8.82 -1.80 32.33
N ILE B 101 9.12 -3.10 32.33
CA ILE B 101 9.04 -3.93 33.53
C ILE B 101 9.93 -3.39 34.65
N LYS B 102 9.44 -3.46 35.90
CA LYS B 102 10.20 -2.89 37.00
C LYS B 102 11.16 -3.88 37.64
N LEU B 103 12.44 -3.56 37.64
CA LEU B 103 13.42 -4.34 38.39
C LEU B 103 13.48 -3.86 39.85
N ILE B 104 13.10 -4.73 40.79
CA ILE B 104 13.08 -4.40 42.24
C ILE B 104 14.46 -4.44 42.92
N ASP B 105 15.27 -5.47 42.60
CA ASP B 105 16.72 -5.51 42.89
C ASP B 105 17.32 -6.86 42.54
N THR B 106 18.64 -6.88 42.38
CA THR B 106 19.44 -8.03 41.95
C THR B 106 19.92 -8.90 43.10
N VAL B 107 19.71 -10.21 43.02
CA VAL B 107 20.11 -11.09 44.14
C VAL B 107 21.01 -12.23 43.71
N LYS B 108 21.24 -13.12 44.65
CA LYS B 108 22.19 -14.18 44.50
C LYS B 108 21.94 -15.10 45.68
N ASP B 109 21.75 -16.38 45.40
CA ASP B 109 21.43 -17.31 46.46
C ASP B 109 22.72 -17.69 47.17
N PRO B 110 22.65 -17.85 48.50
CA PRO B 110 23.85 -18.04 49.32
C PRO B 110 24.63 -19.27 48.91
N VAL B 111 23.93 -20.37 48.63
CA VAL B 111 24.60 -21.64 48.44
C VAL B 111 25.08 -21.85 47.00
N SER B 112 24.23 -21.65 46.00
CA SER B 112 24.65 -21.89 44.63
C SER B 112 25.51 -20.73 44.13
N LYS B 113 25.23 -19.54 44.66
CA LYS B 113 26.02 -18.34 44.39
C LYS B 113 25.84 -17.82 42.97
N THR B 114 24.63 -17.95 42.44
CA THR B 114 24.39 -17.62 41.04
C THR B 114 23.51 -16.39 40.92
N PRO B 115 23.67 -15.62 39.83
CA PRO B 115 22.97 -14.35 39.76
C PRO B 115 21.52 -14.53 39.33
N ALA B 116 20.65 -13.63 39.79
CA ALA B 116 19.22 -13.78 39.59
C ALA B 116 18.50 -12.44 39.75
N LEU B 117 17.74 -12.07 38.73
CA LEU B 117 17.00 -10.82 38.75
C LEU B 117 15.59 -11.07 39.30
N VAL B 118 14.97 -9.99 39.75
CA VAL B 118 13.73 -10.00 40.50
C VAL B 118 12.85 -8.88 39.95
N PHE B 119 11.62 -9.18 39.54
CA PHE B 119 10.82 -8.15 38.85
C PHE B 119 9.46 -7.88 39.47
N GLU B 120 8.90 -6.76 39.04
CA GLU B 120 7.60 -6.21 39.42
C GLU B 120 6.46 -7.22 39.57
N TYR B 121 6.49 -8.26 38.74
CA TYR B 121 5.39 -9.25 38.62
C TYR B 121 4.12 -8.69 38.00
N ILE B 122 3.78 -9.25 36.85
CA ILE B 122 2.56 -8.95 36.12
C ILE B 122 1.76 -10.23 35.93
N ASN B 123 0.53 -10.24 36.42
CA ASN B 123 -0.36 -11.36 36.17
C ASN B 123 -0.83 -11.37 34.72
N ASN B 124 -0.26 -12.27 33.92
CA ASN B 124 -0.40 -12.13 32.48
C ASN B 124 -1.27 -13.22 31.84
N THR B 125 -1.70 -12.93 30.62
CA THR B 125 -2.41 -13.87 29.77
C THR B 125 -1.52 -14.23 28.58
N ASP B 126 -1.33 -15.52 28.33
CA ASP B 126 -0.61 -15.97 27.16
C ASP B 126 -1.32 -15.42 25.93
N PHE B 127 -0.54 -14.90 24.99
CA PHE B 127 -1.03 -14.22 23.81
C PHE B 127 -1.94 -15.11 22.99
N LYS B 128 -1.56 -16.37 22.85
CA LYS B 128 -2.34 -17.31 22.06
C LYS B 128 -3.80 -17.45 22.55
N GLN B 129 -4.01 -17.32 23.86
CA GLN B 129 -5.36 -17.32 24.40
C GLN B 129 -6.03 -15.95 24.21
N LEU B 130 -5.25 -14.90 24.47
CA LEU B 130 -5.68 -13.50 24.43
C LEU B 130 -5.75 -12.86 23.03
N TYR B 131 -4.82 -13.22 22.15
CA TYR B 131 -4.74 -12.62 20.80
C TYR B 131 -5.92 -12.97 19.92
N GLN B 132 -6.74 -13.93 20.35
CA GLN B 132 -7.87 -14.32 19.52
C GLN B 132 -9.20 -13.91 20.14
N ILE B 133 -9.12 -13.20 21.27
CA ILE B 133 -10.31 -12.59 21.85
C ILE B 133 -10.15 -11.06 21.86
N LEU B 134 -9.15 -10.59 21.12
CA LEU B 134 -8.86 -9.17 21.08
C LEU B 134 -9.74 -8.44 20.08
N THR B 135 -10.36 -7.35 20.53
CA THR B 135 -11.20 -6.50 19.68
C THR B 135 -10.35 -5.49 18.91
N ASP B 136 -10.84 -4.98 17.78
CA ASP B 136 -10.12 -3.95 17.00
C ASP B 136 -9.57 -2.85 17.91
N PHE B 137 -10.28 -2.53 18.99
CA PHE B 137 -9.86 -1.44 19.87
C PHE B 137 -8.74 -1.88 20.78
N ASP B 138 -8.86 -3.10 21.26
CA ASP B 138 -7.84 -3.68 22.12
C ASP B 138 -6.52 -3.84 21.38
N ILE B 139 -6.59 -4.21 20.10
CA ILE B 139 -5.39 -4.43 19.35
C ILE B 139 -4.55 -3.18 19.32
N ARG B 140 -5.17 -2.07 18.98
CA ARG B 140 -4.44 -0.82 18.88
C ARG B 140 -4.18 -0.24 20.26
N PHE B 141 -4.92 -0.67 21.27
CA PHE B 141 -4.67 -0.16 22.60
C PHE B 141 -3.37 -0.65 23.21
N TYR B 142 -3.10 -1.95 23.07
CA TYR B 142 -1.87 -2.55 23.58
C TYR B 142 -0.69 -2.18 22.70
N MET B 143 -0.93 -2.12 21.38
CA MET B 143 0.07 -1.68 20.43
C MET B 143 0.58 -0.27 20.70
N TYR B 144 -0.31 0.60 21.21
CA TYR B 144 0.09 1.89 21.77
C TYR B 144 1.01 1.74 22.99
N GLU B 145 0.64 0.89 23.95
CA GLU B 145 1.44 0.80 25.18
C GLU B 145 2.85 0.31 24.86
N LEU B 146 2.92 -0.68 23.97
CA LEU B 146 4.18 -1.27 23.52
C LEU B 146 5.04 -0.28 22.71
N LEU B 147 4.42 0.60 21.94
CA LEU B 147 5.19 1.70 21.37
C LEU B 147 5.65 2.63 22.49
N LYS B 148 4.73 2.91 23.41
CA LYS B 148 5.05 3.78 24.53
C LYS B 148 6.34 3.28 25.17
N ALA B 149 6.43 1.99 25.46
CA ALA B 149 7.71 1.38 25.90
C ALA B 149 8.84 1.51 24.87
N LEU B 150 8.54 1.20 23.60
CA LEU B 150 9.61 1.10 22.61
C LEU B 150 10.26 2.46 22.50
N ASP B 151 9.41 3.47 22.52
CA ASP B 151 9.84 4.83 22.30
C ASP B 151 10.66 5.30 23.45
N TYR B 152 10.33 4.78 24.62
CA TYR B 152 10.98 5.20 25.85
C TYR B 152 12.40 4.70 25.89
N CYS B 153 12.64 3.47 25.45
CA CYS B 153 13.99 2.90 25.56
C CYS B 153 14.84 3.35 24.39
N HIS B 154 14.18 3.61 23.27
CA HIS B 154 14.82 4.22 22.09
C HIS B 154 15.39 5.60 22.47
N SER B 155 14.63 6.30 23.32
CA SER B 155 14.97 7.59 23.94
C SER B 155 16.12 7.46 24.91
N LYS B 156 16.46 6.23 25.22
CA LYS B 156 17.54 5.96 26.11
C LYS B 156 18.66 5.24 25.36
N GLY B 157 18.73 5.39 24.04
CA GLY B 157 19.77 4.77 23.23
C GLY B 157 20.06 3.29 23.51
N ILE B 158 18.98 2.52 23.58
CA ILE B 158 19.00 1.14 23.93
C ILE B 158 18.01 0.49 23.04
N MET B 159 18.43 -0.52 22.28
CA MET B 159 17.51 -1.22 21.39
C MET B 159 17.27 -2.61 21.95
N HIS B 160 15.99 -3.00 22.00
CA HIS B 160 15.50 -4.19 22.71
C HIS B 160 16.00 -5.53 22.14
N ARG B 161 16.02 -5.60 20.81
CA ARG B 161 16.63 -6.70 20.08
C ARG B 161 15.84 -8.01 20.16
N ASP B 162 14.70 -8.01 20.86
CA ASP B 162 13.93 -9.25 21.08
C ASP B 162 12.45 -9.00 21.33
N VAL B 163 11.80 -8.29 20.42
CA VAL B 163 10.37 -8.03 20.56
C VAL B 163 9.60 -9.10 19.87
N LYS B 164 9.14 -10.06 20.68
CA LYS B 164 8.30 -11.16 20.22
C LYS B 164 7.07 -11.18 21.15
N PRO B 165 5.94 -11.77 20.67
CA PRO B 165 4.69 -11.87 21.43
C PRO B 165 4.85 -12.36 22.88
N HIS B 166 5.89 -13.15 23.19
CA HIS B 166 6.07 -13.70 24.54
C HIS B 166 6.81 -12.78 25.53
N ASN B 167 7.46 -11.74 25.03
CA ASN B 167 8.16 -10.81 25.92
C ASN B 167 7.31 -9.58 26.23
N VAL B 168 6.03 -9.68 25.90
CA VAL B 168 5.07 -8.59 26.11
C VAL B 168 3.95 -9.05 27.04
N MET B 169 3.87 -8.48 28.23
CA MET B 169 2.93 -9.00 29.21
C MET B 169 1.67 -8.13 29.32
N ILE B 170 0.52 -8.77 29.16
CA ILE B 170 -0.75 -8.10 29.25
C ILE B 170 -1.58 -8.63 30.41
N ASP B 171 -2.35 -7.75 31.03
CA ASP B 171 -3.26 -8.15 32.09
C ASP B 171 -4.65 -7.62 31.74
N HIS B 172 -5.33 -8.31 30.83
CA HIS B 172 -6.51 -7.78 30.15
C HIS B 172 -7.56 -7.25 31.11
N GLN B 173 -7.58 -7.78 32.32
CA GLN B 173 -8.51 -7.31 33.34
C GLN B 173 -8.08 -5.93 33.81
N GLN B 174 -6.81 -5.79 34.14
CA GLN B 174 -6.27 -4.48 34.51
C GLN B 174 -5.86 -3.65 33.29
N LYS B 175 -5.86 -4.29 32.12
CA LYS B 175 -5.39 -3.69 30.86
C LYS B 175 -4.03 -3.02 31.05
N LYS B 176 -3.07 -3.84 31.46
CA LYS B 176 -1.71 -3.39 31.76
C LYS B 176 -0.75 -4.00 30.78
N LEU B 177 0.39 -3.35 30.54
CA LEU B 177 1.42 -3.92 29.66
C LEU B 177 2.81 -3.69 30.20
N ARG B 178 3.64 -4.74 30.08
CA ARG B 178 5.06 -4.64 30.36
C ARG B 178 5.84 -5.36 29.26
N LEU B 179 6.93 -4.73 28.80
CA LEU B 179 7.85 -5.37 27.86
C LEU B 179 9.02 -5.92 28.66
N ILE B 180 9.29 -7.22 28.53
CA ILE B 180 10.21 -7.95 29.41
C ILE B 180 11.41 -8.56 28.67
N ASP B 181 12.32 -9.15 29.43
CA ASP B 181 13.54 -9.81 28.92
C ASP B 181 14.38 -8.93 28.04
N TRP B 182 15.40 -8.31 28.62
CA TRP B 182 16.27 -7.43 27.85
C TRP B 182 17.70 -8.03 27.79
N GLY B 183 17.74 -9.36 27.83
CA GLY B 183 18.99 -10.07 27.86
C GLY B 183 19.75 -9.80 26.59
N LEU B 184 19.02 -9.46 25.55
CA LEU B 184 19.68 -9.15 24.28
C LEU B 184 19.75 -7.63 24.04
N ALA B 185 18.94 -6.86 24.76
CA ALA B 185 18.94 -5.39 24.63
C ALA B 185 20.35 -4.85 24.80
N GLU B 186 20.67 -3.81 24.03
CA GLU B 186 22.01 -3.23 23.96
C GLU B 186 21.91 -1.72 23.77
N PHE B 187 22.91 -0.97 24.23
CA PHE B 187 23.02 0.48 23.99
C PHE B 187 23.35 0.77 22.51
N TYR B 188 22.87 1.89 22.00
CA TYR B 188 23.19 2.26 20.62
C TYR B 188 24.24 3.34 20.57
N HIS B 189 25.37 3.00 19.94
CA HIS B 189 26.34 4.00 19.52
C HIS B 189 26.42 3.90 18.03
N PRO B 190 26.39 5.04 17.34
CA PRO B 190 26.23 4.97 15.87
C PRO B 190 27.45 4.35 15.18
N ALA B 191 27.26 3.82 13.98
CA ALA B 191 28.33 3.22 13.18
C ALA B 191 28.87 1.89 13.73
N GLN B 192 28.49 1.59 14.97
CA GLN B 192 28.79 0.33 15.64
C GLN B 192 28.21 -0.85 14.83
N GLU B 193 28.92 -1.98 14.85
CA GLU B 193 28.39 -3.25 14.35
C GLU B 193 27.96 -4.18 15.50
N TYR B 194 26.82 -4.83 15.32
CA TYR B 194 26.27 -5.71 16.34
C TYR B 194 26.04 -7.11 15.80
N ASN B 195 26.17 -8.09 16.67
CA ASN B 195 25.94 -9.48 16.29
C ASN B 195 24.53 -9.76 15.83
N VAL B 196 24.42 -10.30 14.62
CA VAL B 196 23.12 -10.56 14.02
C VAL B 196 22.46 -11.83 14.56
N ARG B 197 23.05 -12.48 15.55
CA ARG B 197 22.40 -13.64 16.14
C ARG B 197 21.46 -13.23 17.29
N VAL B 198 20.43 -12.45 16.96
CA VAL B 198 19.50 -11.98 17.99
C VAL B 198 18.05 -12.07 17.50
N ALA B 199 17.12 -11.93 18.44
CA ALA B 199 15.68 -12.06 18.20
C ALA B 199 15.26 -13.47 17.74
N SER B 200 13.96 -13.75 17.90
CA SER B 200 13.35 -14.99 17.40
C SER B 200 13.25 -15.00 15.89
N ARG B 201 13.31 -16.18 15.28
CA ARG B 201 13.40 -16.30 13.82
C ARG B 201 12.37 -15.46 13.11
N TYR B 202 11.11 -15.59 13.54
CA TYR B 202 9.97 -14.98 12.87
C TYR B 202 9.99 -13.47 12.97
N PHE B 203 10.73 -12.95 13.93
CA PHE B 203 10.61 -11.53 14.27
C PHE B 203 11.83 -10.76 13.95
N LYS B 204 12.87 -11.50 13.62
CA LYS B 204 14.05 -10.97 13.00
C LYS B 204 13.60 -10.03 11.88
N GLY B 205 14.36 -8.96 11.67
CA GLY B 205 14.08 -8.06 10.56
C GLY B 205 15.05 -8.42 9.46
N PRO B 206 14.80 -7.90 8.25
CA PRO B 206 15.61 -8.14 7.06
C PRO B 206 17.11 -7.82 7.26
N GLU B 207 17.43 -6.93 8.21
CA GLU B 207 18.83 -6.52 8.44
C GLU B 207 19.64 -7.70 8.95
N LEU B 208 19.19 -8.34 10.02
CA LEU B 208 19.69 -9.66 10.35
C LEU B 208 19.19 -10.56 9.22
N LEU B 209 19.41 -11.86 9.26
CA LEU B 209 19.04 -12.72 8.13
C LEU B 209 19.97 -12.44 6.96
N VAL B 210 20.05 -11.19 6.54
CA VAL B 210 20.91 -10.85 5.43
C VAL B 210 22.35 -10.51 5.88
N ASP B 211 22.63 -10.74 7.17
CA ASP B 211 23.95 -10.51 7.78
C ASP B 211 24.42 -9.07 7.65
N TYR B 212 23.74 -8.16 8.34
CA TYR B 212 24.10 -6.75 8.30
C TYR B 212 24.16 -6.19 9.71
N GLN B 213 25.37 -5.86 10.15
CA GLN B 213 25.63 -5.56 11.57
C GLN B 213 25.36 -4.13 12.00
N MET B 214 25.49 -3.19 11.09
CA MET B 214 25.30 -1.81 11.47
C MET B 214 23.83 -1.50 11.53
N TYR B 215 23.12 -2.20 12.40
CA TYR B 215 21.70 -1.93 12.52
C TYR B 215 21.47 -0.95 13.67
N ASP B 216 20.20 -0.65 13.97
CA ASP B 216 19.82 0.27 15.05
C ASP B 216 18.44 -0.05 15.56
N TYR B 217 17.83 0.95 16.22
CA TYR B 217 16.48 0.86 16.79
C TYR B 217 15.36 0.44 15.85
N SER B 218 15.49 0.75 14.57
CA SER B 218 14.44 0.37 13.63
C SER B 218 14.40 -1.15 13.35
N LEU B 219 15.02 -1.93 14.23
CA LEU B 219 14.98 -3.36 14.18
C LEU B 219 13.77 -3.83 14.99
N ASP B 220 13.51 -3.10 16.09
CA ASP B 220 12.33 -3.33 16.93
C ASP B 220 11.08 -3.03 16.09
N MET B 221 11.24 -2.12 15.15
CA MET B 221 10.12 -1.63 14.36
C MET B 221 9.68 -2.69 13.42
N TRP B 222 10.64 -3.49 12.98
CA TRP B 222 10.31 -4.64 12.18
C TRP B 222 9.51 -5.57 13.06
N SER B 223 10.02 -5.74 14.28
CA SER B 223 9.39 -6.61 15.29
C SER B 223 7.96 -6.25 15.66
N LEU B 224 7.78 -5.00 16.07
CA LEU B 224 6.47 -4.45 16.39
C LEU B 224 5.47 -4.64 15.27
N GLY B 225 5.92 -4.33 14.06
CA GLY B 225 5.13 -4.50 12.86
C GLY B 225 4.79 -5.96 12.69
N CYS B 226 5.74 -6.81 12.98
CA CYS B 226 5.48 -8.25 12.93
C CYS B 226 4.34 -8.63 13.87
N MET B 227 4.37 -8.12 15.09
CA MET B 227 3.31 -8.41 16.01
C MET B 227 2.01 -7.81 15.49
N LEU B 228 2.10 -6.56 15.02
CA LEU B 228 0.95 -5.83 14.52
C LEU B 228 0.17 -6.69 13.55
N ALA B 229 0.83 -7.09 12.45
CA ALA B 229 0.26 -7.98 11.44
C ALA B 229 -0.32 -9.27 12.04
N SER B 230 0.25 -9.79 13.12
CA SER B 230 -0.24 -11.03 13.72
C SER B 230 -1.69 -10.90 14.19
N MET B 231 -2.01 -9.78 14.82
CA MET B 231 -3.29 -9.65 15.51
C MET B 231 -4.39 -9.04 14.62
N ILE B 232 -3.99 -8.36 13.55
CA ILE B 232 -5.01 -7.90 12.64
C ILE B 232 -5.25 -8.97 11.57
N PHE B 233 -4.32 -9.89 11.40
CA PHE B 233 -4.51 -10.85 10.33
C PHE B 233 -4.77 -12.22 10.91
N ARG B 234 -4.70 -12.32 12.22
CA ARG B 234 -4.97 -13.57 12.93
C ARG B 234 -4.09 -14.71 12.39
N ARG B 235 -2.96 -14.33 11.80
CA ARG B 235 -1.97 -15.27 11.34
C ARG B 235 -0.69 -15.05 12.16
N GLU B 236 -0.51 -15.89 13.18
CA GLU B 236 0.57 -15.70 14.14
C GLU B 236 1.42 -16.94 14.27
N PRO B 237 2.73 -16.82 14.09
CA PRO B 237 3.48 -15.75 13.42
C PRO B 237 2.98 -15.46 12.00
N PHE B 238 3.32 -14.30 11.46
CA PHE B 238 2.84 -13.95 10.14
C PHE B 238 3.85 -14.40 9.11
N PHE B 239 5.12 -14.15 9.41
CA PHE B 239 6.25 -14.64 8.63
C PHE B 239 6.77 -15.92 9.28
N HIS B 240 6.55 -17.05 8.61
CA HIS B 240 6.86 -18.34 9.19
C HIS B 240 7.88 -19.08 8.36
N GLY B 241 9.15 -18.75 8.57
CA GLY B 241 10.24 -19.46 7.91
C GLY B 241 10.48 -20.82 8.56
N GLN B 242 10.81 -21.81 7.73
CA GLN B 242 11.09 -23.13 8.28
C GLN B 242 12.53 -23.18 8.80
N ASP B 243 13.39 -22.35 8.22
CA ASP B 243 14.71 -22.04 8.81
C ASP B 243 14.98 -20.56 8.67
N ASN B 244 16.12 -20.09 9.17
CA ASN B 244 16.41 -18.65 9.09
C ASN B 244 16.64 -18.19 7.65
N TYR B 245 16.91 -19.14 6.77
CA TYR B 245 16.95 -18.82 5.35
C TYR B 245 15.54 -18.58 4.81
N ASP B 246 14.60 -19.42 5.25
CA ASP B 246 13.22 -19.38 4.82
C ASP B 246 12.52 -18.13 5.36
N GLN B 247 12.97 -17.70 6.52
CA GLN B 247 12.45 -16.53 7.17
C GLN B 247 12.57 -15.28 6.29
N LEU B 248 13.54 -15.25 5.38
CA LEU B 248 13.68 -14.14 4.44
C LEU B 248 12.82 -14.39 3.22
N VAL B 249 12.74 -15.64 2.81
CA VAL B 249 11.94 -16.06 1.67
C VAL B 249 10.47 -15.81 1.95
N ARG B 250 10.10 -15.99 3.20
CA ARG B 250 8.74 -15.70 3.62
C ARG B 250 8.44 -14.23 3.42
N ILE B 251 9.28 -13.37 4.00
CA ILE B 251 9.11 -11.93 3.85
C ILE B 251 9.10 -11.52 2.38
N ALA B 252 9.85 -12.24 1.56
CA ALA B 252 9.97 -11.86 0.14
C ALA B 252 8.67 -12.10 -0.61
N LYS B 253 7.99 -13.19 -0.27
CA LYS B 253 6.76 -13.55 -0.97
C LYS B 253 5.69 -12.52 -0.72
N VAL B 254 5.82 -11.73 0.33
CA VAL B 254 4.88 -10.66 0.52
C VAL B 254 5.47 -9.37 -0.04
N LEU B 255 6.65 -8.99 0.42
CA LEU B 255 7.15 -7.65 0.13
C LEU B 255 7.79 -7.45 -1.26
N GLY B 256 8.09 -8.55 -1.93
CA GLY B 256 8.63 -8.48 -3.27
C GLY B 256 10.14 -8.63 -3.33
N THR B 257 10.62 -9.57 -4.14
CA THR B 257 12.05 -9.72 -4.34
C THR B 257 12.73 -8.47 -4.93
N GLU B 258 12.02 -7.71 -5.76
CA GLU B 258 12.57 -6.48 -6.34
C GLU B 258 12.91 -5.47 -5.24
N GLU B 259 11.94 -5.25 -4.37
CA GLU B 259 12.10 -4.27 -3.30
C GLU B 259 13.21 -4.70 -2.37
N LEU B 260 13.55 -5.98 -2.40
CA LEU B 260 14.64 -6.55 -1.56
C LEU B 260 16.03 -6.30 -2.11
N TYR B 261 16.17 -6.54 -3.41
CA TYR B 261 17.46 -6.46 -4.07
C TYR B 261 17.94 -5.01 -4.08
N GLY B 262 16.97 -4.10 -4.17
CA GLY B 262 17.24 -2.68 -4.18
C GLY B 262 17.76 -2.21 -2.83
N TYR B 263 17.18 -2.76 -1.76
CA TYR B 263 17.59 -2.54 -0.36
C TYR B 263 19.01 -3.02 -0.08
N LEU B 264 19.30 -4.19 -0.63
CA LEU B 264 20.63 -4.77 -0.59
C LEU B 264 21.69 -3.86 -1.25
N LYS B 265 21.36 -3.29 -2.40
CA LYS B 265 22.31 -2.44 -3.08
C LYS B 265 22.63 -1.23 -2.23
N LYS B 266 21.58 -0.59 -1.71
CA LYS B 266 21.69 0.66 -0.96
C LYS B 266 22.72 0.60 0.15
N TYR B 267 22.84 -0.58 0.75
CA TYR B 267 23.69 -0.74 1.91
C TYR B 267 24.85 -1.67 1.60
N HIS B 268 25.05 -1.89 0.30
CA HIS B 268 26.17 -2.67 -0.22
C HIS B 268 26.32 -3.97 0.56
N ILE B 269 25.23 -4.73 0.63
CA ILE B 269 25.22 -5.99 1.36
C ILE B 269 25.36 -7.18 0.42
N ASP B 270 26.49 -7.87 0.55
CA ASP B 270 26.75 -9.08 -0.20
C ASP B 270 25.79 -10.16 0.28
N LEU B 271 24.94 -10.66 -0.61
CA LEU B 271 23.96 -11.68 -0.24
C LEU B 271 24.60 -13.06 -0.18
N ASP B 272 24.34 -13.78 0.92
CA ASP B 272 24.86 -15.13 1.14
C ASP B 272 24.56 -16.02 -0.05
N PRO B 273 25.42 -17.01 -0.30
CA PRO B 273 25.22 -17.74 -1.55
C PRO B 273 24.08 -18.76 -1.46
N HIS B 274 23.57 -19.00 -0.27
CA HIS B 274 22.56 -20.05 -0.13
C HIS B 274 21.16 -19.49 -0.47
N PHE B 275 21.02 -18.16 -0.44
CA PHE B 275 19.78 -17.46 -0.80
C PHE B 275 19.57 -17.34 -2.31
N ASN B 276 20.66 -17.23 -3.07
CA ASN B 276 20.56 -16.84 -4.47
C ASN B 276 19.70 -17.77 -5.32
N ASP B 277 19.42 -18.98 -4.82
CA ASP B 277 18.56 -19.89 -5.58
C ASP B 277 17.41 -20.45 -4.73
N ILE B 278 16.86 -19.59 -3.88
CA ILE B 278 15.64 -19.88 -3.12
C ILE B 278 14.80 -18.61 -2.95
N LEU B 279 15.15 -17.56 -3.68
CA LEU B 279 14.37 -16.33 -3.67
C LEU B 279 13.63 -16.18 -4.99
N GLY B 280 14.41 -16.19 -6.07
CA GLY B 280 13.87 -16.00 -7.41
C GLY B 280 13.25 -14.63 -7.60
N GLN B 281 11.96 -14.63 -7.91
CA GLN B 281 11.24 -13.41 -8.18
C GLN B 281 9.91 -13.47 -7.48
N HIS B 282 9.55 -12.35 -6.85
CA HIS B 282 8.25 -12.20 -6.21
C HIS B 282 7.84 -10.74 -6.22
N SER B 283 6.55 -10.54 -6.44
CA SER B 283 5.97 -9.20 -6.45
C SER B 283 5.46 -8.79 -5.08
N ARG B 284 5.30 -7.47 -4.87
CA ARG B 284 4.64 -6.95 -3.67
C ARG B 284 3.14 -7.31 -3.65
N LYS B 285 2.72 -8.11 -2.68
CA LYS B 285 1.29 -8.45 -2.55
C LYS B 285 0.51 -7.27 -1.97
N ARG B 286 -0.81 -7.30 -2.11
CA ARG B 286 -1.66 -6.27 -1.55
C ARG B 286 -2.01 -6.70 -0.12
N TRP B 287 -1.56 -5.98 0.92
CA TRP B 287 -1.81 -6.37 2.33
C TRP B 287 -3.25 -6.85 2.50
N GLU B 288 -4.14 -6.31 1.67
CA GLU B 288 -5.53 -6.72 1.53
C GLU B 288 -5.72 -8.21 1.30
N ASN B 289 -4.71 -8.86 0.73
CA ASN B 289 -4.76 -10.30 0.41
C ASN B 289 -4.82 -11.19 1.63
N PHE B 290 -4.88 -10.57 2.80
CA PHE B 290 -4.72 -11.29 4.03
C PHE B 290 -5.95 -11.15 4.86
N ILE B 291 -6.89 -10.39 4.30
CA ILE B 291 -8.18 -10.21 4.95
C ILE B 291 -9.11 -11.39 4.65
N HIS B 292 -9.85 -11.83 5.67
CA HIS B 292 -10.95 -12.77 5.47
C HIS B 292 -11.99 -12.65 6.61
N SER B 293 -13.19 -13.19 6.36
CA SER B 293 -14.32 -13.20 7.31
C SER B 293 -13.92 -13.12 8.78
N GLU B 294 -12.90 -13.89 9.13
CA GLU B 294 -12.52 -14.07 10.53
C GLU B 294 -11.69 -12.92 11.08
N ASN B 295 -11.00 -12.19 10.19
CA ASN B 295 -10.14 -11.08 10.61
C ASN B 295 -10.63 -9.69 10.16
N ARG B 296 -11.61 -9.65 9.25
CA ARG B 296 -12.08 -8.42 8.61
C ARG B 296 -12.40 -7.29 9.57
N HIS B 297 -12.94 -7.64 10.74
CA HIS B 297 -13.34 -6.66 11.72
C HIS B 297 -12.11 -6.00 12.36
N LEU B 298 -11.06 -6.81 12.49
CA LEU B 298 -9.78 -6.37 13.02
C LEU B 298 -9.06 -5.44 12.07
N VAL B 299 -9.22 -5.67 10.77
CA VAL B 299 -8.53 -4.87 9.74
C VAL B 299 -9.28 -3.63 9.26
N SER B 300 -8.49 -2.63 8.90
CA SER B 300 -8.95 -1.29 8.57
C SER B 300 -7.83 -0.55 7.86
N PRO B 301 -8.18 0.44 7.05
CA PRO B 301 -7.14 0.99 6.16
C PRO B 301 -6.00 1.67 6.92
N GLU B 302 -6.21 1.95 8.20
CA GLU B 302 -5.20 2.61 9.00
C GLU B 302 -4.13 1.59 9.38
N ALA B 303 -4.61 0.41 9.76
CA ALA B 303 -3.77 -0.70 10.13
C ALA B 303 -2.89 -1.01 8.95
N LEU B 304 -3.50 -1.02 7.78
CA LEU B 304 -2.78 -1.40 6.59
C LEU B 304 -1.81 -0.32 6.16
N ASP B 305 -2.13 0.93 6.49
CA ASP B 305 -1.20 2.03 6.27
C ASP B 305 0.01 2.00 7.21
N LEU B 306 -0.26 1.84 8.52
CA LEU B 306 0.80 1.72 9.51
C LEU B 306 1.62 0.46 9.25
N LEU B 307 0.95 -0.65 8.93
CA LEU B 307 1.65 -1.89 8.64
C LEU B 307 2.65 -1.71 7.52
N ASP B 308 2.19 -1.15 6.41
CA ASP B 308 3.07 -0.94 5.28
C ASP B 308 4.26 -0.04 5.65
N LYS B 309 3.99 1.04 6.37
CA LYS B 309 5.04 1.98 6.76
C LYS B 309 6.06 1.36 7.71
N LEU B 310 5.59 0.36 8.47
CA LEU B 310 6.37 -0.32 9.50
C LEU B 310 7.16 -1.54 8.98
N LEU B 311 6.50 -2.41 8.21
CA LEU B 311 7.23 -3.48 7.53
C LEU B 311 7.91 -2.96 6.25
N ARG B 312 9.15 -2.53 6.38
CA ARG B 312 9.91 -2.00 5.26
C ARG B 312 11.28 -2.68 5.24
N TYR B 313 11.72 -3.11 4.05
CA TYR B 313 13.05 -3.69 3.92
C TYR B 313 14.05 -2.71 4.48
N ASP B 314 14.11 -1.53 3.88
CA ASP B 314 15.01 -0.49 4.37
C ASP B 314 14.57 -0.14 5.76
N HIS B 315 15.51 -0.31 6.69
CA HIS B 315 15.24 -0.21 8.09
C HIS B 315 15.12 1.23 8.50
N GLN B 316 15.72 2.11 7.71
CA GLN B 316 15.57 3.57 7.86
C GLN B 316 14.27 4.17 7.25
N GLN B 317 13.68 3.48 6.28
CA GLN B 317 12.40 3.90 5.74
C GLN B 317 11.30 3.77 6.81
N ARG B 318 11.47 2.80 7.71
CA ARG B 318 10.44 2.42 8.72
C ARG B 318 10.09 3.55 9.70
N LEU B 319 8.86 3.49 10.26
CA LEU B 319 8.40 4.45 11.26
C LEU B 319 9.29 4.43 12.51
N THR B 320 9.50 5.57 13.14
CA THR B 320 10.19 5.52 14.43
C THR B 320 9.17 5.16 15.49
N ALA B 321 9.58 4.94 16.72
CA ALA B 321 8.59 4.52 17.70
C ALA B 321 7.61 5.67 17.95
N LYS B 322 8.11 6.90 17.86
CA LYS B 322 7.28 8.06 18.12
C LYS B 322 6.41 8.36 16.91
N GLU B 323 7.01 8.29 15.71
CA GLU B 323 6.29 8.52 14.46
C GLU B 323 5.03 7.66 14.41
N ALA B 324 5.09 6.51 15.09
CA ALA B 324 4.01 5.52 15.05
C ALA B 324 2.83 5.91 15.93
N MET B 325 3.09 6.33 17.16
CA MET B 325 2.01 6.73 18.06
C MET B 325 1.20 7.89 17.51
N GLU B 326 1.72 8.52 16.46
CA GLU B 326 1.06 9.64 15.82
C GLU B 326 0.37 9.21 14.52
N HIS B 327 0.46 7.93 14.18
CA HIS B 327 -0.37 7.43 13.10
C HIS B 327 -1.85 7.50 13.49
N PRO B 328 -2.70 7.79 12.52
CA PRO B 328 -4.17 7.72 12.62
C PRO B 328 -4.68 6.51 13.42
N TYR B 329 -4.19 5.33 13.10
CA TYR B 329 -4.55 4.06 13.75
C TYR B 329 -4.84 4.16 15.25
N PHE B 330 -4.19 5.10 15.95
CA PHE B 330 -4.33 5.22 17.39
C PHE B 330 -5.20 6.41 17.79
N TYR B 331 -5.66 7.17 16.81
CA TYR B 331 -6.57 8.28 17.09
C TYR B 331 -7.71 7.83 18.01
N PRO B 332 -8.29 6.63 17.78
CA PRO B 332 -9.23 6.16 18.79
C PRO B 332 -8.62 5.93 20.17
N VAL B 333 -7.33 5.65 20.22
CA VAL B 333 -6.70 5.25 21.48
C VAL B 333 -6.29 6.49 22.26
N VAL B 334 -5.79 7.50 21.53
CA VAL B 334 -5.36 8.73 22.17
C VAL B 334 -6.55 9.51 22.69
N LYS B 335 -7.69 9.41 22.00
CA LYS B 335 -8.88 10.19 22.33
C LYS B 335 -9.27 9.98 23.78
N GLU B 336 -9.32 8.72 24.19
CA GLU B 336 -9.54 8.42 25.60
C GLU B 336 -8.20 8.15 26.29
N GLN B 337 -7.77 9.06 27.15
CA GLN B 337 -6.63 8.81 28.03
C GLN B 337 -6.76 9.58 29.34
N SER C 13 -11.90 8.93 1.19
CA SER C 13 -11.33 8.03 0.19
C SER C 13 -10.20 8.62 -0.63
N ARG C 14 -9.39 7.70 -1.15
CA ARG C 14 -8.04 7.96 -1.60
C ARG C 14 -7.61 6.91 -2.61
N ALA C 15 -6.51 7.17 -3.29
CA ALA C 15 -6.04 6.31 -4.37
C ALA C 15 -4.87 5.45 -3.87
N ARG C 16 -4.86 4.17 -4.26
CA ARG C 16 -3.77 3.30 -3.79
C ARG C 16 -2.46 3.51 -4.57
N VAL C 17 -2.48 4.40 -5.55
CA VAL C 17 -1.27 4.91 -6.20
C VAL C 17 -1.45 6.37 -6.52
N TYR C 18 -0.31 7.06 -6.71
CA TYR C 18 -0.25 8.48 -7.08
C TYR C 18 -1.14 9.33 -6.23
N ALA C 19 -1.28 8.93 -4.97
CA ALA C 19 -2.23 9.58 -4.08
C ALA C 19 -1.99 11.11 -3.96
N GLU C 20 -0.73 11.52 -3.79
CA GLU C 20 -0.38 12.94 -3.56
C GLU C 20 0.55 13.53 -4.62
N VAL C 21 0.43 13.12 -5.87
CA VAL C 21 1.52 13.37 -6.83
C VAL C 21 1.54 14.80 -7.33
N ASN C 22 0.39 15.47 -7.29
CA ASN C 22 0.31 16.87 -7.72
C ASN C 22 0.86 17.83 -6.68
N SER C 23 0.32 17.74 -5.46
CA SER C 23 0.90 18.32 -4.25
C SER C 23 2.45 18.51 -4.23
N LEU C 24 3.17 17.52 -4.74
CA LEU C 24 4.63 17.53 -4.76
C LEU C 24 5.18 18.29 -5.95
N ARG C 25 4.28 18.66 -6.86
CA ARG C 25 4.67 19.50 -7.96
C ARG C 25 4.28 20.96 -7.74
N SER C 26 4.64 21.79 -8.73
CA SER C 26 4.46 23.23 -8.61
C SER C 26 3.02 23.55 -8.90
N ARG C 27 2.52 24.64 -8.33
CA ARG C 27 1.14 25.07 -8.56
C ARG C 27 0.91 25.22 -10.07
N GLU C 28 1.98 25.67 -10.76
CA GLU C 28 1.95 25.94 -12.21
C GLU C 28 1.46 24.72 -13.00
N TYR C 29 1.77 23.54 -12.46
CA TYR C 29 1.42 22.28 -13.09
C TYR C 29 -0.08 21.99 -13.08
N TRP C 30 -0.66 21.90 -11.90
CA TRP C 30 -2.01 21.37 -11.79
C TRP C 30 -3.07 22.45 -11.83
N ASP C 31 -2.63 23.71 -11.74
CA ASP C 31 -3.54 24.86 -11.76
C ASP C 31 -3.72 25.37 -13.18
N TYR C 32 -4.82 24.96 -13.79
CA TYR C 32 -5.11 25.31 -15.16
C TYR C 32 -5.44 26.79 -15.22
N GLU C 33 -6.50 27.22 -14.54
CA GLU C 33 -7.05 28.58 -14.66
C GLU C 33 -6.04 29.74 -14.62
N ALA C 34 -4.78 29.43 -14.31
CA ALA C 34 -3.72 30.41 -14.32
C ALA C 34 -2.87 30.29 -15.59
N HIS C 35 -3.32 29.49 -16.55
CA HIS C 35 -2.49 29.14 -17.69
C HIS C 35 -2.93 29.84 -18.96
N VAL C 36 -2.26 30.94 -19.27
CA VAL C 36 -2.62 31.74 -20.43
C VAL C 36 -2.04 31.14 -21.70
N PRO C 37 -2.93 30.71 -22.62
CA PRO C 37 -2.34 30.03 -23.78
C PRO C 37 -1.84 31.05 -24.82
N SER C 38 -0.86 30.62 -25.61
CA SER C 38 -0.43 31.42 -26.73
C SER C 38 -1.23 31.04 -27.95
N TRP C 39 -2.21 31.87 -28.30
CA TRP C 39 -3.08 31.55 -29.43
C TRP C 39 -2.44 31.90 -30.78
N GLY C 40 -2.64 31.01 -31.75
CA GLY C 40 -2.04 31.15 -33.07
C GLY C 40 -3.02 31.44 -34.19
N ASN C 41 -2.57 31.24 -35.42
CA ASN C 41 -3.37 31.48 -36.63
C ASN C 41 -3.92 30.16 -37.21
N GLN C 42 -5.24 29.96 -37.16
CA GLN C 42 -5.83 28.70 -37.66
C GLN C 42 -5.64 28.55 -39.17
N ASP C 43 -5.60 29.66 -39.88
CA ASP C 43 -5.02 29.64 -41.20
C ASP C 43 -3.54 29.37 -41.01
N ASP C 44 -3.06 28.34 -41.71
CA ASP C 44 -1.80 27.63 -41.49
C ASP C 44 -2.23 26.19 -41.56
N TYR C 45 -3.45 25.99 -41.07
CA TYR C 45 -4.11 24.70 -41.02
C TYR C 45 -5.41 24.74 -41.81
N GLN C 46 -5.37 24.26 -43.06
CA GLN C 46 -6.55 24.28 -43.92
C GLN C 46 -7.31 22.99 -43.83
N LEU C 47 -8.62 23.08 -43.57
CA LEU C 47 -9.47 21.91 -43.40
C LEU C 47 -9.47 21.06 -44.65
N VAL C 48 -9.16 19.78 -44.48
CA VAL C 48 -9.10 18.86 -45.60
C VAL C 48 -10.37 17.99 -45.61
N ARG C 49 -10.57 17.26 -44.53
CA ARG C 49 -11.72 16.38 -44.37
C ARG C 49 -12.31 16.61 -43.00
N LYS C 50 -13.59 16.28 -42.84
CA LYS C 50 -14.24 16.35 -41.53
C LYS C 50 -14.32 14.98 -40.87
N LEU C 51 -13.88 14.91 -39.61
CA LEU C 51 -14.01 13.71 -38.77
C LEU C 51 -15.05 13.96 -37.69
N GLY C 52 -16.07 13.11 -37.63
CA GLY C 52 -17.11 13.26 -36.62
C GLY C 52 -17.76 14.64 -36.56
N ARG C 53 -18.63 14.81 -35.57
CA ARG C 53 -19.48 15.99 -35.44
C ARG C 53 -19.08 16.90 -34.24
N GLY C 54 -19.92 17.89 -33.94
CA GLY C 54 -19.79 18.69 -32.72
C GLY C 54 -20.98 19.60 -32.49
N GLU C 58 -16.93 19.17 -33.63
CA GLU C 58 -16.57 19.29 -35.05
C GLU C 58 -15.05 19.31 -35.18
N VAL C 59 -14.51 18.17 -35.60
CA VAL C 59 -13.08 18.03 -35.77
C VAL C 59 -12.72 17.75 -37.21
N PHE C 60 -11.73 18.44 -37.75
CA PHE C 60 -11.39 18.27 -39.15
C PHE C 60 -9.95 17.84 -39.32
N GLU C 61 -9.65 17.23 -40.47
CA GLU C 61 -8.25 17.03 -40.86
C GLU C 61 -7.73 18.34 -41.44
N ALA C 62 -6.41 18.43 -41.55
CA ALA C 62 -5.80 19.61 -42.15
C ALA C 62 -4.40 19.35 -42.72
N ILE C 63 -3.74 20.45 -43.07
CA ILE C 63 -2.34 20.49 -43.44
C ILE C 63 -1.70 21.71 -42.78
N ASN C 64 -0.45 21.55 -42.38
CA ASN C 64 0.35 22.71 -41.97
C ASN C 64 1.30 23.16 -43.09
N ILE C 65 0.86 24.17 -43.83
CA ILE C 65 1.61 24.78 -44.93
C ILE C 65 3.04 25.15 -44.54
N THR C 66 3.20 25.56 -43.29
CA THR C 66 4.47 25.90 -42.68
C THR C 66 5.49 24.79 -42.85
N ASN C 67 5.04 23.56 -42.61
CA ASN C 67 5.93 22.42 -42.69
C ASN C 67 5.50 21.46 -43.77
N ASN C 68 4.39 21.78 -44.44
CA ASN C 68 3.72 20.84 -45.34
C ASN C 68 3.36 19.63 -44.49
N GLU C 69 2.82 19.90 -43.30
CA GLU C 69 2.68 18.87 -42.27
C GLU C 69 1.24 18.38 -42.09
N ARG C 70 1.06 17.13 -41.67
CA ARG C 70 -0.30 16.60 -41.50
C ARG C 70 -0.78 16.70 -40.04
N VAL C 71 -1.97 17.27 -39.84
CA VAL C 71 -2.52 17.49 -38.50
C VAL C 71 -4.02 17.20 -38.42
N VAL C 72 -4.54 17.22 -37.20
CA VAL C 72 -5.97 17.16 -36.93
C VAL C 72 -6.40 18.39 -36.14
N VAL C 73 -7.35 19.15 -36.65
CA VAL C 73 -7.73 20.33 -35.87
C VAL C 73 -9.11 20.20 -35.22
N LYS C 74 -9.17 20.28 -33.89
CA LYS C 74 -10.43 20.28 -33.16
C LYS C 74 -10.79 21.67 -32.71
N ILE C 75 -12.00 22.06 -33.07
CA ILE C 75 -12.46 23.41 -32.81
C ILE C 75 -13.37 23.48 -31.59
N LEU C 76 -13.24 24.56 -30.80
CA LEU C 76 -14.11 24.78 -29.64
C LEU C 76 -14.92 26.08 -29.76
N LYS C 80 -17.25 27.88 -21.29
CA LYS C 80 -16.53 28.79 -20.41
C LYS C 80 -15.04 28.62 -20.68
N LYS C 81 -14.23 29.63 -20.35
CA LYS C 81 -12.81 29.53 -20.69
C LYS C 81 -12.09 28.65 -19.70
N LYS C 82 -12.59 28.63 -18.46
CA LYS C 82 -12.00 27.80 -17.40
C LYS C 82 -11.84 26.36 -17.88
N LYS C 83 -12.81 25.90 -18.67
CA LYS C 83 -12.81 24.55 -19.23
C LYS C 83 -11.75 24.37 -20.33
N ILE C 84 -11.41 25.46 -21.01
CA ILE C 84 -10.44 25.44 -22.11
C ILE C 84 -9.01 25.47 -21.61
N LYS C 85 -8.80 26.09 -20.46
CA LYS C 85 -7.47 26.11 -19.88
C LYS C 85 -7.14 24.72 -19.35
N ARG C 86 -8.13 24.09 -18.74
CA ARG C 86 -7.98 22.72 -18.27
C ARG C 86 -7.52 21.79 -19.40
N GLU C 87 -8.07 21.90 -20.60
CA GLU C 87 -7.66 20.96 -21.64
C GLU C 87 -6.32 21.32 -22.28
N VAL C 88 -5.89 22.56 -22.22
CA VAL C 88 -4.55 22.85 -22.72
C VAL C 88 -3.56 22.35 -21.68
N LYS C 89 -3.82 22.67 -20.41
CA LYS C 89 -2.88 22.32 -19.35
C LYS C 89 -2.71 20.80 -19.17
N ILE C 90 -3.81 20.07 -18.99
CA ILE C 90 -3.80 18.60 -19.02
C ILE C 90 -2.93 18.08 -20.15
N LEU C 91 -3.17 18.60 -21.35
CA LEU C 91 -2.52 18.11 -22.58
C LEU C 91 -1.06 18.53 -22.70
N GLU C 92 -0.76 19.77 -22.36
CA GLU C 92 0.63 20.21 -22.37
C GLU C 92 1.39 19.43 -21.28
N ASN C 93 0.73 19.21 -20.13
CA ASN C 93 1.24 18.36 -19.04
C ASN C 93 1.43 16.88 -19.36
N LEU C 94 0.85 16.41 -20.47
CA LEU C 94 0.93 15.01 -20.86
C LEU C 94 1.61 14.83 -22.20
N ARG C 95 2.33 15.86 -22.62
CA ARG C 95 3.17 15.75 -23.80
C ARG C 95 4.30 14.74 -23.54
N GLY C 96 4.63 13.95 -24.54
CA GLY C 96 5.63 12.93 -24.33
C GLY C 96 4.98 11.72 -23.73
N GLY C 97 3.69 11.80 -23.48
CA GLY C 97 2.94 10.66 -23.01
C GLY C 97 2.99 9.48 -23.98
N THR C 98 3.43 8.34 -23.44
CA THR C 98 3.29 7.04 -24.09
C THR C 98 1.84 6.74 -24.48
N ASN C 99 1.55 6.79 -25.77
CA ASN C 99 0.19 6.51 -26.27
C ASN C 99 -0.82 7.61 -25.86
N ILE C 100 -0.32 8.80 -25.55
CA ILE C 100 -1.16 9.99 -25.37
C ILE C 100 -1.15 10.78 -26.68
N ILE C 101 -2.28 11.35 -27.07
CA ILE C 101 -2.32 12.13 -28.29
C ILE C 101 -1.43 13.36 -28.11
N LYS C 102 -0.63 13.67 -29.12
CA LYS C 102 0.30 14.80 -29.01
C LYS C 102 -0.40 16.09 -29.45
N LEU C 103 -0.23 17.15 -28.67
CA LEU C 103 -0.78 18.46 -29.03
C LEU C 103 0.26 19.34 -29.74
N ILE C 104 0.14 19.45 -31.07
CA ILE C 104 1.08 20.25 -31.86
C ILE C 104 0.91 21.73 -31.62
N ASP C 105 -0.33 22.16 -31.42
CA ASP C 105 -0.60 23.59 -31.18
C ASP C 105 -2.02 23.98 -30.78
N THR C 106 -2.13 25.11 -30.07
CA THR C 106 -3.41 25.74 -29.76
C THR C 106 -3.57 27.01 -30.57
N VAL C 107 -4.65 27.10 -31.34
CA VAL C 107 -4.84 28.20 -32.29
C VAL C 107 -6.19 28.93 -32.20
N LYS C 108 -6.34 29.92 -33.07
CA LYS C 108 -7.58 30.70 -33.23
C LYS C 108 -7.76 31.05 -34.72
N ASP C 109 -9.00 31.31 -35.13
CA ASP C 109 -9.29 31.64 -36.53
C ASP C 109 -9.45 33.13 -36.71
N PRO C 110 -8.77 33.70 -37.72
CA PRO C 110 -8.69 35.13 -37.99
C PRO C 110 -10.03 35.88 -37.99
N VAL C 111 -11.04 35.32 -38.64
CA VAL C 111 -12.33 36.03 -38.73
C VAL C 111 -13.25 35.65 -37.57
N SER C 112 -13.13 34.43 -37.08
CA SER C 112 -14.05 33.96 -36.04
C SER C 112 -13.52 34.23 -34.64
N LYS C 113 -12.19 34.14 -34.50
CA LYS C 113 -11.53 34.30 -33.21
C LYS C 113 -12.09 33.29 -32.21
N THR C 114 -11.83 32.01 -32.46
CA THR C 114 -12.35 30.95 -31.60
C THR C 114 -11.22 29.98 -31.25
N PRO C 115 -11.22 29.45 -30.02
CA PRO C 115 -10.17 28.51 -29.63
C PRO C 115 -10.21 27.23 -30.45
N ALA C 116 -9.08 26.55 -30.56
CA ALA C 116 -9.02 25.38 -31.38
C ALA C 116 -7.74 24.63 -31.07
N LEU C 117 -7.77 23.31 -31.19
CA LEU C 117 -6.64 22.50 -30.79
C LEU C 117 -6.05 21.78 -31.99
N VAL C 118 -4.72 21.79 -32.10
CA VAL C 118 -4.05 21.10 -33.21
C VAL C 118 -3.38 19.81 -32.79
N PHE C 119 -3.88 18.66 -33.26
CA PHE C 119 -3.32 17.38 -32.82
C PHE C 119 -2.46 16.68 -33.87
N GLU C 120 -1.89 15.54 -33.51
CA GLU C 120 -1.19 14.69 -34.48
C GLU C 120 -2.19 13.88 -35.31
N TYR C 121 -1.78 13.44 -36.50
CA TYR C 121 -2.67 12.61 -37.32
C TYR C 121 -2.51 11.12 -37.04
N ILE C 122 -3.62 10.48 -36.68
CA ILE C 122 -3.68 9.03 -36.47
C ILE C 122 -4.78 8.45 -37.34
N ASN C 123 -4.41 7.65 -38.32
CA ASN C 123 -5.43 7.00 -39.14
C ASN C 123 -6.13 5.90 -38.38
N ASN C 124 -7.31 6.20 -37.88
CA ASN C 124 -8.06 5.28 -37.05
C ASN C 124 -9.02 4.36 -37.83
N THR C 125 -8.97 3.07 -37.50
CA THR C 125 -10.02 2.13 -37.87
C THR C 125 -11.09 2.13 -36.77
N ASP C 126 -12.35 2.31 -37.15
CA ASP C 126 -13.44 2.34 -36.18
C ASP C 126 -13.56 1.02 -35.44
N PHE C 127 -13.90 1.11 -34.15
CA PHE C 127 -13.89 -0.07 -33.29
C PHE C 127 -14.83 -1.15 -33.81
N LYS C 128 -16.02 -0.73 -34.25
CA LYS C 128 -17.03 -1.66 -34.74
C LYS C 128 -16.52 -2.46 -35.94
N GLN C 129 -15.60 -1.89 -36.69
CA GLN C 129 -14.99 -2.67 -37.75
C GLN C 129 -13.75 -3.38 -37.22
N LEU C 130 -12.94 -2.65 -36.46
CA LEU C 130 -11.67 -3.15 -35.95
C LEU C 130 -11.77 -4.14 -34.76
N TYR C 131 -12.85 -4.11 -33.99
CA TYR C 131 -12.93 -5.03 -32.87
C TYR C 131 -13.41 -6.40 -33.33
N GLN C 132 -13.92 -6.46 -34.55
CA GLN C 132 -14.41 -7.72 -35.12
C GLN C 132 -13.32 -8.51 -35.82
N ILE C 133 -12.22 -7.86 -36.19
CA ILE C 133 -11.10 -8.54 -36.83
C ILE C 133 -9.94 -8.75 -35.86
N LEU C 134 -10.17 -8.48 -34.58
CA LEU C 134 -9.12 -8.54 -33.56
C LEU C 134 -8.84 -9.95 -33.08
N THR C 135 -7.54 -10.28 -32.99
CA THR C 135 -7.08 -11.55 -32.42
C THR C 135 -7.01 -11.49 -30.89
N ASP C 136 -6.89 -12.65 -30.24
CA ASP C 136 -6.75 -12.66 -28.78
C ASP C 136 -5.52 -11.85 -28.44
N PHE C 137 -4.38 -12.21 -29.02
CA PHE C 137 -3.14 -11.48 -28.82
C PHE C 137 -3.30 -9.99 -29.05
N ASP C 138 -4.03 -9.65 -30.11
CA ASP C 138 -4.32 -8.26 -30.39
C ASP C 138 -5.01 -7.56 -29.23
N ILE C 139 -5.91 -8.24 -28.55
CA ILE C 139 -6.69 -7.61 -27.51
C ILE C 139 -5.86 -7.48 -26.24
N ARG C 140 -4.99 -8.46 -25.96
CA ARG C 140 -3.99 -8.30 -24.91
C ARG C 140 -3.03 -7.15 -25.26
N PHE C 141 -2.75 -6.99 -26.54
CA PHE C 141 -1.76 -6.03 -27.01
C PHE C 141 -2.26 -4.61 -26.90
N TYR C 142 -3.42 -4.40 -27.50
CA TYR C 142 -4.03 -3.10 -27.56
C TYR C 142 -4.50 -2.65 -26.20
N MET C 143 -4.96 -3.59 -25.38
CA MET C 143 -5.31 -3.23 -24.02
C MET C 143 -4.07 -2.87 -23.20
N TYR C 144 -2.94 -3.51 -23.51
CA TYR C 144 -1.65 -3.20 -22.88
C TYR C 144 -1.20 -1.77 -23.18
N GLU C 145 -1.16 -1.41 -24.46
CA GLU C 145 -0.86 -0.04 -24.88
C GLU C 145 -1.81 0.97 -24.25
N LEU C 146 -3.09 0.59 -24.16
CA LEU C 146 -4.08 1.40 -23.48
C LEU C 146 -3.69 1.66 -22.02
N LEU C 147 -3.32 0.62 -21.30
CA LEU C 147 -2.89 0.78 -19.91
C LEU C 147 -1.60 1.61 -19.76
N LYS C 148 -0.81 1.68 -20.81
CA LYS C 148 0.44 2.44 -20.79
C LYS C 148 0.12 3.92 -20.80
N ALA C 149 -1.05 4.24 -21.34
CA ALA C 149 -1.55 5.61 -21.37
C ALA C 149 -2.18 5.91 -20.03
N LEU C 150 -3.10 5.06 -19.64
CA LEU C 150 -3.75 5.14 -18.37
C LEU C 150 -2.78 5.16 -17.19
N ASP C 151 -1.77 4.31 -17.21
CA ASP C 151 -0.74 4.41 -16.17
C ASP C 151 0.04 5.72 -16.17
N TYR C 152 0.60 6.09 -17.33
CA TYR C 152 1.40 7.29 -17.47
C TYR C 152 0.62 8.50 -17.01
N CYS C 153 -0.61 8.58 -17.52
CA CYS C 153 -1.53 9.69 -17.30
C CYS C 153 -1.89 9.84 -15.83
N HIS C 154 -2.16 8.70 -15.23
CA HIS C 154 -2.40 8.64 -13.81
C HIS C 154 -1.18 9.17 -13.08
N SER C 155 -0.03 8.59 -13.41
CA SER C 155 1.26 8.96 -12.83
C SER C 155 1.55 10.44 -12.87
N LYS C 156 0.71 11.18 -13.56
CA LYS C 156 0.85 12.61 -13.65
C LYS C 156 -0.32 13.28 -12.92
N GLY C 157 -1.09 12.50 -12.20
CA GLY C 157 -2.12 13.09 -11.35
C GLY C 157 -3.21 13.75 -12.16
N ILE C 158 -3.75 12.93 -13.03
CA ILE C 158 -4.77 13.33 -13.94
C ILE C 158 -5.76 12.18 -14.07
N MET C 159 -7.04 12.53 -14.07
CA MET C 159 -8.10 11.60 -14.44
C MET C 159 -8.56 11.88 -15.87
N HIS C 160 -8.52 10.86 -16.73
CA HIS C 160 -9.10 11.00 -18.04
C HIS C 160 -10.58 11.30 -17.92
N ARG C 161 -11.29 10.33 -17.31
CA ARG C 161 -12.75 10.29 -16.96
C ARG C 161 -13.65 9.88 -18.13
N ASP C 162 -13.27 10.09 -19.40
CA ASP C 162 -14.16 9.69 -20.46
C ASP C 162 -13.51 8.61 -21.33
N VAL C 163 -13.24 7.46 -20.69
CA VAL C 163 -12.59 6.30 -21.32
C VAL C 163 -13.59 5.46 -22.09
N LYS C 164 -13.36 5.33 -23.39
CA LYS C 164 -14.32 4.66 -24.28
C LYS C 164 -13.70 4.43 -25.67
N PRO C 165 -14.12 3.36 -26.40
CA PRO C 165 -13.49 2.94 -27.66
C PRO C 165 -13.52 4.03 -28.71
N HIS C 166 -14.36 5.04 -28.48
CA HIS C 166 -14.34 6.27 -29.24
C HIS C 166 -13.09 7.06 -28.95
N ASN C 167 -12.77 7.25 -27.68
CA ASN C 167 -11.61 8.07 -27.40
C ASN C 167 -10.32 7.27 -27.53
N VAL C 168 -10.41 6.01 -27.94
CA VAL C 168 -9.18 5.26 -28.19
C VAL C 168 -8.94 5.17 -29.68
N MET C 169 -7.96 5.91 -30.17
CA MET C 169 -7.60 5.86 -31.57
C MET C 169 -6.63 4.70 -31.84
N ILE C 170 -6.87 3.96 -32.91
CA ILE C 170 -5.96 2.86 -33.25
C ILE C 170 -5.62 2.77 -34.76
N ASP C 171 -4.33 2.81 -35.08
CA ASP C 171 -3.91 2.54 -36.45
C ASP C 171 -3.40 1.11 -36.59
N HIS C 172 -4.34 0.17 -36.81
CA HIS C 172 -4.08 -1.27 -36.76
C HIS C 172 -2.87 -1.71 -37.59
N GLN C 173 -2.57 -0.93 -38.61
CA GLN C 173 -1.47 -1.19 -39.52
C GLN C 173 -0.15 -1.25 -38.76
N GLN C 174 0.35 -0.09 -38.35
CA GLN C 174 1.59 -0.04 -37.58
C GLN C 174 1.31 0.02 -36.05
N LYS C 175 0.21 -0.60 -35.64
CA LYS C 175 -0.09 -0.90 -34.24
C LYS C 175 0.02 0.28 -33.27
N LYS C 176 -0.10 1.49 -33.80
CA LYS C 176 -0.13 2.70 -32.97
C LYS C 176 -1.46 2.80 -32.25
N LEU C 177 -1.41 3.18 -30.99
CA LEU C 177 -2.63 3.48 -30.25
C LEU C 177 -2.46 4.86 -29.66
N ARG C 178 -3.56 5.61 -29.58
CA ARG C 178 -3.55 6.96 -29.02
C ARG C 178 -4.86 7.23 -28.33
N LEU C 179 -4.82 7.36 -27.02
CA LEU C 179 -5.94 7.87 -26.26
C LEU C 179 -6.16 9.30 -26.77
N ILE C 180 -7.41 9.69 -27.00
CA ILE C 180 -7.73 11.04 -27.43
C ILE C 180 -8.79 11.68 -26.52
N ASP C 181 -9.24 12.87 -26.92
CA ASP C 181 -10.29 13.65 -26.25
C ASP C 181 -10.12 13.91 -24.76
N TRP C 182 -9.32 14.91 -24.43
CA TRP C 182 -9.01 15.16 -23.04
C TRP C 182 -9.88 16.29 -22.47
N GLY C 183 -11.09 16.41 -23.03
CA GLY C 183 -12.01 17.45 -22.62
C GLY C 183 -12.45 17.42 -21.16
N LEU C 184 -12.92 16.26 -20.70
CA LEU C 184 -13.49 16.10 -19.37
C LEU C 184 -12.43 15.85 -18.32
N ALA C 185 -11.24 15.50 -18.78
CA ALA C 185 -10.12 15.18 -17.91
C ALA C 185 -9.84 16.21 -16.78
N GLU C 186 -9.62 15.70 -15.55
CA GLU C 186 -9.31 16.52 -14.36
C GLU C 186 -8.01 16.11 -13.63
N PHE C 187 -7.56 16.95 -12.68
CA PHE C 187 -6.37 16.70 -11.85
C PHE C 187 -6.75 16.08 -10.52
N TYR C 188 -6.07 15.02 -10.10
CA TYR C 188 -6.46 14.40 -8.82
C TYR C 188 -5.96 15.22 -7.63
N HIS C 189 -6.86 15.48 -6.69
CA HIS C 189 -6.48 16.02 -5.40
C HIS C 189 -7.22 15.27 -4.30
N PRO C 190 -6.47 14.64 -3.40
CA PRO C 190 -7.01 13.95 -2.22
C PRO C 190 -8.17 14.67 -1.56
N ALA C 191 -9.33 14.00 -1.60
CA ALA C 191 -10.53 14.34 -0.85
C ALA C 191 -11.31 15.47 -1.50
N GLN C 192 -11.05 15.66 -2.79
CA GLN C 192 -11.87 16.55 -3.61
C GLN C 192 -13.21 15.88 -3.90
N GLU C 193 -14.15 16.66 -4.42
CA GLU C 193 -15.45 16.17 -4.86
C GLU C 193 -15.72 16.59 -6.29
N TYR C 194 -15.73 15.62 -7.19
CA TYR C 194 -15.79 15.89 -8.63
C TYR C 194 -17.20 15.70 -9.20
N ASN C 195 -17.48 16.37 -10.31
CA ASN C 195 -18.80 16.24 -10.88
C ASN C 195 -19.02 14.85 -11.47
N VAL C 196 -20.01 14.14 -10.95
CA VAL C 196 -20.26 12.76 -11.37
C VAL C 196 -20.79 12.66 -12.79
N ARG C 197 -20.92 13.80 -13.47
CA ARG C 197 -21.47 13.83 -14.83
C ARG C 197 -20.42 13.78 -15.93
N VAL C 198 -19.65 12.70 -15.89
CA VAL C 198 -18.54 12.47 -16.80
C VAL C 198 -18.54 11.00 -17.20
N ALA C 199 -17.70 10.68 -18.17
CA ALA C 199 -17.71 9.40 -18.90
C ALA C 199 -19.01 9.23 -19.68
N SER C 200 -18.97 8.42 -20.73
CA SER C 200 -20.16 8.17 -21.50
C SER C 200 -20.91 7.01 -20.84
N ARG C 201 -22.21 6.92 -21.08
CA ARG C 201 -23.15 6.27 -20.14
C ARG C 201 -22.75 4.88 -19.74
N TYR C 202 -22.55 4.01 -20.74
CA TYR C 202 -22.22 2.62 -20.48
C TYR C 202 -20.95 2.47 -19.64
N PHE C 203 -19.91 3.20 -20.05
CA PHE C 203 -18.57 3.14 -19.44
C PHE C 203 -18.43 3.81 -18.09
N LYS C 204 -19.52 4.36 -17.59
CA LYS C 204 -19.54 4.99 -16.28
C LYS C 204 -19.42 3.96 -15.18
N GLY C 205 -18.49 4.21 -14.28
CA GLY C 205 -18.28 3.36 -13.14
C GLY C 205 -19.42 3.48 -12.13
N PRO C 206 -19.65 2.39 -11.38
CA PRO C 206 -20.60 2.31 -10.26
C PRO C 206 -20.59 3.56 -9.40
N GLU C 207 -19.43 4.17 -9.19
CA GLU C 207 -19.30 5.26 -8.22
C GLU C 207 -20.06 6.49 -8.72
N LEU C 208 -20.06 6.64 -10.03
CA LEU C 208 -20.77 7.70 -10.71
C LEU C 208 -22.27 7.58 -10.48
N LEU C 209 -22.82 6.43 -10.86
CA LEU C 209 -24.23 6.17 -10.82
C LEU C 209 -24.86 6.32 -9.44
N VAL C 210 -24.11 6.07 -8.37
CA VAL C 210 -24.74 6.19 -7.06
C VAL C 210 -24.47 7.55 -6.47
N ASP C 211 -24.09 8.49 -7.34
CA ASP C 211 -23.75 9.85 -6.94
C ASP C 211 -22.68 9.86 -5.87
N TYR C 212 -21.41 9.69 -6.26
CA TYR C 212 -20.34 9.73 -5.28
C TYR C 212 -19.09 10.44 -5.80
N GLN C 213 -18.91 11.67 -5.32
CA GLN C 213 -17.90 12.61 -5.77
C GLN C 213 -16.47 12.29 -5.41
N MET C 214 -16.26 11.61 -4.30
CA MET C 214 -14.90 11.41 -3.81
C MET C 214 -14.24 10.22 -4.47
N TYR C 215 -14.09 10.31 -5.79
CA TYR C 215 -13.40 9.29 -6.51
C TYR C 215 -12.06 9.79 -6.99
N ASP C 216 -11.41 9.00 -7.84
CA ASP C 216 -10.08 9.34 -8.40
C ASP C 216 -9.83 8.57 -9.69
N TYR C 217 -8.58 8.12 -9.89
CA TYR C 217 -8.19 7.35 -11.09
C TYR C 217 -8.89 6.01 -11.23
N SER C 218 -9.22 5.37 -10.12
CA SER C 218 -9.94 4.10 -10.14
C SER C 218 -11.10 4.07 -11.15
N LEU C 219 -11.73 5.22 -11.34
CA LEU C 219 -12.79 5.39 -12.33
C LEU C 219 -12.40 4.84 -13.69
N ASP C 220 -11.24 5.28 -14.19
CA ASP C 220 -10.77 4.99 -15.55
C ASP C 220 -10.49 3.50 -15.78
N MET C 221 -10.14 2.81 -14.70
CA MET C 221 -9.96 1.38 -14.78
C MET C 221 -11.27 0.69 -15.04
N TRP C 222 -12.36 1.19 -14.41
CA TRP C 222 -13.68 0.61 -14.64
C TRP C 222 -14.03 0.62 -16.12
N SER C 223 -13.86 1.78 -16.73
CA SER C 223 -14.14 1.93 -18.13
C SER C 223 -13.23 1.04 -18.94
N LEU C 224 -11.96 0.95 -18.55
CA LEU C 224 -11.07 0.03 -19.24
C LEU C 224 -11.61 -1.41 -19.21
N GLY C 225 -11.77 -1.97 -17.99
CA GLY C 225 -12.48 -3.23 -17.77
C GLY C 225 -13.79 -3.48 -18.56
N CYS C 226 -14.73 -2.54 -18.48
CA CYS C 226 -15.85 -2.53 -19.40
C CYS C 226 -15.45 -2.91 -20.81
N MET C 227 -14.38 -2.30 -21.31
CA MET C 227 -13.96 -2.47 -22.70
C MET C 227 -13.37 -3.87 -22.93
N LEU C 228 -12.70 -4.40 -21.92
CA LEU C 228 -12.23 -5.76 -21.96
C LEU C 228 -13.44 -6.68 -22.06
N ALA C 229 -14.45 -6.44 -21.25
CA ALA C 229 -15.67 -7.24 -21.29
C ALA C 229 -16.33 -7.27 -22.68
N SER C 230 -16.17 -6.21 -23.49
CA SER C 230 -16.76 -6.19 -24.83
C SER C 230 -15.85 -6.85 -25.86
N MET C 231 -14.55 -6.63 -25.70
CA MET C 231 -13.58 -7.17 -26.63
C MET C 231 -13.45 -8.71 -26.55
N ILE C 232 -13.51 -9.28 -25.36
CA ILE C 232 -13.37 -10.73 -25.24
C ILE C 232 -14.73 -11.43 -25.44
N PHE C 233 -15.81 -10.82 -24.94
CA PHE C 233 -17.15 -11.43 -25.01
C PHE C 233 -17.93 -11.06 -26.28
N ARG C 234 -17.41 -10.09 -27.03
CA ARG C 234 -18.07 -9.56 -28.21
C ARG C 234 -19.51 -9.04 -27.99
N ARG C 235 -19.86 -8.74 -26.74
CA ARG C 235 -21.07 -7.99 -26.37
C ARG C 235 -20.69 -6.50 -26.24
N GLU C 236 -20.89 -5.69 -27.28
CA GLU C 236 -20.41 -4.30 -27.24
C GLU C 236 -21.51 -3.28 -27.52
N PRO C 237 -21.87 -2.44 -26.52
CA PRO C 237 -21.33 -2.34 -25.16
C PRO C 237 -21.56 -3.57 -24.33
N PHE C 238 -20.93 -3.65 -23.18
CA PHE C 238 -21.19 -4.81 -22.35
C PHE C 238 -22.28 -4.54 -21.32
N PHE C 239 -22.21 -3.41 -20.65
CA PHE C 239 -23.33 -3.04 -19.81
C PHE C 239 -24.13 -2.07 -20.67
N HIS C 240 -25.44 -2.28 -20.76
CA HIS C 240 -26.27 -1.48 -21.67
C HIS C 240 -27.48 -0.92 -20.97
N GLY C 241 -27.29 0.21 -20.29
CA GLY C 241 -28.37 0.87 -19.59
C GLY C 241 -29.21 1.64 -20.58
N GLN C 242 -30.51 1.68 -20.35
CA GLN C 242 -31.38 2.47 -21.20
C GLN C 242 -31.49 3.83 -20.57
N ASP C 243 -31.13 3.87 -19.29
CA ASP C 243 -30.91 5.11 -18.58
C ASP C 243 -29.91 4.89 -17.47
N ASN C 244 -29.43 5.98 -16.87
CA ASN C 244 -28.40 5.90 -15.84
C ASN C 244 -28.85 5.04 -14.67
N TYR C 245 -30.18 4.95 -14.48
CA TYR C 245 -30.75 4.06 -13.46
C TYR C 245 -30.62 2.60 -13.88
N ASP C 246 -30.83 2.35 -15.17
CA ASP C 246 -30.70 1.02 -15.71
C ASP C 246 -29.25 0.55 -15.70
N GLN C 247 -28.38 1.33 -16.32
CA GLN C 247 -26.95 1.11 -16.32
C GLN C 247 -26.36 0.64 -14.96
N LEU C 248 -27.01 0.94 -13.84
CA LEU C 248 -26.54 0.40 -12.57
C LEU C 248 -27.17 -0.97 -12.27
N VAL C 249 -28.42 -1.16 -12.68
CA VAL C 249 -29.06 -2.46 -12.58
C VAL C 249 -28.31 -3.50 -13.45
N ARG C 250 -27.99 -3.10 -14.68
CA ARG C 250 -27.33 -4.00 -15.64
C ARG C 250 -26.02 -4.53 -15.09
N ILE C 251 -25.37 -3.68 -14.29
CA ILE C 251 -24.17 -4.07 -13.54
C ILE C 251 -24.54 -5.02 -12.41
N ALA C 252 -25.65 -4.74 -11.72
CA ALA C 252 -26.03 -5.54 -10.57
C ALA C 252 -26.65 -6.90 -10.94
N LYS C 253 -27.05 -7.06 -12.20
CA LYS C 253 -27.44 -8.36 -12.74
C LYS C 253 -26.21 -9.26 -12.92
N VAL C 254 -25.05 -8.65 -13.14
CA VAL C 254 -23.82 -9.42 -13.33
C VAL C 254 -23.02 -9.57 -12.05
N LEU C 255 -22.80 -8.47 -11.32
CA LEU C 255 -21.91 -8.50 -10.15
C LEU C 255 -22.62 -8.93 -8.88
N GLY C 256 -23.92 -9.16 -8.97
CA GLY C 256 -24.68 -9.47 -7.78
C GLY C 256 -25.23 -8.18 -7.23
N THR C 257 -25.95 -8.26 -6.13
CA THR C 257 -26.46 -7.06 -5.52
C THR C 257 -25.82 -6.93 -4.16
N GLU C 258 -25.65 -8.04 -3.49
CA GLU C 258 -25.28 -7.97 -2.08
C GLU C 258 -23.89 -7.39 -1.87
N GLU C 259 -23.09 -7.43 -2.94
CA GLU C 259 -21.75 -6.88 -2.92
C GLU C 259 -21.83 -5.39 -3.24
N LEU C 260 -23.03 -4.96 -3.66
CA LEU C 260 -23.28 -3.57 -4.02
C LEU C 260 -23.82 -2.82 -2.82
N TYR C 261 -24.44 -3.55 -1.90
CA TYR C 261 -24.87 -2.96 -0.64
C TYR C 261 -23.71 -2.95 0.34
N GLY C 262 -22.77 -3.85 0.08
CA GLY C 262 -21.48 -3.86 0.74
C GLY C 262 -20.73 -2.63 0.32
N TYR C 263 -20.54 -2.46 -0.99
CA TYR C 263 -19.90 -1.26 -1.54
C TYR C 263 -20.52 -0.03 -0.90
N LEU C 264 -21.84 -0.07 -0.73
CA LEU C 264 -22.63 1.03 -0.21
C LEU C 264 -22.32 1.40 1.23
N LYS C 265 -22.11 0.37 2.05
CA LYS C 265 -21.87 0.60 3.46
C LYS C 265 -20.47 1.14 3.68
N LYS C 266 -19.59 0.88 2.73
CA LYS C 266 -18.19 1.23 2.92
C LYS C 266 -18.00 2.73 2.91
N TYR C 267 -18.64 3.43 1.98
CA TYR C 267 -18.45 4.89 1.86
C TYR C 267 -19.70 5.68 2.28
N HIS C 268 -20.56 5.01 3.06
CA HIS C 268 -21.73 5.59 3.70
C HIS C 268 -22.63 6.32 2.71
N ILE C 269 -22.60 5.86 1.47
CA ILE C 269 -23.50 6.34 0.43
C ILE C 269 -24.91 5.88 0.72
N ASP C 270 -25.86 6.80 0.70
CA ASP C 270 -27.25 6.43 0.93
C ASP C 270 -27.94 6.15 -0.40
N LEU C 271 -28.45 4.94 -0.58
CA LEU C 271 -29.12 4.57 -1.82
C LEU C 271 -30.40 5.38 -2.01
N ASP C 272 -30.63 5.75 -3.26
CA ASP C 272 -31.90 6.30 -3.70
C ASP C 272 -33.00 5.31 -3.31
N PRO C 273 -34.06 5.80 -2.65
CA PRO C 273 -35.20 4.95 -2.26
C PRO C 273 -35.96 4.40 -3.46
N HIS C 274 -35.83 5.06 -4.61
CA HIS C 274 -36.34 4.50 -5.86
C HIS C 274 -35.58 3.21 -6.16
N PHE C 275 -34.27 3.35 -6.32
CA PHE C 275 -33.34 2.25 -6.61
C PHE C 275 -33.68 0.95 -5.89
N ASN C 276 -33.78 1.05 -4.57
CA ASN C 276 -33.90 -0.11 -3.69
C ASN C 276 -34.96 -1.12 -4.18
N ASP C 277 -36.00 -0.62 -4.83
CA ASP C 277 -37.07 -1.47 -5.32
C ASP C 277 -36.65 -2.22 -6.58
N ILE C 278 -36.01 -1.52 -7.53
CA ILE C 278 -35.76 -2.12 -8.86
C ILE C 278 -34.48 -3.00 -8.95
N LEU C 279 -33.52 -2.79 -8.06
CA LEU C 279 -32.41 -3.72 -7.92
C LEU C 279 -32.96 -5.03 -7.37
N GLY C 280 -33.13 -5.09 -6.06
CA GLY C 280 -33.73 -6.23 -5.41
C GLY C 280 -32.68 -7.24 -5.00
N GLN C 281 -32.85 -8.48 -5.48
CA GLN C 281 -31.88 -9.51 -5.22
C GLN C 281 -31.36 -10.02 -6.55
N HIS C 282 -30.04 -10.15 -6.66
CA HIS C 282 -29.41 -10.71 -7.85
C HIS C 282 -28.18 -11.47 -7.41
N SER C 283 -27.86 -12.53 -8.14
CA SER C 283 -26.71 -13.36 -7.80
C SER C 283 -25.52 -13.04 -8.69
N ARG C 284 -24.31 -13.13 -8.12
CA ARG C 284 -23.10 -12.90 -8.90
C ARG C 284 -22.95 -14.01 -9.91
N LYS C 285 -23.03 -13.65 -11.17
CA LYS C 285 -22.81 -14.61 -12.24
C LYS C 285 -21.34 -15.01 -12.33
N ARG C 286 -21.07 -16.24 -12.76
CA ARG C 286 -19.72 -16.64 -13.15
C ARG C 286 -19.38 -15.93 -14.46
N TRP C 287 -18.20 -15.33 -14.58
CA TRP C 287 -17.93 -14.55 -15.80
C TRP C 287 -17.94 -15.44 -17.01
N GLU C 288 -18.00 -16.76 -16.77
CA GLU C 288 -18.07 -17.74 -17.85
C GLU C 288 -19.51 -18.03 -18.27
N ASN C 289 -20.45 -17.27 -17.72
CA ASN C 289 -21.83 -17.25 -18.19
C ASN C 289 -21.99 -16.48 -19.50
N PHE C 290 -20.91 -15.85 -19.95
CA PHE C 290 -20.99 -15.03 -21.14
C PHE C 290 -20.28 -15.65 -22.30
N ILE C 291 -19.60 -16.76 -22.04
CA ILE C 291 -18.81 -17.38 -23.10
C ILE C 291 -19.71 -18.20 -24.05
N HIS C 292 -19.59 -17.96 -25.36
CA HIS C 292 -20.25 -18.82 -26.34
C HIS C 292 -19.33 -19.11 -27.53
N SER C 293 -19.85 -19.89 -28.47
CA SER C 293 -19.03 -20.35 -29.60
C SER C 293 -18.29 -19.24 -30.34
N GLU C 294 -18.90 -18.06 -30.47
CA GLU C 294 -18.29 -17.02 -31.28
C GLU C 294 -17.19 -16.28 -30.54
N ASN C 295 -17.16 -16.41 -29.21
CA ASN C 295 -16.09 -15.80 -28.42
C ASN C 295 -15.20 -16.82 -27.65
N ARG C 296 -15.45 -18.11 -27.83
CA ARG C 296 -14.67 -19.17 -27.18
C ARG C 296 -13.18 -18.91 -27.28
N HIS C 297 -12.73 -18.48 -28.46
CA HIS C 297 -11.32 -18.32 -28.70
C HIS C 297 -10.75 -17.11 -27.99
N LEU C 298 -11.59 -16.13 -27.67
CA LEU C 298 -11.08 -14.87 -27.13
C LEU C 298 -11.14 -14.76 -25.61
N VAL C 299 -12.00 -15.55 -24.98
CA VAL C 299 -12.00 -15.63 -23.53
C VAL C 299 -10.95 -16.64 -23.06
N SER C 300 -10.45 -16.43 -21.83
CA SER C 300 -9.33 -17.20 -21.28
C SER C 300 -9.25 -16.97 -19.79
N PRO C 301 -8.93 -18.02 -19.01
CA PRO C 301 -9.00 -17.92 -17.55
C PRO C 301 -8.18 -16.76 -16.93
N GLU C 302 -7.22 -16.21 -17.67
CA GLU C 302 -6.46 -15.03 -17.21
C GLU C 302 -7.24 -13.75 -17.47
N ALA C 303 -7.81 -13.64 -18.68
CA ALA C 303 -8.75 -12.59 -19.06
C ALA C 303 -9.82 -12.46 -18.00
N LEU C 304 -10.40 -13.57 -17.63
CA LEU C 304 -11.45 -13.57 -16.65
C LEU C 304 -10.92 -13.21 -15.28
N ASP C 305 -9.64 -13.43 -15.04
CA ASP C 305 -9.07 -13.10 -13.73
C ASP C 305 -8.89 -11.59 -13.58
N LEU C 306 -8.20 -11.04 -14.58
CA LEU C 306 -8.01 -9.60 -14.76
C LEU C 306 -9.34 -8.85 -14.71
N LEU C 307 -10.28 -9.33 -15.51
CA LEU C 307 -11.62 -8.78 -15.59
C LEU C 307 -12.29 -8.71 -14.22
N ASP C 308 -12.27 -9.82 -13.49
CA ASP C 308 -12.88 -9.93 -12.18
C ASP C 308 -12.25 -8.98 -11.20
N LYS C 309 -11.01 -8.59 -11.48
CA LYS C 309 -10.24 -7.71 -10.62
C LYS C 309 -10.44 -6.25 -11.01
N LEU C 310 -10.75 -6.04 -12.28
CA LEU C 310 -11.05 -4.73 -12.85
C LEU C 310 -12.47 -4.19 -12.62
N LEU C 311 -13.49 -5.00 -12.93
CA LEU C 311 -14.88 -4.63 -12.64
C LEU C 311 -15.29 -5.14 -11.29
N ARG C 312 -14.84 -4.44 -10.25
CA ARG C 312 -15.37 -4.57 -8.90
C ARG C 312 -16.18 -3.32 -8.58
N TYR C 313 -17.20 -3.44 -7.74
CA TYR C 313 -17.96 -2.25 -7.36
C TYR C 313 -17.03 -1.30 -6.66
N ASP C 314 -16.33 -1.84 -5.67
CA ASP C 314 -15.44 -1.05 -4.84
C ASP C 314 -14.30 -0.50 -5.64
N HIS C 315 -14.29 0.81 -5.82
CA HIS C 315 -13.26 1.46 -6.58
C HIS C 315 -11.88 1.36 -5.94
N GLN C 316 -11.85 1.23 -4.62
CA GLN C 316 -10.58 1.19 -3.89
C GLN C 316 -9.85 -0.09 -4.19
N GLN C 317 -10.63 -1.14 -4.42
CA GLN C 317 -10.14 -2.51 -4.47
C GLN C 317 -9.84 -2.89 -5.88
N ARG C 318 -10.11 -1.97 -6.81
CA ARG C 318 -9.87 -2.17 -8.24
C ARG C 318 -8.35 -2.29 -8.54
N LEU C 319 -8.03 -2.76 -9.75
CA LEU C 319 -6.64 -2.82 -10.13
C LEU C 319 -6.16 -1.45 -10.60
N THR C 320 -4.88 -1.16 -10.39
CA THR C 320 -4.30 0.10 -10.81
C THR C 320 -3.82 -0.10 -12.22
N ALA C 321 -3.36 0.93 -12.92
CA ALA C 321 -2.95 0.62 -14.29
C ALA C 321 -1.63 -0.19 -14.30
N LYS C 322 -0.74 0.08 -13.36
CA LYS C 322 0.51 -0.70 -13.29
C LYS C 322 0.21 -2.14 -12.89
N GLU C 323 -0.67 -2.31 -11.89
CA GLU C 323 -0.98 -3.62 -11.33
C GLU C 323 -1.59 -4.52 -12.36
N ALA C 324 -2.09 -3.93 -13.45
CA ALA C 324 -2.76 -4.70 -14.47
C ALA C 324 -1.80 -5.15 -15.55
N MET C 325 -0.78 -4.34 -15.82
CA MET C 325 0.24 -4.70 -16.83
C MET C 325 1.00 -5.92 -16.35
N GLU C 326 1.03 -6.11 -15.03
CA GLU C 326 1.75 -7.20 -14.44
C GLU C 326 0.87 -8.44 -14.37
N HIS C 327 -0.36 -8.30 -14.84
CA HIS C 327 -1.27 -9.45 -14.83
C HIS C 327 -0.87 -10.50 -15.87
N PRO C 328 -0.98 -11.77 -15.50
CA PRO C 328 -0.84 -12.90 -16.40
C PRO C 328 -1.32 -12.64 -17.84
N TYR C 329 -2.42 -11.91 -18.01
CA TYR C 329 -3.09 -11.76 -19.32
C TYR C 329 -2.19 -11.09 -20.37
N PHE C 330 -1.21 -10.31 -19.93
CA PHE C 330 -0.41 -9.59 -20.88
C PHE C 330 0.92 -10.28 -21.07
N TYR C 331 1.06 -11.44 -20.42
CA TYR C 331 2.31 -12.18 -20.48
C TYR C 331 2.69 -12.45 -21.93
N PRO C 332 1.75 -12.95 -22.76
CA PRO C 332 2.12 -13.12 -24.18
C PRO C 332 2.64 -11.83 -24.84
N VAL C 333 2.20 -10.67 -24.38
CA VAL C 333 2.55 -9.37 -24.97
C VAL C 333 3.98 -8.96 -24.62
N VAL C 334 4.35 -9.14 -23.36
CA VAL C 334 5.68 -8.76 -22.87
C VAL C 334 6.77 -9.72 -23.32
N LYS C 335 6.39 -10.94 -23.70
CA LYS C 335 7.34 -11.91 -24.21
C LYS C 335 7.72 -11.48 -25.60
N GLU C 336 6.75 -10.92 -26.31
CA GLU C 336 6.97 -10.40 -27.66
C GLU C 336 7.29 -8.91 -27.59
N GLN C 337 7.70 -8.46 -26.39
CA GLN C 337 8.01 -7.06 -26.09
C GLN C 337 6.77 -6.16 -26.09
N SER D 13 37.26 -23.84 24.48
CA SER D 13 37.75 -24.74 23.44
C SER D 13 38.86 -24.08 22.65
N ARG D 14 39.71 -24.94 22.07
CA ARG D 14 41.05 -24.59 21.67
C ARG D 14 41.51 -25.61 20.65
N ALA D 15 42.46 -25.23 19.81
CA ALA D 15 42.99 -26.17 18.83
C ALA D 15 43.97 -27.20 19.45
N ARG D 16 44.06 -28.37 18.82
CA ARG D 16 45.01 -29.43 19.13
C ARG D 16 46.42 -29.10 18.58
N VAL D 17 46.44 -28.30 17.50
CA VAL D 17 47.69 -27.82 16.86
C VAL D 17 47.61 -26.33 16.67
N TYR D 18 48.78 -25.68 16.65
CA TYR D 18 48.94 -24.29 16.22
C TYR D 18 48.04 -23.37 16.97
N ALA D 19 47.88 -23.62 18.26
CA ALA D 19 46.98 -22.80 19.06
C ALA D 19 47.43 -21.31 19.11
N GLU D 20 48.66 -21.07 19.53
CA GLU D 20 49.08 -19.72 19.78
C GLU D 20 50.00 -19.16 18.66
N VAL D 21 49.84 -19.64 17.43
CA VAL D 21 50.80 -19.32 16.32
C VAL D 21 50.80 -17.89 15.87
N ASN D 22 49.64 -17.25 15.97
CA ASN D 22 49.51 -15.88 15.55
C ASN D 22 50.04 -14.96 16.64
N SER D 23 49.79 -15.30 17.90
CA SER D 23 50.43 -14.61 19.04
C SER D 23 51.91 -14.30 18.78
N LEU D 24 52.65 -15.31 18.37
CA LEU D 24 54.09 -15.23 18.34
C LEU D 24 54.60 -14.53 17.10
N ARG D 25 53.65 -13.99 16.32
CA ARG D 25 53.95 -13.15 15.14
C ARG D 25 53.58 -11.65 15.32
N SER D 26 54.17 -10.84 14.47
CA SER D 26 53.99 -9.40 14.49
C SER D 26 52.52 -9.02 14.26
N ARG D 27 52.00 -8.02 14.95
CA ARG D 27 50.57 -7.70 14.86
C ARG D 27 50.20 -7.33 13.42
N GLU D 28 51.21 -6.89 12.68
CA GLU D 28 51.04 -6.55 11.28
C GLU D 28 50.63 -7.77 10.45
N TYR D 29 50.86 -8.98 10.97
CA TYR D 29 50.53 -10.23 10.28
C TYR D 29 49.06 -10.58 10.30
N TRP D 30 48.38 -10.37 11.40
CA TRP D 30 47.01 -10.86 11.49
C TRP D 30 45.97 -9.75 11.63
N ASP D 31 46.45 -8.52 11.75
CA ASP D 31 45.59 -7.37 11.78
C ASP D 31 45.40 -6.87 10.37
N TYR D 32 44.73 -7.67 9.54
CA TYR D 32 44.57 -7.37 8.11
C TYR D 32 43.96 -5.99 7.85
N GLU D 33 43.05 -5.56 8.72
CA GLU D 33 42.39 -4.25 8.57
C GLU D 33 43.39 -3.08 8.52
N ALA D 34 44.61 -3.33 8.99
CA ALA D 34 45.71 -2.38 8.95
C ALA D 34 46.41 -2.41 7.58
N HIS D 35 46.16 -3.45 6.80
CA HIS D 35 46.86 -3.66 5.54
C HIS D 35 46.32 -2.70 4.50
N VAL D 36 47.19 -2.13 3.69
CA VAL D 36 46.68 -1.26 2.63
C VAL D 36 47.21 -1.73 1.29
N PRO D 37 46.30 -2.13 0.40
CA PRO D 37 46.82 -2.77 -0.80
C PRO D 37 47.36 -1.74 -1.81
N SER D 38 48.23 -2.20 -2.69
CA SER D 38 48.71 -1.36 -3.78
C SER D 38 47.95 -1.72 -5.02
N TRP D 39 46.94 -0.92 -5.31
CA TRP D 39 46.09 -1.19 -6.44
C TRP D 39 46.76 -0.84 -7.74
N GLY D 40 46.48 -1.64 -8.76
CA GLY D 40 47.13 -1.50 -10.05
C GLY D 40 46.16 -1.10 -11.15
N ASN D 41 46.37 -1.63 -12.34
CA ASN D 41 45.44 -1.33 -13.40
C ASN D 41 45.02 -2.63 -14.06
N GLN D 42 43.71 -2.84 -14.12
CA GLN D 42 43.13 -4.06 -14.66
C GLN D 42 43.08 -4.04 -16.20
N ASP D 43 43.41 -2.89 -16.78
CA ASP D 43 43.46 -2.72 -18.23
C ASP D 43 44.65 -3.48 -18.86
N ASP D 44 45.75 -3.50 -18.12
CA ASP D 44 46.96 -4.22 -18.48
C ASP D 44 46.67 -5.70 -18.80
N TYR D 45 45.74 -6.27 -18.05
CA TYR D 45 45.30 -7.65 -18.26
C TYR D 45 44.09 -7.66 -19.19
N GLN D 46 44.24 -8.31 -20.35
CA GLN D 46 43.13 -8.40 -21.30
C GLN D 46 42.30 -9.67 -21.07
N LEU D 47 41.05 -9.45 -20.71
CA LEU D 47 40.08 -10.53 -20.51
C LEU D 47 39.99 -11.49 -21.68
N VAL D 48 40.10 -12.79 -21.40
CA VAL D 48 40.01 -13.79 -22.45
C VAL D 48 38.68 -14.57 -22.34
N ARG D 49 38.53 -15.43 -21.34
CA ARG D 49 37.28 -16.18 -21.14
C ARG D 49 36.75 -16.00 -19.73
N LYS D 50 35.55 -16.52 -19.51
CA LYS D 50 34.91 -16.46 -18.21
C LYS D 50 35.00 -17.80 -17.49
N LEU D 51 34.84 -17.78 -16.16
CA LEU D 51 34.61 -19.01 -15.36
C LEU D 51 33.52 -18.78 -14.32
N GLY D 52 33.05 -19.85 -13.68
CA GLY D 52 32.00 -19.76 -12.68
C GLY D 52 30.70 -19.15 -13.19
N VAL D 59 35.14 -13.55 -12.04
CA VAL D 59 36.33 -14.37 -12.31
C VAL D 59 36.53 -14.72 -13.78
N PHE D 60 37.58 -14.16 -14.40
CA PHE D 60 37.80 -14.37 -15.82
C PHE D 60 39.18 -14.91 -16.17
N GLU D 61 39.38 -15.19 -17.45
CA GLU D 61 40.72 -15.43 -17.97
C GLU D 61 41.33 -14.09 -18.37
N ALA D 62 42.62 -14.10 -18.65
CA ALA D 62 43.33 -12.87 -19.00
C ALA D 62 44.70 -13.21 -19.53
N ILE D 63 45.27 -12.29 -20.29
CA ILE D 63 46.60 -12.51 -20.83
C ILE D 63 47.66 -11.57 -20.26
N ASN D 64 48.66 -12.20 -19.65
CA ASN D 64 49.88 -11.55 -19.19
C ASN D 64 50.87 -12.62 -18.73
N ASN D 67 54.09 -9.35 -20.65
CA ASN D 67 52.87 -10.12 -20.85
C ASN D 67 53.16 -11.51 -21.36
N ASN D 68 52.07 -12.18 -21.77
CA ASN D 68 52.07 -13.49 -22.42
C ASN D 68 52.14 -14.70 -21.44
N GLU D 69 52.66 -14.51 -20.22
CA GLU D 69 52.91 -15.60 -19.22
C GLU D 69 51.73 -16.58 -19.03
N ARG D 70 50.59 -16.01 -18.56
CA ARG D 70 49.22 -16.59 -18.47
C ARG D 70 48.66 -16.58 -17.04
N VAL D 71 47.52 -15.91 -16.87
CA VAL D 71 46.95 -15.65 -15.55
C VAL D 71 45.44 -15.80 -15.49
N VAL D 72 44.88 -15.50 -14.32
CA VAL D 72 43.44 -15.51 -14.10
C VAL D 72 43.07 -14.34 -13.21
N VAL D 73 42.02 -13.62 -13.57
CA VAL D 73 41.57 -12.48 -12.80
C VAL D 73 40.22 -12.74 -12.16
N LYS D 74 40.08 -12.37 -10.91
CA LYS D 74 38.80 -12.47 -10.24
C LYS D 74 38.40 -11.08 -9.76
N ILE D 75 37.20 -10.64 -10.14
CA ILE D 75 36.74 -9.33 -9.75
C ILE D 75 35.84 -9.43 -8.54
N LEU D 76 36.01 -8.54 -7.56
CA LEU D 76 35.13 -8.52 -6.40
C LEU D 76 33.99 -7.49 -6.56
N LYS D 80 31.83 -5.73 2.22
CA LYS D 80 32.40 -4.42 2.49
C LYS D 80 33.93 -4.45 2.46
N LYS D 81 34.52 -3.25 2.52
CA LYS D 81 35.96 -3.02 2.40
C LYS D 81 36.82 -3.94 3.24
N LYS D 82 36.52 -3.98 4.54
CA LYS D 82 37.28 -4.74 5.53
C LYS D 82 37.46 -6.20 5.11
N LYS D 83 36.46 -6.76 4.44
CA LYS D 83 36.56 -8.11 3.92
C LYS D 83 37.65 -8.26 2.84
N ILE D 84 37.92 -7.21 2.11
CA ILE D 84 38.86 -7.30 0.99
C ILE D 84 40.30 -7.37 1.45
N LYS D 85 40.61 -6.67 2.54
CA LYS D 85 41.96 -6.74 3.09
C LYS D 85 42.15 -8.10 3.71
N ARG D 86 41.08 -8.67 4.25
CA ARG D 86 41.19 -9.96 4.89
C ARG D 86 41.73 -10.96 3.91
N GLU D 87 41.23 -10.96 2.69
CA GLU D 87 41.66 -11.96 1.72
C GLU D 87 43.05 -11.68 1.17
N VAL D 88 43.31 -10.43 0.76
CA VAL D 88 44.63 -10.04 0.29
C VAL D 88 45.72 -10.49 1.25
N LYS D 89 45.54 -10.12 2.52
CA LYS D 89 46.55 -10.32 3.56
C LYS D 89 46.80 -11.81 3.78
N ILE D 90 45.72 -12.55 3.94
CA ILE D 90 45.79 -14.00 4.01
C ILE D 90 46.48 -14.56 2.75
N LEU D 91 46.14 -14.00 1.58
CA LEU D 91 46.71 -14.56 0.36
C LEU D 91 48.16 -14.20 0.20
N GLU D 92 48.54 -13.05 0.76
CA GLU D 92 49.95 -12.63 0.71
C GLU D 92 50.74 -13.35 1.79
N ASN D 93 50.18 -13.41 3.00
CA ASN D 93 50.63 -14.36 4.02
C ASN D 93 50.81 -15.82 3.55
N LEU D 94 50.05 -16.27 2.56
CA LEU D 94 50.14 -17.66 2.14
C LEU D 94 50.87 -17.85 0.83
N ARG D 95 51.44 -16.78 0.29
CA ARG D 95 52.29 -16.90 -0.90
C ARG D 95 53.49 -17.78 -0.57
N GLY D 96 53.75 -18.77 -1.42
CA GLY D 96 54.83 -19.69 -1.15
C GLY D 96 54.36 -20.87 -0.34
N GLY D 97 53.06 -20.94 -0.09
CA GLY D 97 52.46 -22.13 0.49
C GLY D 97 52.21 -23.13 -0.61
N THR D 98 52.75 -24.33 -0.46
CA THR D 98 52.69 -25.31 -1.54
C THR D 98 51.27 -25.84 -1.76
N ASN D 99 50.87 -25.83 -3.04
CA ASN D 99 49.52 -26.19 -3.52
C ASN D 99 48.50 -25.13 -3.17
N ILE D 100 48.98 -23.98 -2.74
CA ILE D 100 48.10 -22.84 -2.47
C ILE D 100 48.17 -21.88 -3.65
N ILE D 101 47.02 -21.38 -4.06
CA ILE D 101 46.98 -20.54 -5.24
C ILE D 101 47.88 -19.33 -5.04
N LYS D 102 48.39 -18.79 -6.13
CA LYS D 102 49.36 -17.72 -6.03
C LYS D 102 48.73 -16.41 -6.45
N LEU D 103 48.72 -15.47 -5.52
CA LEU D 103 48.30 -14.13 -5.84
C LEU D 103 49.47 -13.48 -6.53
N ILE D 104 49.21 -12.90 -7.70
CA ILE D 104 50.25 -12.30 -8.51
C ILE D 104 50.19 -10.79 -8.40
N ASP D 105 49.01 -10.27 -8.08
CA ASP D 105 48.80 -8.83 -8.00
C ASP D 105 47.36 -8.48 -7.60
N THR D 106 47.15 -7.26 -7.14
CA THR D 106 45.82 -6.72 -6.93
C THR D 106 45.69 -5.57 -7.90
N VAL D 107 44.56 -5.46 -8.57
CA VAL D 107 44.35 -4.43 -9.58
C VAL D 107 43.01 -3.70 -9.45
N LYS D 108 42.82 -2.72 -10.32
CA LYS D 108 41.63 -1.88 -10.35
C LYS D 108 41.35 -1.54 -11.81
N ASP D 109 40.08 -1.34 -12.14
CA ASP D 109 39.75 -0.97 -13.52
C ASP D 109 39.78 0.54 -13.62
N PRO D 110 40.39 1.06 -14.69
CA PRO D 110 40.59 2.51 -14.85
C PRO D 110 39.30 3.33 -14.71
N VAL D 111 38.25 2.92 -15.41
CA VAL D 111 36.99 3.64 -15.40
C VAL D 111 36.02 3.16 -14.33
N SER D 112 36.00 1.86 -14.09
CA SER D 112 35.05 1.29 -13.13
C SER D 112 35.56 1.44 -11.69
N LYS D 113 36.87 1.62 -11.56
CA LYS D 113 37.60 1.69 -10.29
C LYS D 113 37.13 0.68 -9.21
N THR D 114 37.16 -0.61 -9.54
CA THR D 114 36.80 -1.66 -8.58
C THR D 114 37.94 -2.64 -8.34
N PRO D 115 38.05 -3.18 -7.12
CA PRO D 115 39.15 -4.10 -6.80
C PRO D 115 39.01 -5.43 -7.51
N ALA D 116 40.13 -6.03 -7.88
CA ALA D 116 40.15 -7.32 -8.54
C ALA D 116 41.45 -8.05 -8.22
N LEU D 117 41.44 -9.39 -8.20
CA LEU D 117 42.64 -10.14 -7.80
C LEU D 117 43.16 -10.98 -8.95
N VAL D 118 44.49 -11.03 -9.06
CA VAL D 118 45.18 -11.71 -10.15
C VAL D 118 45.87 -12.94 -9.62
N PHE D 119 45.60 -14.10 -10.22
CA PHE D 119 46.22 -15.36 -9.80
C PHE D 119 46.95 -16.02 -10.93
N GLU D 120 47.76 -17.03 -10.61
CA GLU D 120 48.31 -17.97 -11.59
C GLU D 120 47.15 -18.67 -12.31
N TYR D 121 47.38 -19.20 -13.50
CA TYR D 121 46.32 -19.97 -14.16
C TYR D 121 46.55 -21.46 -13.95
N ILE D 122 45.48 -22.18 -13.62
CA ILE D 122 45.52 -23.62 -13.48
C ILE D 122 44.40 -24.27 -14.26
N ASN D 123 44.72 -25.03 -15.31
CA ASN D 123 43.68 -25.79 -15.99
C ASN D 123 42.98 -26.80 -15.06
N ASN D 124 41.72 -26.51 -14.73
CA ASN D 124 40.88 -27.42 -13.95
C ASN D 124 40.15 -28.44 -14.82
N THR D 125 40.12 -29.69 -14.35
CA THR D 125 39.15 -30.67 -14.82
C THR D 125 38.06 -30.71 -13.75
N ASP D 126 36.81 -30.48 -14.14
CA ASP D 126 35.78 -30.30 -13.12
C ASP D 126 35.63 -31.58 -12.32
N PHE D 127 35.41 -31.42 -11.02
CA PHE D 127 35.36 -32.55 -10.09
C PHE D 127 34.30 -33.54 -10.51
N LYS D 128 33.15 -33.03 -10.93
CA LYS D 128 32.04 -33.89 -11.32
C LYS D 128 32.43 -34.93 -12.39
N GLN D 129 33.42 -34.59 -13.21
CA GLN D 129 33.86 -35.52 -14.24
C GLN D 129 35.19 -36.17 -13.87
N LEU D 130 36.09 -35.36 -13.31
CA LEU D 130 37.39 -35.86 -12.87
C LEU D 130 37.29 -36.82 -11.70
N TYR D 131 36.30 -36.65 -10.84
CA TYR D 131 36.16 -37.54 -9.69
C TYR D 131 35.75 -38.97 -10.10
N GLN D 132 35.28 -39.14 -11.33
CA GLN D 132 34.83 -40.46 -11.80
C GLN D 132 35.85 -41.12 -12.75
N ILE D 133 37.04 -40.54 -12.86
CA ILE D 133 38.10 -41.08 -13.68
C ILE D 133 39.33 -41.30 -12.79
N LEU D 134 39.08 -41.56 -11.51
CA LEU D 134 40.17 -41.65 -10.55
C LEU D 134 40.43 -43.09 -10.08
N THR D 135 41.70 -43.47 -10.06
CA THR D 135 42.04 -44.75 -9.47
C THR D 135 42.31 -44.57 -7.97
N ASP D 136 42.13 -45.64 -7.20
CA ASP D 136 42.29 -45.63 -5.75
C ASP D 136 43.54 -44.87 -5.34
N PHE D 137 44.64 -45.06 -6.06
CA PHE D 137 45.86 -44.32 -5.76
C PHE D 137 45.77 -42.86 -6.18
N ASP D 138 45.09 -42.59 -7.29
CA ASP D 138 44.88 -41.20 -7.74
C ASP D 138 44.33 -40.36 -6.62
N ILE D 139 43.44 -40.95 -5.84
CA ILE D 139 42.74 -40.23 -4.80
C ILE D 139 43.61 -39.99 -3.59
N ARG D 140 44.36 -41.00 -3.16
CA ARG D 140 45.35 -40.83 -2.10
C ARG D 140 46.30 -39.70 -2.44
N PHE D 141 46.69 -39.63 -3.71
CA PHE D 141 47.60 -38.59 -4.19
C PHE D 141 47.08 -37.18 -3.92
N TYR D 142 45.88 -36.94 -4.46
CA TYR D 142 45.27 -35.63 -4.45
C TYR D 142 44.80 -35.23 -3.08
N MET D 143 44.46 -36.22 -2.27
CA MET D 143 44.05 -35.90 -0.93
C MET D 143 45.29 -35.59 -0.13
N TYR D 144 46.41 -36.24 -0.46
CA TYR D 144 47.69 -35.90 0.16
C TYR D 144 48.05 -34.42 -0.14
N GLU D 145 48.11 -34.08 -1.42
CA GLU D 145 48.41 -32.71 -1.82
C GLU D 145 47.49 -31.70 -1.12
N LEU D 146 46.20 -32.02 -1.04
CA LEU D 146 45.21 -31.11 -0.47
C LEU D 146 45.44 -30.87 1.03
N LEU D 147 45.85 -31.92 1.73
CA LEU D 147 46.20 -31.78 3.15
C LEU D 147 47.44 -30.86 3.32
N LYS D 148 48.42 -31.01 2.43
CA LYS D 148 49.62 -30.17 2.47
C LYS D 148 49.31 -28.67 2.33
N ALA D 149 48.15 -28.37 1.77
CA ALA D 149 47.60 -27.03 1.75
C ALA D 149 47.02 -26.73 3.11
N LEU D 150 46.07 -27.55 3.53
CA LEU D 150 45.42 -27.39 4.84
C LEU D 150 46.42 -27.23 5.98
N ASP D 151 47.31 -28.20 6.06
CA ASP D 151 48.37 -28.20 7.03
C ASP D 151 49.14 -26.91 7.03
N TYR D 152 49.51 -26.46 5.85
CA TYR D 152 50.36 -25.30 5.69
C TYR D 152 49.69 -24.06 6.29
N CYS D 153 48.41 -23.85 6.01
CA CYS D 153 47.78 -22.58 6.34
C CYS D 153 47.41 -22.53 7.80
N HIS D 154 47.13 -23.71 8.35
CA HIS D 154 46.88 -23.89 9.78
C HIS D 154 48.15 -23.56 10.56
N SER D 155 49.30 -23.90 9.96
CA SER D 155 50.63 -23.64 10.51
C SER D 155 50.90 -22.16 10.45
N LYS D 156 50.19 -21.51 9.53
CA LYS D 156 50.27 -20.08 9.38
C LYS D 156 49.10 -19.39 10.09
N GLY D 157 48.35 -20.16 10.88
CA GLY D 157 47.28 -19.60 11.68
C GLY D 157 46.04 -19.14 10.90
N ILE D 158 45.90 -19.69 9.70
CA ILE D 158 44.74 -19.43 8.85
C ILE D 158 43.86 -20.68 8.62
N MET D 159 42.54 -20.50 8.74
CA MET D 159 41.59 -21.56 8.38
C MET D 159 40.81 -21.20 7.14
N HIS D 160 40.82 -22.10 6.17
CA HIS D 160 40.18 -21.86 4.89
C HIS D 160 38.68 -21.61 5.04
N ARG D 161 37.99 -22.55 5.72
CA ARG D 161 36.55 -22.54 6.07
C ARG D 161 35.60 -22.77 4.88
N ASP D 162 36.11 -22.93 3.65
CA ASP D 162 35.19 -23.18 2.54
C ASP D 162 35.81 -24.21 1.63
N VAL D 163 36.29 -25.27 2.28
CA VAL D 163 36.90 -26.36 1.57
C VAL D 163 35.83 -27.21 0.97
N LYS D 164 35.76 -27.15 -0.35
CA LYS D 164 34.84 -27.96 -1.12
C LYS D 164 35.57 -28.28 -2.41
N PRO D 165 35.13 -29.32 -3.16
CA PRO D 165 35.72 -29.74 -4.43
C PRO D 165 35.77 -28.62 -5.46
N HIS D 166 34.92 -27.63 -5.24
CA HIS D 166 34.78 -26.50 -6.13
C HIS D 166 36.00 -25.62 -6.05
N ASN D 167 36.48 -25.37 -4.84
CA ASN D 167 37.64 -24.50 -4.66
C ASN D 167 38.96 -25.27 -4.60
N VAL D 168 38.97 -26.47 -5.18
CA VAL D 168 40.20 -27.25 -5.34
C VAL D 168 40.47 -27.50 -6.83
N MET D 169 41.56 -26.93 -7.34
CA MET D 169 41.84 -27.03 -8.76
C MET D 169 42.84 -28.12 -9.01
N ILE D 170 42.56 -28.94 -10.02
CA ILE D 170 43.44 -30.05 -10.38
C ILE D 170 43.75 -30.05 -11.88
N ASP D 171 45.03 -29.89 -12.21
CA ASP D 171 45.49 -30.11 -13.56
C ASP D 171 46.00 -31.56 -13.64
N HIS D 172 45.10 -32.48 -13.98
CA HIS D 172 45.33 -33.93 -13.81
C HIS D 172 46.54 -34.43 -14.58
N GLN D 173 46.79 -33.78 -15.71
CA GLN D 173 47.84 -34.17 -16.64
C GLN D 173 49.22 -34.07 -15.99
N GLN D 174 49.57 -32.89 -15.51
CA GLN D 174 50.83 -32.71 -14.80
C GLN D 174 50.64 -32.84 -13.28
N LYS D 175 49.50 -33.43 -12.89
CA LYS D 175 49.12 -33.60 -11.49
C LYS D 175 49.45 -32.42 -10.58
N LYS D 176 48.91 -31.26 -10.90
CA LYS D 176 49.03 -30.06 -10.06
C LYS D 176 47.74 -29.83 -9.27
N LEU D 177 47.88 -29.42 -8.01
CA LEU D 177 46.72 -29.10 -7.19
C LEU D 177 46.81 -27.71 -6.56
N ARG D 178 45.72 -26.97 -6.60
CA ARG D 178 45.73 -25.61 -6.05
C ARG D 178 44.44 -25.33 -5.27
N LEU D 179 44.54 -25.31 -3.95
CA LEU D 179 43.43 -24.85 -3.15
C LEU D 179 43.22 -23.38 -3.50
N ILE D 180 41.95 -22.94 -3.60
CA ILE D 180 41.64 -21.55 -3.96
C ILE D 180 40.52 -20.93 -3.12
N ASP D 181 40.09 -19.75 -3.54
CA ASP D 181 38.94 -19.05 -2.96
C ASP D 181 39.03 -18.86 -1.45
N TRP D 182 39.98 -18.03 -1.04
CA TRP D 182 40.27 -17.77 0.36
C TRP D 182 39.42 -16.59 0.90
N GLY D 183 38.37 -16.23 0.14
CA GLY D 183 37.51 -15.12 0.50
C GLY D 183 36.84 -15.28 1.85
N LEU D 184 36.69 -16.52 2.31
CA LEU D 184 35.92 -16.80 3.52
C LEU D 184 36.79 -17.09 4.72
N ALA D 185 38.09 -17.28 4.47
CA ALA D 185 39.13 -17.57 5.46
C ALA D 185 39.40 -16.48 6.52
N GLU D 186 39.69 -16.92 7.75
CA GLU D 186 40.10 -16.05 8.87
C GLU D 186 41.51 -16.29 9.41
N PHE D 187 41.78 -15.70 10.58
CA PHE D 187 42.98 -15.94 11.37
C PHE D 187 42.60 -16.68 12.63
N TYR D 188 43.34 -17.69 13.08
CA TYR D 188 42.87 -18.35 14.28
C TYR D 188 43.45 -17.70 15.49
N HIS D 189 42.59 -16.99 16.20
CA HIS D 189 42.90 -16.52 17.51
C HIS D 189 42.11 -17.36 18.48
N PRO D 190 42.80 -17.93 19.47
CA PRO D 190 42.16 -18.77 20.47
C PRO D 190 41.01 -18.07 21.14
N ALA D 191 39.88 -18.75 21.17
CA ALA D 191 38.68 -18.33 21.88
C ALA D 191 37.98 -17.17 21.20
N GLN D 192 38.35 -16.94 19.95
CA GLN D 192 37.61 -16.01 19.11
C GLN D 192 36.30 -16.69 18.71
N GLU D 193 35.21 -15.93 18.71
CA GLU D 193 33.93 -16.42 18.23
C GLU D 193 33.78 -16.03 16.77
N TYR D 194 33.59 -17.01 15.90
CA TYR D 194 33.51 -16.76 14.45
C TYR D 194 32.09 -16.91 13.97
N ASN D 195 31.77 -16.28 12.85
CA ASN D 195 30.44 -16.45 12.33
C ASN D 195 30.30 -17.90 11.96
N VAL D 196 29.18 -18.53 12.32
CA VAL D 196 28.99 -19.94 11.99
C VAL D 196 28.42 -20.06 10.59
N ARG D 197 28.13 -18.94 9.97
CA ARG D 197 27.60 -18.96 8.62
C ARG D 197 28.75 -18.97 7.63
N VAL D 198 29.41 -20.11 7.49
CA VAL D 198 30.58 -20.20 6.62
C VAL D 198 30.63 -21.58 5.95
N ALA D 199 31.56 -21.79 5.02
CA ALA D 199 31.55 -22.98 4.17
C ALA D 199 30.19 -23.23 3.50
N SER D 200 30.10 -24.30 2.72
CA SER D 200 28.82 -24.66 2.08
C SER D 200 28.11 -25.73 2.89
N ARG D 201 26.81 -25.92 2.60
CA ARG D 201 25.94 -26.69 3.48
C ARG D 201 26.46 -28.08 3.70
N TYR D 202 26.55 -28.84 2.62
CA TYR D 202 27.06 -30.19 2.64
C TYR D 202 28.31 -30.30 3.49
N PHE D 203 29.23 -29.38 3.27
CA PHE D 203 30.54 -29.50 3.85
C PHE D 203 30.71 -28.87 5.21
N LYS D 204 29.70 -28.11 5.65
CA LYS D 204 29.66 -27.49 6.97
C LYS D 204 29.94 -28.53 8.03
N GLY D 205 30.91 -28.28 8.90
CA GLY D 205 31.12 -29.14 10.05
C GLY D 205 29.94 -29.08 11.01
N PRO D 206 29.80 -30.09 11.88
CA PRO D 206 28.65 -30.17 12.78
C PRO D 206 28.53 -28.96 13.69
N GLU D 207 29.64 -28.30 13.99
CA GLU D 207 29.70 -27.16 14.90
C GLU D 207 29.02 -25.95 14.31
N LEU D 208 29.21 -25.79 13.02
CA LEU D 208 28.52 -24.81 12.22
C LEU D 208 27.02 -25.02 12.35
N LEU D 209 26.64 -26.28 12.20
CA LEU D 209 25.24 -26.64 12.09
C LEU D 209 24.48 -26.44 13.39
N VAL D 210 25.19 -26.49 14.51
CA VAL D 210 24.52 -26.35 15.80
C VAL D 210 24.86 -25.03 16.46
N ASP D 211 25.35 -24.08 15.65
CA ASP D 211 25.81 -22.76 16.11
C ASP D 211 26.84 -22.82 17.24
N TYR D 212 28.09 -23.07 16.90
CA TYR D 212 29.17 -22.98 17.89
C TYR D 212 30.35 -22.19 17.35
N GLN D 213 30.49 -20.98 17.87
CA GLN D 213 31.45 -20.00 17.38
C GLN D 213 32.94 -20.28 17.67
N MET D 214 33.22 -20.98 18.75
CA MET D 214 34.61 -21.32 19.08
C MET D 214 35.12 -22.50 18.25
N TYR D 215 34.99 -22.41 16.92
CA TYR D 215 35.58 -23.44 16.11
C TYR D 215 36.96 -23.02 15.68
N ASP D 216 37.60 -23.83 14.82
CA ASP D 216 38.98 -23.47 14.39
C ASP D 216 39.31 -24.20 13.09
N TYR D 217 40.59 -24.57 12.97
CA TYR D 217 41.13 -25.28 11.81
C TYR D 217 40.44 -26.61 11.59
N SER D 218 40.06 -27.22 12.71
CA SER D 218 39.37 -28.52 12.70
C SER D 218 38.09 -28.48 11.88
N LEU D 219 37.56 -27.28 11.62
CA LEU D 219 36.38 -27.15 10.80
C LEU D 219 36.70 -27.61 9.38
N ASP D 220 37.91 -27.27 8.94
CA ASP D 220 38.34 -27.59 7.59
C ASP D 220 38.55 -29.08 7.53
N MET D 221 38.85 -29.66 8.69
CA MET D 221 39.16 -31.08 8.71
C MET D 221 37.93 -31.94 8.46
N TRP D 222 36.79 -31.52 9.02
CA TRP D 222 35.52 -32.16 8.72
C TRP D 222 35.14 -31.96 7.26
N SER D 223 35.48 -30.80 6.70
CA SER D 223 35.28 -30.54 5.27
C SER D 223 36.10 -31.45 4.40
N LEU D 224 37.37 -31.66 4.76
CA LEU D 224 38.20 -32.62 4.06
C LEU D 224 37.64 -34.07 4.15
N GLY D 225 37.11 -34.46 5.31
CA GLY D 225 36.56 -35.79 5.47
C GLY D 225 35.22 -35.96 4.77
N CYS D 226 34.47 -34.89 4.63
CA CYS D 226 33.29 -34.98 3.84
C CYS D 226 33.75 -35.40 2.47
N MET D 227 34.80 -34.75 2.00
CA MET D 227 35.26 -34.95 0.64
C MET D 227 35.71 -36.36 0.41
N LEU D 228 36.44 -36.93 1.38
CA LEU D 228 37.03 -38.26 1.21
C LEU D 228 35.93 -39.31 1.00
N ALA D 229 34.94 -39.26 1.87
CA ALA D 229 33.74 -40.07 1.72
C ALA D 229 33.17 -39.95 0.30
N SER D 230 32.93 -38.74 -0.19
CA SER D 230 32.50 -38.60 -1.58
C SER D 230 33.33 -39.40 -2.58
N MET D 231 34.66 -39.33 -2.42
CA MET D 231 35.59 -39.82 -3.41
C MET D 231 35.86 -41.33 -3.37
N ILE D 232 35.75 -41.95 -2.20
CA ILE D 232 35.88 -43.41 -2.14
C ILE D 232 34.53 -44.09 -2.35
N PHE D 233 33.45 -43.38 -2.00
CA PHE D 233 32.12 -43.96 -1.86
C PHE D 233 31.21 -43.57 -3.00
N ARG D 234 31.68 -42.64 -3.82
CA ARG D 234 30.96 -42.13 -5.02
C ARG D 234 29.58 -41.47 -4.78
N ARG D 235 29.33 -41.01 -3.56
CA ARG D 235 28.14 -40.25 -3.20
C ARG D 235 28.60 -38.79 -2.99
N GLU D 236 28.33 -37.91 -3.94
CA GLU D 236 28.84 -36.54 -3.88
C GLU D 236 27.71 -35.64 -4.19
N PRO D 237 27.19 -34.95 -3.20
CA PRO D 237 27.62 -34.93 -1.80
C PRO D 237 27.34 -36.24 -1.03
N PHE D 238 28.19 -36.54 -0.05
CA PHE D 238 27.96 -37.70 0.77
C PHE D 238 26.85 -37.38 1.76
N PHE D 239 27.00 -36.27 2.47
CA PHE D 239 25.97 -35.76 3.39
C PHE D 239 25.12 -34.71 2.72
N HIS D 240 23.99 -35.13 2.16
CA HIS D 240 23.19 -34.29 1.29
C HIS D 240 21.93 -33.72 1.95
N GLY D 241 22.14 -32.83 2.91
CA GLY D 241 21.05 -32.19 3.63
C GLY D 241 20.33 -31.25 2.67
N GLN D 242 19.01 -31.18 2.80
CA GLN D 242 18.26 -30.35 1.90
C GLN D 242 18.17 -28.95 2.48
N ASP D 243 18.29 -28.88 3.79
CA ASP D 243 18.29 -27.60 4.48
C ASP D 243 19.38 -27.62 5.54
N ASN D 244 19.54 -26.54 6.27
CA ASN D 244 20.57 -26.51 7.29
C ASN D 244 20.32 -27.65 8.25
N TYR D 245 19.07 -27.77 8.69
CA TYR D 245 18.65 -28.78 9.65
C TYR D 245 18.80 -30.20 9.11
N ASP D 246 18.47 -30.37 7.84
CA ASP D 246 18.57 -31.68 7.23
C ASP D 246 20.01 -32.17 7.27
N GLN D 247 20.92 -31.32 6.79
CA GLN D 247 22.36 -31.58 6.80
C GLN D 247 22.85 -32.25 8.05
N LEU D 248 22.50 -31.71 9.22
CA LEU D 248 22.84 -32.35 10.50
C LEU D 248 22.08 -33.68 10.68
N VAL D 249 20.81 -33.73 10.27
CA VAL D 249 20.04 -34.96 10.38
C VAL D 249 20.63 -36.05 9.46
N ARG D 250 21.33 -35.65 8.42
CA ARG D 250 21.90 -36.66 7.54
C ARG D 250 23.18 -37.23 8.14
N ILE D 251 23.87 -36.38 8.90
CA ILE D 251 25.07 -36.79 9.59
C ILE D 251 24.68 -37.71 10.73
N ALA D 252 23.50 -37.48 11.29
CA ALA D 252 23.08 -38.23 12.46
C ALA D 252 22.70 -39.67 12.07
N LYS D 253 22.36 -39.87 10.80
CA LYS D 253 21.96 -41.18 10.34
C LYS D 253 23.17 -42.10 10.06
N VAL D 254 24.32 -41.48 9.82
CA VAL D 254 25.56 -42.21 9.68
C VAL D 254 26.34 -42.26 10.99
N LEU D 255 26.54 -41.11 11.63
CA LEU D 255 27.44 -41.04 12.78
C LEU D 255 26.81 -41.48 14.13
N GLY D 256 25.50 -41.65 14.13
CA GLY D 256 24.81 -41.98 15.34
C GLY D 256 24.40 -40.73 16.07
N THR D 257 23.15 -40.66 16.44
CA THR D 257 22.69 -39.55 17.24
C THR D 257 23.40 -39.48 18.61
N GLU D 258 23.83 -40.61 19.11
CA GLU D 258 24.17 -40.61 20.52
C GLU D 258 25.52 -39.98 20.77
N GLU D 259 26.45 -40.08 19.82
CA GLU D 259 27.70 -39.37 20.05
C GLU D 259 27.43 -37.88 19.84
N LEU D 260 26.39 -37.56 19.07
CA LEU D 260 26.00 -36.15 18.85
C LEU D 260 25.57 -35.48 20.15
N TYR D 261 24.75 -36.18 20.92
CA TYR D 261 24.33 -35.61 22.16
C TYR D 261 25.50 -35.63 23.12
N GLY D 262 26.44 -36.56 22.88
CA GLY D 262 27.71 -36.59 23.59
C GLY D 262 28.45 -35.30 23.32
N TYR D 263 28.73 -35.07 22.04
CA TYR D 263 29.31 -33.82 21.56
C TYR D 263 28.80 -32.58 22.27
N LEU D 264 27.48 -32.42 22.28
CA LEU D 264 26.83 -31.20 22.74
C LEU D 264 26.98 -31.02 24.24
N LYS D 265 27.05 -32.14 24.95
CA LYS D 265 27.24 -32.12 26.39
C LYS D 265 28.64 -31.63 26.73
N LYS D 266 29.63 -32.07 25.96
CA LYS D 266 31.01 -31.63 26.21
C LYS D 266 31.17 -30.11 26.11
N TYR D 267 30.44 -29.46 25.21
CA TYR D 267 30.67 -28.02 24.96
C TYR D 267 29.50 -27.14 25.42
N HIS D 268 28.52 -27.78 26.04
CA HIS D 268 27.35 -27.12 26.61
C HIS D 268 26.64 -26.33 25.55
N ILE D 269 26.42 -26.98 24.43
CA ILE D 269 25.63 -26.38 23.36
C ILE D 269 24.19 -26.69 23.67
N ASP D 270 23.41 -25.65 23.90
CA ASP D 270 21.99 -25.82 24.15
C ASP D 270 21.29 -25.94 22.80
N LEU D 271 20.86 -27.16 22.49
CA LEU D 271 20.32 -27.51 21.18
C LEU D 271 18.92 -26.97 20.87
N ASP D 272 18.70 -26.56 19.62
CA ASP D 272 17.40 -26.11 19.12
C ASP D 272 16.30 -27.09 19.46
N PRO D 273 15.22 -26.59 20.09
CA PRO D 273 14.02 -27.41 20.39
C PRO D 273 13.40 -28.03 19.14
N HIS D 274 13.55 -27.38 17.99
CA HIS D 274 13.10 -27.93 16.70
C HIS D 274 13.85 -29.20 16.41
N PHE D 275 15.18 -29.09 16.33
CA PHE D 275 16.08 -30.20 16.07
C PHE D 275 15.72 -31.47 16.84
N ASN D 276 15.64 -31.35 18.16
CA ASN D 276 15.43 -32.51 19.05
C ASN D 276 14.27 -33.43 18.63
N ASP D 277 13.28 -32.87 17.93
CA ASP D 277 12.15 -33.64 17.46
C ASP D 277 12.55 -34.48 16.25
N ILE D 278 13.32 -33.90 15.33
CA ILE D 278 13.58 -34.53 14.03
C ILE D 278 14.75 -35.53 14.00
N LEU D 279 15.68 -35.41 14.93
CA LEU D 279 16.81 -36.34 15.00
C LEU D 279 16.31 -37.74 15.36
N GLY D 280 15.85 -37.90 16.59
CA GLY D 280 15.34 -39.17 17.04
C GLY D 280 16.47 -40.07 17.49
N GLN D 281 16.31 -41.37 17.25
CA GLN D 281 17.34 -42.34 17.61
C GLN D 281 18.00 -42.81 16.34
N HIS D 282 19.32 -42.91 16.37
CA HIS D 282 20.09 -43.41 15.24
C HIS D 282 21.34 -44.02 15.79
N SER D 283 21.61 -45.28 15.43
CA SER D 283 22.88 -45.89 15.81
C SER D 283 23.92 -45.64 14.71
N ARG D 284 25.21 -45.69 15.07
CA ARG D 284 26.29 -45.50 14.09
C ARG D 284 26.30 -46.61 13.06
N LYS D 285 26.27 -46.27 11.78
CA LYS D 285 26.35 -47.29 10.75
C LYS D 285 27.81 -47.72 10.51
N ARG D 286 28.04 -48.98 10.19
CA ARG D 286 29.41 -49.34 9.85
C ARG D 286 29.79 -48.60 8.61
N TRP D 287 31.00 -48.03 8.58
CA TRP D 287 31.42 -47.22 7.43
C TRP D 287 31.43 -48.09 6.18
N GLU D 288 31.35 -49.39 6.42
CA GLU D 288 31.23 -50.40 5.39
C GLU D 288 29.80 -50.48 4.84
N ASN D 289 28.86 -49.74 5.43
CA ASN D 289 27.50 -49.80 4.94
C ASN D 289 27.31 -49.07 3.60
N PHE D 290 28.39 -48.54 3.03
CA PHE D 290 28.32 -47.78 1.77
C PHE D 290 29.15 -48.38 0.65
N ILE D 291 29.77 -49.52 0.92
CA ILE D 291 30.58 -50.16 -0.10
C ILE D 291 29.68 -50.96 -1.07
N HIS D 292 29.96 -50.86 -2.36
CA HIS D 292 29.21 -51.64 -3.32
C HIS D 292 30.05 -51.97 -4.54
N SER D 293 29.44 -52.62 -5.52
CA SER D 293 30.16 -53.16 -6.68
C SER D 293 30.98 -52.11 -7.44
N GLU D 294 30.38 -50.96 -7.76
CA GLU D 294 31.04 -49.97 -8.59
C GLU D 294 31.98 -49.07 -7.78
N ASN D 295 31.96 -49.18 -6.45
CA ASN D 295 32.88 -48.35 -5.63
C ASN D 295 33.85 -49.19 -4.77
N ARG D 296 33.82 -50.49 -4.92
CA ARG D 296 34.58 -51.38 -4.05
C ARG D 296 36.07 -51.25 -4.27
N HIS D 297 36.47 -50.88 -5.48
CA HIS D 297 37.91 -50.78 -5.75
C HIS D 297 38.55 -49.60 -5.01
N LEU D 298 37.76 -48.54 -4.76
CA LEU D 298 38.28 -47.33 -4.11
C LEU D 298 38.24 -47.38 -2.59
N VAL D 299 37.52 -48.35 -2.04
CA VAL D 299 37.45 -48.46 -0.58
C VAL D 299 38.46 -49.49 -0.08
N SER D 300 38.89 -49.31 1.18
CA SER D 300 39.90 -50.14 1.81
C SER D 300 39.86 -49.95 3.33
N PRO D 301 40.32 -50.95 4.08
CA PRO D 301 40.22 -50.87 5.54
C PRO D 301 40.94 -49.67 6.12
N GLU D 302 41.91 -49.13 5.41
CA GLU D 302 42.64 -47.95 5.89
C GLU D 302 41.96 -46.64 5.45
N ALA D 303 41.30 -46.66 4.29
CA ALA D 303 40.46 -45.54 3.89
C ALA D 303 39.44 -45.33 4.99
N LEU D 304 38.90 -46.45 5.44
CA LEU D 304 37.88 -46.46 6.47
C LEU D 304 38.41 -46.08 7.86
N ASP D 305 39.71 -46.24 8.10
CA ASP D 305 40.28 -45.78 9.37
C ASP D 305 40.38 -44.25 9.37
N LEU D 306 41.02 -43.68 8.33
CA LEU D 306 41.13 -42.23 8.17
C LEU D 306 39.77 -41.57 8.38
N LEU D 307 38.81 -42.00 7.56
CA LEU D 307 37.45 -41.47 7.56
C LEU D 307 36.82 -41.46 8.97
N ASP D 308 36.82 -42.57 9.67
CA ASP D 308 36.22 -42.60 11.01
C ASP D 308 36.96 -41.65 11.99
N LYS D 309 38.17 -41.24 11.68
CA LYS D 309 38.91 -40.38 12.59
C LYS D 309 38.74 -38.92 12.19
N LEU D 310 38.39 -38.74 10.90
CA LEU D 310 38.12 -37.44 10.29
C LEU D 310 36.70 -36.93 10.51
N LEU D 311 35.71 -37.80 10.44
CA LEU D 311 34.33 -37.40 10.71
C LEU D 311 33.89 -37.76 12.11
N ARG D 312 34.14 -36.83 13.03
CA ARG D 312 33.74 -36.91 14.43
C ARG D 312 32.92 -35.66 14.77
N TYR D 313 31.94 -35.82 15.65
CA TYR D 313 31.18 -34.65 16.09
C TYR D 313 32.10 -33.68 16.82
N ASP D 314 32.96 -34.23 17.69
CA ASP D 314 33.88 -33.44 18.50
C ASP D 314 35.04 -32.96 17.67
N HIS D 315 35.09 -31.66 17.42
CA HIS D 315 36.09 -31.08 16.54
C HIS D 315 37.51 -31.32 17.04
N GLN D 316 37.66 -31.37 18.36
CA GLN D 316 38.95 -31.60 19.01
C GLN D 316 39.52 -33.01 18.79
N GLN D 317 38.67 -33.98 18.52
CA GLN D 317 39.15 -35.35 18.40
C GLN D 317 39.40 -35.72 16.96
N ARG D 318 39.34 -34.71 16.08
CA ARG D 318 39.56 -34.94 14.65
C ARG D 318 41.04 -35.02 14.35
N LEU D 319 41.39 -35.58 13.18
CA LEU D 319 42.79 -35.67 12.82
C LEU D 319 43.23 -34.29 12.39
N THR D 320 44.44 -33.89 12.77
CA THR D 320 44.98 -32.63 12.31
C THR D 320 45.39 -32.84 10.88
N ALA D 321 45.80 -31.78 10.21
CA ALA D 321 46.18 -31.98 8.83
C ALA D 321 47.46 -32.80 8.75
N LYS D 322 48.39 -32.62 9.69
CA LYS D 322 49.67 -33.36 9.71
C LYS D 322 49.44 -34.85 10.00
N GLU D 323 48.63 -35.11 11.02
CA GLU D 323 48.26 -36.46 11.47
C GLU D 323 47.81 -37.34 10.32
N ALA D 324 46.91 -36.78 9.52
CA ALA D 324 46.34 -37.42 8.35
C ALA D 324 47.41 -37.88 7.39
N MET D 325 48.43 -37.05 7.22
CA MET D 325 49.47 -37.32 6.24
C MET D 325 50.35 -38.50 6.67
N GLU D 326 50.38 -38.75 7.97
CA GLU D 326 51.16 -39.86 8.53
C GLU D 326 50.30 -41.15 8.60
N HIS D 327 49.02 -41.01 8.25
CA HIS D 327 48.10 -42.13 8.27
C HIS D 327 48.47 -43.12 7.18
N PRO D 328 48.30 -44.43 7.47
CA PRO D 328 48.50 -45.53 6.51
C PRO D 328 47.93 -45.27 5.12
N TYR D 329 46.79 -44.58 5.06
CA TYR D 329 46.08 -44.39 3.81
C TYR D 329 46.98 -43.81 2.72
N PHE D 330 47.98 -43.02 3.12
CA PHE D 330 48.83 -42.33 2.16
C PHE D 330 50.17 -42.99 2.00
N TYR D 331 50.32 -44.20 2.51
CA TYR D 331 51.61 -44.86 2.42
C TYR D 331 52.00 -45.11 0.97
N PRO D 332 51.08 -45.62 0.12
CA PRO D 332 51.48 -45.76 -1.30
C PRO D 332 52.03 -44.48 -1.95
N VAL D 333 51.60 -43.31 -1.49
CA VAL D 333 51.98 -42.04 -2.12
C VAL D 333 53.41 -41.66 -1.78
N VAL D 334 53.76 -41.80 -0.51
CA VAL D 334 55.09 -41.40 -0.03
C VAL D 334 56.18 -42.35 -0.52
N LYS D 335 55.78 -43.56 -0.89
CA LYS D 335 56.69 -44.58 -1.41
C LYS D 335 57.07 -44.23 -2.83
N GLU D 336 56.13 -43.61 -3.55
CA GLU D 336 56.36 -43.13 -4.91
C GLU D 336 56.92 -41.70 -4.92
N GLN D 337 57.05 -41.13 -3.72
CA GLN D 337 57.37 -39.71 -3.49
C GLN D 337 56.36 -38.79 -4.17
C12 E3U E . -39.10 18.88 9.27
C11 E3U E . -39.47 19.89 10.00
C10 E3U E . -42.60 18.20 9.07
C16 E3U E . -37.77 18.85 8.74
C15 E3U E . -37.34 20.96 9.76
C17 E3U E . -36.94 19.89 9.00
C14 E3U E . -38.61 21.00 10.28
C13 E3U E . -40.01 17.80 8.99
C01 E3U E . -41.92 20.03 11.29
C02 E3U E . -41.52 21.02 12.19
C03 E3U E . -43.25 19.50 11.22
C04 E3U E . -42.48 21.52 13.08
C05 E3U E . -44.20 19.99 12.12
C06 E3U E . -43.81 21.00 13.04
C07 E3U E . -40.98 19.49 10.34
C08 E3U E . -41.27 18.14 9.78
O09 E3U E . -43.60 18.38 10.15
O18 E3U E . -35.65 19.82 8.47
O19 E3U E . -36.44 22.02 10.00
O20 E3U E . -41.47 17.20 10.75
O21 E3U E . -45.53 19.50 12.12
O22 E3U E . -44.76 21.49 13.94
CL CL F . -24.61 23.39 -0.68
C12 E3U G . 11.23 -12.88 32.13
C11 E3U G . 10.52 -11.93 32.66
C10 E3U G . 8.12 -14.69 31.96
C16 E3U G . 12.57 -12.62 31.74
C15 E3U G . 12.33 -10.39 32.43
C17 E3U G . 13.08 -11.36 31.91
C14 E3U G . 11.03 -10.63 32.82
C13 E3U G . 10.65 -14.17 31.97
C01 E3U G . 7.94 -12.31 33.72
C02 E3U G . 7.94 -11.16 34.52
C03 E3U G . 6.83 -13.21 33.63
C04 E3U G . 6.79 -10.85 35.26
C05 E3U G . 5.70 -12.92 34.38
C06 E3U G . 5.68 -11.75 35.19
C07 E3U G . 9.09 -12.65 32.93
C08 E3U G . 9.30 -14.11 32.71
O09 E3U G . 6.87 -14.50 32.73
O18 E3U G . 14.40 -11.05 31.55
O19 E3U G . 12.89 -9.11 32.58
O20 E3U G . 9.36 -14.69 33.96
O21 E3U G . 4.58 -13.79 34.31
O22 E3U G . 4.52 -11.47 35.92
CL CL H . 26.22 -7.30 19.87
C12 E3U I . -10.89 14.21 -30.93
C11 E3U I . -9.61 13.95 -31.01
C10 E3U I . -11.22 11.89 -33.74
C16 E3U I . -11.35 15.03 -29.85
C15 E3U I . -9.11 15.18 -29.02
C17 E3U I . -10.44 15.49 -28.93
C14 E3U I . -8.68 14.41 -30.05
C13 E3U I . -11.79 13.68 -31.92
C01 E3U I . -8.40 12.67 -33.11
C02 E3U I . -7.12 13.14 -32.78
C03 E3U I . -8.63 11.90 -34.29
C04 E3U I . -6.06 12.82 -33.64
C05 E3U I . -7.56 11.60 -35.13
C06 E3U I . -6.27 12.05 -34.83
C07 E3U I . -9.52 13.00 -32.30
C08 E3U I . -10.84 13.17 -33.00
O09 E3U I . -10.10 11.40 -34.60
O18 E3U I . -10.93 16.23 -27.86
O19 E3U I . -8.12 15.61 -28.12
O20 E3U I . -10.79 14.18 -33.94
O21 E3U I . -7.80 10.85 -36.28
O22 E3U I . -5.20 11.75 -35.69
C12 E3U J . 39.75 -20.49 -11.23
C11 E3U J . 40.53 -19.93 -10.38
C10 E3U J . 37.03 -18.98 -9.38
C16 E3U J . 40.31 -21.22 -12.32
C15 E3U J . 42.49 -20.67 -11.56
C17 E3U J . 41.67 -21.27 -12.44
C14 E3U J . 41.95 -19.98 -10.49
C13 E3U J . 38.33 -20.39 -11.09
C01 E3U J . 39.67 -18.63 -8.09
C02 E3U J . 40.95 -18.48 -7.55
C03 E3U J . 38.50 -18.17 -7.41
C04 E3U J . 41.08 -17.86 -6.30
C05 E3U J . 38.64 -17.55 -6.17
C06 E3U J . 39.92 -17.39 -5.61
C07 E3U J . 39.48 -19.26 -9.38
C08 E3U J . 38.19 -19.94 -9.65
O09 E3U J . 37.06 -18.37 -8.04
O18 E3U J . 42.23 -21.97 -13.50
O19 E3U J . 43.87 -20.78 -11.74
O20 E3U J . 38.08 -21.10 -8.87
O21 E3U J . 37.48 -17.11 -5.50
O22 E3U J . 40.10 -16.77 -4.38
#